data_7MWF
#
_entry.id   7MWF
#
_cell.length_a   1.00
_cell.length_b   1.00
_cell.length_c   1.00
_cell.angle_alpha   90.00
_cell.angle_beta   90.00
_cell.angle_gamma   90.00
#
_symmetry.space_group_name_H-M   'P 1'
#
_entity_poly.entity_id   1
_entity_poly.type   'polypeptide(L)'
_entity_poly.pdbx_seq_one_letter_code
;MDYKDDDDKLAAANSSIDLISTSLYKKAGFKGTNSVDMKVDRTKLKKTPTEAPADCRALIDKLKVCNDEQLLLELQQIKT
WNIGKCELYHWVDLLDRFDGILADAGQTVENMSWMLVCDRPEREQLKMLLLAVLNFTALLIEYSFSRHLYSSIEHLTTLL
ASSDMQVVLAVLNLLYVFSKRSNYITRLGSDKRTPLLTRLQHLAESWGGKENGFGLAECCRDLHMMKYPPSATTLHFEFY
ADPGAEVKIEKRTTSNTLHYIHIEQLDKISESPSEIMESLTKMYSIPKDKQMLLFTHIRLAHGFSNHRKRLQAVQARLHA
ISILVYSNALQESANSILYNGLIEELVDVLQITDKQLMEIKAASLRTLTSIVHLERTPKLSSIIDCTGTASYHGFLPVLV
RNCIQAMIDPSMDPYPHQFATALFSFLYHLASYDAGGEALVSCGMMEALLKVIKFLGDEQDQITFVTRAVRVVDLITNLD
MAAFQSHSGLSIFIYRLEHEVDLCRKECPFVIKPKIQRPNTTQEGEEMETDMDGVQCIPQRAALLKSMLNFLKKAIQDPA
FSDGIRHVMDGSLPTSLKHIISNAEYYGPSLFLLATEVVTVFVFQEPSLLSSLQDNGLTDVMLHALLIKDVPATREVLGS
LPNVFSALCLNARGLQSFVQCQPFERLFKVLLSPDYLPAMRRRRSSDPLGDTASNLGSAVDELMRHQPTLKTDATTAIIK
LLEEICNLGRDPKYICQKPSIQKADGTATAPPPRSNHAAEEASSEDEEEEEVQAMQSFNSTQQNETEPNQQVVGTEERIP
IPLMDYILNVMKFVESILSNNTTDDHCQEFVNQKGLLPLVTILGLPNLPIDFPTSAACQAVAGVCKSILTLSHEPKVLQE
GLLQLDSILSSLEPLHRPIESPGGSVLLRELACAGNVADATLSAQATPLLHALTAAHAYIMMFVHTCRVGQSEIRSISVN
QWGSQLGLSVLSKLSQLYCSLVWESTVLLSLCTPNSLPSGCEFGQADMQKLVPKDEKAGTTQGGKRSDGEQDGAAGSMDA
STQGLLEGIGLDGDTLAPMETDEPTASDSKGKSKITPAMAARIKQIKPLLSASSRLGRALAELFGLLVKLCVGSPVRQRR
SHHAASTTTAPTPAARSTASALTKLLTKGLSWQPPPYTPTPRFRLTFFICSVGFTSPMLFDERKYPYHLMLQKFLCSGGH
NALFETFNWALSMGGKVPVSEGLEHSDLPDGTGEFLDAWLMLVEKMVNPTTVLESPHSLPAKLPGGVQNFPQFSALRFLV
VTQKAAFTCIKNLWNRKPLKVYGGRMAESMLAILCHILRGEPVIRERLSKEKEGSRGEEDTGQEEGGSRREPQVNQQQLQ
QLMDMGFTREHAMEALLNTSTMEQATEYLLTHPPPIMGGVVRDLSMSEEDQMMRAIAMSLGQDIPMDQRAESPEEVACRK
EEEERKAREKQEEEEAKCLEKFQDADPLEQDELHTFTDTMLPGCFHLLDELPDTVYRVCDLIMTAIKRNGADYRDMILKQ
VVNQVWEAADVLIKAALPLTTSDTKTVSEWISQMATLPQASNLATRILLLTLLFEELKLPCAWVVESSGILNVLIKLLEV
VQPCLQAAKEQKEVQTPKWITPVLLLIDFYEKTAISSKRRAQMTKYLQSNSNNWRWFDDRSGRWCSYSASNNSTIDSAWK
SGETSVRFTAGRRRYTVQFTTMVQVNEETGNRRPVMLTLLRVPRLNKNSKNSNGQELEKTLEESKEMDIKRKENKGNDTP
LALESTNTEKETSLEETKIGEILIQGLTEDMVTVLIRACVSMLGVPVDPDTLHATLRLCLRLTRDHKYAMMFAELKSTRM
ILNLTQSSGFNGFTPLVTLLLRHIIEDPCTLRHTMEKVVRSAATSGAGSTTSGVVSGSLGSREINYILRVLGPAACRNPD
IFTEVANCCIRIALPAPRGSGTASDDEFENLRIKGPNAVQLVKTTPLKPSPLPVIPDTIKEVIYDMLNALAAYHAPEEAD
KSDPKPGVMTQEVGQLLQDMGDDVYQQYRSLTRQSSDFDTQSGFSINSQVFAADGASTETSASGTSQGEASTPEESRDGK
KDKEGDRASEEGKQKGKGSKPLMPTSTILRLLAELVRSYVGIATLIANYSYTVGQSELIKEDCSVLAFVLDHLLPHTQNA
EDKDTPALARLFLASLAAAGSGTDAQVALVNEVKAALGRALAMAESTEKHARLQAVMCIISTIMESCPSTSSFYSSATAK
TQHNGMNNIIRLFLKKGLVNDLARVPHSLDLSSPNMANTVNAALKPLETLSRIVNQPSSLFGSKSASSKNKSEQDAQGAS
QDSSSNQQDPGEPGEAEVQEEDHDVTQTEVADGDIMDGEAETDSVVIAGQPEVLSSQEMQVENELEDLIDELLERDGGSG
NSTIIVSRSGEDESQEDVLMDEAPSNLSQASTLQANREDSMNILDPEDEEEHTQEEDSSGSNEDEDDSQDEEEEEEEDEE
DDQEDDEGEEGDEDDDDDGSEMELDEDYPDMNASPLVRFERFDREDDLIIEFDNMFSSATDIPPSPGNIPTTHPLMVRHA
DHSSLTLGSGSSTTRLTQGIGRSQRTLRQLTANTGHTIHVHYPGNRQPNPPLILQRLLGPSAAADILQLSSSLPLQSRGR
ARLLVGNDDVHIIARSDDELLDDFFHDQSTATSQAGTLSSIPTALTRWTEECKVLDAESMHDCVSVVKVSIVNHLEFLRD
EELEERREKRRKQLAEEETKITDKGKEDKENRDQSAQCTASKSNDSTEQNLSDGTPMPDSYPTTPSSTDAATSESKETLG
TLQSSQQQPTLPTPPALGEVPQELQSPAGEGGSSTQLLMPVEPEELGPTRPSGEAETTQMELSPAPTITSLSPERAEDSD
ALTAVSSQLEGSPMDTSSLASCTLEEAVGDTSAAGSSEQPRAGSSTPGDAPPAVAEVQGRSDGSGESAQPPEDSSPPASS
ESSSTRDSAVAISGADSRGILEEPLPSTSSEEEDPLAGISLPEGVDPSFLAALPDDIRREVLQNQLGIRPPTRTAPSTNS
SAPAVVGNPGVTEVSPEFLAALPPAIQEEVLAQQRAEQQRRELAQNASSDTPMDPVTFIQTLPSDLRRSVLEDMEDSVLA
VMPPDIAAEAQALRREQEARQRQLMHERLFGHSSTSALSAILRSPAFTSRLSGNRGVQYTRLAVQRGGTFQMGGSSSHNR
PSGSNVDTLLRLRGRLLLDHEALSCLLVLLFVDEPKLNTSRLHRVLRNLCYHAQTRHWVIRSLLSILQRSSESELCIETP
KLTTSEEKGKKSSKSCGSSSHENRPLDLLHKMESKSSNQLSWLSVSMDAALGCRTNIFQIQRSGGRKHTEKHASGGSTVH
IHPQAAPVVCRHVLDTLIQLAKVFPSHFTQQRTKETNCESDRERGNKACSPCSSQSSSSGICTDFWDLLVKLDNMNVSRK
GKNSVKSVPVSAGGEGETSPYSLEASPLGQLMNMLSHPVIRRSSLLTEKLLRLLSLISIALPENKVSEAQANSGSGASST
TTATSTTSTTTTTAASTTPTPPTAPTPVTSAPALVAATAISTIVVAASTTVTTPTTATTTVSISPTTKGSKSPAKVSDGG
SSSTDFKMVSSGLTENQLQLSVEVLTSHSCSEEGLEDAANVLLQLSRGDSGTRDTVLKLLLNGARHLGYTLCKQIGTLLA
ELREYNLEQQRRAQCETLSPDGLPEEQPQTTKLKGKMQSRFDMAENVVIVASQKRPLGGRELQLPSMSMLTSKTSTQKFF
LRVLQVIIQLRDDTRRANKKAKQTGRLGSSGLGSASSIQAAVRQLEAEADAIIQMVREGQRARRQQQAATSESSQSEASV
RREESPMDVDQPSPSAQDTQSIASDGTPQGEKEKEERPPELPLLSEQLSLDELWDMLGECLKELEESHDQHAVLVLQPAV
EAFFLVHATERESKPPVRDTRESQLAHIKDEPPPLSPAPLTPATPSSLDPFFSREPSSMHISSSLPPDTQKFLRFAETHR
TVLNQILRQSTTHLADGPFAVLVDYIRVLDFDVKRKYFRQELERLDEGLRKEDMAVHVRRDHVFEDSYRELHRKSPEEMK
NRLYIVFEGEEGQDAGGLLREWYMIISREMFNPMYALFRTSPGDRVTYTINPSSHCNPNHLSYFKFVGRIVAKAVYDNRL
LECYFTRSFYKHILGKSVRYTDMESEDYHFYQGLVYLLENDVSTLGYDLTFSTEVQEFGVCEVRDLKPNGANILVTEENK
KEYVHLVCQMRMTGAIRKQLAAFLEGFYEIIPKRLISIFTEQELELLISGLPTIDIDDLKSNTEYHKYQSNSIQIQWFWR
ALRSFDQADRAKFLQFVTGTSKVPLQGFAALEGMNGIQKFQIHRDDRSTDRLPSAHTCFNQLDLPAYESFEKLRHMLLLA
IQECSEGFGLA
;
_entity_poly.pdbx_strand_id   A
#
# COMPACT_ATOMS: atom_id res chain seq x y z
N ALA A 54 -15.20 30.64 -24.84
CA ALA A 54 -16.34 30.00 -25.54
C ALA A 54 -17.65 30.46 -24.92
N ASP A 55 -18.71 29.70 -25.14
CA ASP A 55 -20.04 30.19 -24.77
C ASP A 55 -20.14 30.44 -23.27
N CYS A 56 -19.33 29.74 -22.48
CA CYS A 56 -19.14 30.11 -21.08
C CYS A 56 -18.66 31.55 -20.95
N ARG A 57 -17.68 31.93 -21.77
CA ARG A 57 -17.18 33.30 -21.78
C ARG A 57 -18.24 34.28 -22.26
N ALA A 58 -19.09 33.86 -23.20
CA ALA A 58 -20.17 34.73 -23.62
C ALA A 58 -21.17 34.94 -22.49
N LEU A 59 -21.50 33.88 -21.76
CA LEU A 59 -22.39 34.01 -20.61
C LEU A 59 -21.78 34.91 -19.55
N ILE A 60 -20.47 34.81 -19.35
CA ILE A 60 -19.80 35.66 -18.37
C ILE A 60 -19.90 37.12 -18.79
N ASP A 61 -19.53 37.43 -20.03
CA ASP A 61 -19.62 38.81 -20.50
C ASP A 61 -21.05 39.32 -20.41
N LYS A 62 -22.02 38.48 -20.73
CA LYS A 62 -23.43 38.88 -20.63
C LYS A 62 -23.82 39.23 -19.21
N LEU A 63 -23.43 38.40 -18.25
CA LEU A 63 -23.78 38.65 -16.85
C LEU A 63 -23.04 39.85 -16.29
N LYS A 64 -21.79 40.04 -16.70
CA LYS A 64 -20.95 41.12 -16.21
C LYS A 64 -21.10 42.37 -17.07
N ASP A 68 -30.43 42.89 -13.41
CA ASP A 68 -30.86 41.92 -14.41
C ASP A 68 -29.95 40.69 -14.42
N GLU A 69 -28.84 40.79 -13.69
CA GLU A 69 -27.99 39.62 -13.47
C GLU A 69 -28.82 38.45 -12.96
N GLN A 70 -29.59 38.68 -11.90
CA GLN A 70 -30.45 37.65 -11.35
C GLN A 70 -31.51 37.20 -12.36
N LEU A 71 -31.96 38.09 -13.24
CA LEU A 71 -32.89 37.68 -14.30
C LEU A 71 -32.21 36.75 -15.31
N LEU A 72 -30.92 36.94 -15.55
CA LEU A 72 -30.22 36.06 -16.47
C LEU A 72 -29.93 34.71 -15.83
N LEU A 73 -29.51 34.73 -14.57
CA LEU A 73 -29.36 33.49 -13.81
C LEU A 73 -30.70 32.75 -13.66
N GLU A 74 -31.80 33.49 -13.52
CA GLU A 74 -33.12 32.88 -13.55
C GLU A 74 -33.47 32.29 -14.91
N LEU A 75 -32.99 32.91 -15.98
CA LEU A 75 -33.18 32.33 -17.31
C LEU A 75 -32.39 31.03 -17.44
N GLN A 76 -31.15 31.03 -16.97
CA GLN A 76 -30.32 29.83 -16.99
C GLN A 76 -30.89 28.76 -16.06
N TRP A 91 -13.81 31.39 -14.73
CA TRP A 91 -14.98 31.53 -13.88
C TRP A 91 -14.69 32.54 -12.77
N VAL A 92 -13.40 32.87 -12.64
CA VAL A 92 -12.84 33.33 -11.37
C VAL A 92 -13.52 34.60 -10.89
N ASP A 93 -13.68 35.59 -11.77
CA ASP A 93 -14.29 36.85 -11.35
C ASP A 93 -15.81 36.77 -11.19
N LEU A 94 -16.45 35.76 -11.78
CA LEU A 94 -17.86 35.57 -11.52
C LEU A 94 -18.08 34.89 -10.17
N LEU A 95 -17.25 33.90 -9.86
CA LEU A 95 -17.25 33.33 -8.52
C LEU A 95 -16.81 34.34 -7.48
N ASP A 96 -15.95 35.28 -7.83
CA ASP A 96 -15.56 36.32 -6.88
C ASP A 96 -16.68 37.33 -6.62
N ARG A 97 -17.45 37.71 -7.65
CA ARG A 97 -18.64 38.51 -7.38
C ARG A 97 -19.67 37.74 -6.56
N PHE A 98 -19.80 36.44 -6.84
CA PHE A 98 -20.66 35.60 -6.02
C PHE A 98 -20.22 35.54 -4.56
N ASP A 99 -18.94 35.20 -4.32
CA ASP A 99 -18.39 35.22 -2.97
C ASP A 99 -18.51 36.58 -2.30
N GLY A 100 -18.46 37.66 -3.07
CA GLY A 100 -18.83 38.97 -2.57
C GLY A 100 -20.20 39.00 -1.96
N ILE A 101 -21.20 38.73 -2.80
CA ILE A 101 -22.58 38.84 -2.30
C ILE A 101 -22.89 37.78 -1.25
N LEU A 102 -22.20 36.63 -1.28
CA LEU A 102 -22.26 35.69 -0.17
C LEU A 102 -21.76 36.30 1.13
N ALA A 103 -20.59 36.92 1.11
CA ALA A 103 -20.07 37.63 2.27
C ALA A 103 -20.91 38.85 2.63
N ASP A 104 -21.84 39.24 1.77
CA ASP A 104 -22.68 40.41 2.00
C ASP A 104 -24.02 40.03 2.63
N ALA A 105 -24.65 38.98 2.14
CA ALA A 105 -26.01 38.65 2.52
C ALA A 105 -26.07 38.00 3.89
N GLY A 106 -25.02 37.27 4.26
CA GLY A 106 -24.97 36.53 5.51
C GLY A 106 -24.68 37.36 6.74
N GLN A 107 -24.24 38.60 6.58
CA GLN A 107 -23.81 39.41 7.71
C GLN A 107 -24.99 39.71 8.63
N GLN A 125 -34.69 42.41 -2.31
CA GLN A 125 -34.06 42.12 -3.59
C GLN A 125 -32.59 41.75 -3.39
N LEU A 126 -32.36 40.93 -2.37
CA LEU A 126 -31.04 40.42 -2.01
C LEU A 126 -31.06 38.90 -1.96
N LYS A 127 -32.02 38.35 -1.21
CA LYS A 127 -32.11 36.92 -0.99
C LYS A 127 -32.30 36.18 -2.30
N MET A 128 -33.13 36.72 -3.20
CA MET A 128 -33.36 36.06 -4.47
C MET A 128 -32.13 36.10 -5.37
N LEU A 129 -31.30 37.13 -5.22
CA LEU A 129 -30.02 37.14 -5.92
C LEU A 129 -29.11 36.05 -5.39
N LEU A 130 -29.09 35.90 -4.07
CA LEU A 130 -28.32 34.82 -3.45
C LEU A 130 -28.81 33.45 -3.90
N LEU A 131 -30.12 33.27 -3.92
CA LEU A 131 -30.70 32.00 -4.34
C LEU A 131 -30.37 31.67 -5.80
N ALA A 132 -30.43 32.66 -6.69
CA ALA A 132 -30.08 32.39 -8.08
C ALA A 132 -28.59 32.09 -8.21
N VAL A 133 -27.75 32.84 -7.50
CA VAL A 133 -26.31 32.54 -7.49
C VAL A 133 -26.06 31.11 -7.07
N LEU A 134 -26.76 30.66 -6.03
CA LEU A 134 -26.55 29.30 -5.53
C LEU A 134 -27.08 28.26 -6.50
N ASN A 135 -28.31 28.41 -6.97
CA ASN A 135 -28.90 27.46 -7.89
C ASN A 135 -28.08 27.31 -9.16
N PHE A 136 -27.45 28.39 -9.63
CA PHE A 136 -26.56 28.27 -10.78
C PHE A 136 -25.21 27.67 -10.41
N THR A 137 -24.64 28.06 -9.27
CA THR A 137 -23.35 27.51 -8.87
C THR A 137 -23.44 26.00 -8.68
N ALA A 138 -24.58 25.51 -8.20
CA ALA A 138 -24.83 24.07 -8.11
C ALA A 138 -24.92 23.39 -9.47
N LEU A 139 -24.92 24.16 -10.55
CA LEU A 139 -24.72 23.60 -11.88
C LEU A 139 -23.29 23.76 -12.34
N LEU A 140 -22.63 24.85 -11.95
CA LEU A 140 -21.27 25.07 -12.42
C LEU A 140 -20.34 24.01 -11.84
N ILE A 141 -20.48 23.71 -10.55
CA ILE A 141 -19.63 22.71 -9.92
C ILE A 141 -19.89 21.33 -10.48
N GLU A 142 -21.10 21.08 -10.99
CA GLU A 142 -21.44 19.80 -11.57
C GLU A 142 -21.04 19.68 -13.03
N TYR A 143 -20.36 20.69 -13.57
CA TYR A 143 -20.00 20.70 -14.98
C TYR A 143 -21.23 20.58 -15.87
N SER A 151 -13.45 29.87 -0.98
CA SER A 151 -13.71 31.01 -0.10
C SER A 151 -15.20 31.15 0.20
N SER A 152 -16.02 30.43 -0.55
CA SER A 152 -17.46 30.47 -0.31
C SER A 152 -17.84 29.71 0.95
N ILE A 153 -17.09 28.66 1.29
CA ILE A 153 -17.51 27.74 2.35
C ILE A 153 -17.82 28.50 3.64
N GLU A 154 -16.89 29.34 4.08
CA GLU A 154 -17.07 30.06 5.34
C GLU A 154 -18.29 30.95 5.33
N HIS A 155 -18.77 31.33 4.15
CA HIS A 155 -20.01 32.10 4.04
C HIS A 155 -21.21 31.18 4.04
N LEU A 156 -21.12 30.08 3.30
CA LEU A 156 -22.22 29.13 3.23
C LEU A 156 -22.58 28.62 4.61
N THR A 157 -21.56 28.24 5.39
CA THR A 157 -21.80 27.79 6.76
C THR A 157 -22.59 28.82 7.56
N THR A 158 -22.32 30.11 7.34
CA THR A 158 -23.09 31.14 8.02
C THR A 158 -24.47 31.28 7.40
N LEU A 159 -24.60 31.00 6.11
CA LEU A 159 -25.89 31.09 5.45
C LEU A 159 -26.84 29.99 5.88
N LEU A 160 -26.33 28.91 6.49
CA LEU A 160 -27.21 27.92 7.08
C LEU A 160 -28.05 28.51 8.20
N ALA A 161 -27.57 29.57 8.84
CA ALA A 161 -28.35 30.35 9.81
C ALA A 161 -29.35 31.26 9.10
N SER A 162 -30.29 30.64 8.38
CA SER A 162 -31.34 31.37 7.70
C SER A 162 -32.71 30.95 8.20
N SER A 163 -33.62 31.92 8.26
CA SER A 163 -35.00 31.65 8.65
C SER A 163 -35.80 31.10 7.45
N ASP A 164 -35.50 31.58 6.25
CA ASP A 164 -36.13 31.08 5.04
C ASP A 164 -35.34 29.89 4.55
N MET A 165 -35.94 28.70 4.64
CA MET A 165 -35.19 27.48 4.38
C MET A 165 -34.71 27.39 2.95
N GLN A 166 -35.33 28.13 2.02
CA GLN A 166 -34.94 28.05 0.61
C GLN A 166 -33.43 28.20 0.41
N VAL A 167 -32.81 29.12 1.15
CA VAL A 167 -31.36 29.29 1.01
C VAL A 167 -30.60 28.16 1.69
N VAL A 168 -31.13 27.63 2.78
CA VAL A 168 -30.48 26.50 3.45
C VAL A 168 -30.47 25.30 2.51
N LEU A 169 -31.64 25.02 1.92
CA LEU A 169 -31.76 24.00 0.88
C LEU A 169 -30.79 24.22 -0.26
N ALA A 170 -30.64 25.45 -0.75
CA ALA A 170 -29.77 25.66 -1.89
C ALA A 170 -28.31 25.46 -1.51
N VAL A 171 -27.95 25.87 -0.29
CA VAL A 171 -26.60 25.62 0.21
C VAL A 171 -26.35 24.13 0.33
N LEU A 172 -27.35 23.40 0.83
CA LEU A 172 -27.23 21.97 0.97
C LEU A 172 -27.12 21.27 -0.37
N ASN A 173 -27.95 21.67 -1.34
CA ASN A 173 -27.85 21.11 -2.68
C ASN A 173 -26.47 21.33 -3.28
N LEU A 174 -25.86 22.48 -2.99
CA LEU A 174 -24.51 22.73 -3.45
C LEU A 174 -23.48 21.86 -2.73
N LEU A 175 -23.66 21.68 -1.42
CA LEU A 175 -22.73 20.84 -0.66
C LEU A 175 -22.88 19.36 -1.00
N TYR A 176 -24.10 18.93 -1.36
CA TYR A 176 -24.29 17.59 -1.89
C TYR A 176 -23.64 17.43 -3.26
N VAL A 177 -23.80 18.40 -4.15
CA VAL A 177 -23.11 18.32 -5.43
C VAL A 177 -21.60 18.23 -5.23
N PHE A 178 -21.06 18.97 -4.26
CA PHE A 178 -19.66 18.85 -3.91
C PHE A 178 -19.31 17.44 -3.43
N SER A 179 -19.95 16.99 -2.36
CA SER A 179 -19.49 15.74 -1.76
C SER A 179 -19.74 14.56 -2.66
N LYS A 180 -20.81 14.62 -3.46
CA LYS A 180 -21.06 13.64 -4.51
C LYS A 180 -19.88 13.59 -5.47
N ARG A 181 -19.52 14.73 -6.06
CA ARG A 181 -18.55 14.72 -7.15
C ARG A 181 -17.13 14.55 -6.64
N SER A 182 -16.61 15.53 -5.90
CA SER A 182 -15.21 15.50 -5.47
C SER A 182 -15.13 15.65 -3.95
N ASN A 183 -14.02 15.17 -3.40
CA ASN A 183 -13.77 15.28 -1.96
C ASN A 183 -13.16 16.66 -1.66
N TYR A 184 -14.01 17.68 -1.80
CA TYR A 184 -13.59 19.05 -1.59
C TYR A 184 -13.83 19.48 -0.14
N ILE A 185 -14.93 19.03 0.43
CA ILE A 185 -15.27 19.34 1.82
C ILE A 185 -14.78 18.30 2.79
N THR A 186 -14.34 17.13 2.30
CA THR A 186 -13.78 16.11 3.17
C THR A 186 -12.33 16.43 3.53
N ARG A 187 -11.57 16.94 2.56
CA ARG A 187 -10.17 17.25 2.79
C ARG A 187 -9.99 18.53 3.59
N LEU A 188 -11.02 19.35 3.71
CA LEU A 188 -10.88 20.66 4.33
C LEU A 188 -10.42 20.52 5.76
N GLY A 189 -9.78 21.57 6.27
CA GLY A 189 -9.37 21.58 7.66
C GLY A 189 -10.51 21.91 8.60
N SER A 190 -10.30 21.54 9.86
CA SER A 190 -11.27 21.69 10.95
C SER A 190 -11.44 23.12 11.40
N ASP A 191 -10.84 24.09 10.70
CA ASP A 191 -11.17 25.49 10.94
C ASP A 191 -12.63 25.77 10.66
N LYS A 192 -13.19 25.21 9.58
CA LYS A 192 -14.60 25.38 9.28
C LYS A 192 -15.31 24.07 8.92
N ARG A 193 -14.56 23.00 8.68
CA ARG A 193 -15.19 21.70 8.44
C ARG A 193 -16.06 21.26 9.60
N THR A 194 -15.58 21.42 10.84
CA THR A 194 -16.42 21.09 11.99
C THR A 194 -17.62 22.01 12.16
N PRO A 195 -17.51 23.34 12.09
CA PRO A 195 -18.74 24.15 12.12
C PRO A 195 -19.76 23.76 11.06
N LEU A 196 -19.26 23.40 9.87
CA LEU A 196 -20.14 22.93 8.81
C LEU A 196 -20.80 21.62 9.20
N LEU A 197 -19.99 20.60 9.48
CA LEU A 197 -20.51 19.27 9.72
C LEU A 197 -21.42 19.24 10.95
N THR A 198 -21.17 20.12 11.92
CA THR A 198 -22.05 20.21 13.09
C THR A 198 -23.38 20.87 12.75
N ARG A 199 -23.39 21.95 11.95
CA ARG A 199 -24.68 22.46 11.51
C ARG A 199 -25.45 21.41 10.72
N LEU A 200 -24.75 20.65 9.88
CA LEU A 200 -25.38 19.57 9.13
C LEU A 200 -25.90 18.48 10.06
N GLN A 201 -25.15 18.15 11.11
CA GLN A 201 -25.60 17.15 12.07
C GLN A 201 -26.85 17.61 12.79
N HIS A 202 -26.91 18.89 13.15
CA HIS A 202 -28.06 19.40 13.89
C HIS A 202 -29.29 19.48 13.00
N LEU A 203 -29.08 19.67 11.69
CA LEU A 203 -30.19 19.50 10.74
C LEU A 203 -30.61 18.04 10.63
N ALA A 204 -29.64 17.14 10.49
CA ALA A 204 -29.90 15.75 10.16
C ALA A 204 -30.51 14.96 11.30
N GLU A 205 -30.20 15.32 12.55
CA GLU A 205 -30.48 14.43 13.67
C GLU A 205 -31.98 14.13 13.80
N SER A 206 -32.24 12.92 14.30
CA SER A 206 -33.55 12.28 14.22
C SER A 206 -34.61 13.09 14.95
N TRP A 207 -35.86 12.87 14.54
CA TRP A 207 -37.02 13.47 15.15
C TRP A 207 -37.83 12.49 15.99
N GLY A 208 -37.45 11.22 16.02
CA GLY A 208 -38.20 10.20 16.73
C GLY A 208 -38.85 9.17 15.85
N GLY A 209 -38.82 9.35 14.54
CA GLY A 209 -39.32 8.36 13.61
C GLY A 209 -40.78 8.00 13.78
N LYS A 210 -41.13 6.86 13.17
CA LYS A 210 -42.48 6.31 13.29
C LYS A 210 -42.84 6.05 14.76
N GLU A 211 -41.89 5.53 15.54
CA GLU A 211 -42.18 5.07 16.88
C GLU A 211 -42.60 6.20 17.80
N ASN A 212 -42.26 7.46 17.47
CA ASN A 212 -42.70 8.61 18.23
C ASN A 212 -43.66 9.50 17.46
N GLY A 213 -44.22 9.00 16.37
CA GLY A 213 -45.14 9.78 15.55
C GLY A 213 -44.52 10.87 14.70
N PHE A 214 -43.23 10.79 14.42
CA PHE A 214 -42.53 11.73 13.56
C PHE A 214 -41.96 11.07 12.32
N GLY A 215 -42.67 10.07 11.79
CA GLY A 215 -42.24 9.49 10.53
C GLY A 215 -42.29 10.48 9.38
N LEU A 216 -41.34 10.32 8.46
CA LEU A 216 -41.25 11.24 7.33
C LEU A 216 -42.47 11.19 6.44
N ALA A 217 -43.06 10.00 6.28
CA ALA A 217 -44.33 9.91 5.56
C ALA A 217 -45.39 10.79 6.19
N GLU A 218 -45.50 10.74 7.51
CA GLU A 218 -46.48 11.56 8.22
C GLU A 218 -46.09 13.03 8.20
N CYS A 219 -44.79 13.33 8.12
CA CYS A 219 -44.35 14.71 7.95
C CYS A 219 -44.63 15.28 6.57
N CYS A 220 -45.01 14.45 5.62
CA CYS A 220 -45.23 14.89 4.24
C CYS A 220 -46.70 14.91 3.88
N ARG A 221 -47.46 13.94 4.39
CA ARG A 221 -48.91 14.04 4.38
C ARG A 221 -49.32 15.09 5.40
N ASP A 222 -50.43 15.77 5.14
CA ASP A 222 -50.81 16.89 6.00
C ASP A 222 -51.15 16.42 7.43
N LEU A 223 -52.04 15.44 7.56
CA LEU A 223 -52.45 14.83 8.84
C LEU A 223 -53.27 15.77 9.71
N HIS A 224 -53.62 16.97 9.22
CA HIS A 224 -54.48 17.94 9.88
C HIS A 224 -53.77 18.74 10.99
N MET A 225 -52.53 18.44 11.33
CA MET A 225 -51.76 19.13 12.38
C MET A 225 -52.23 18.75 13.77
N MET A 226 -53.16 17.80 13.89
CA MET A 226 -53.69 17.35 15.18
C MET A 226 -53.44 15.88 15.42
N LYS A 227 -52.77 15.20 14.49
CA LYS A 227 -52.43 13.80 14.62
C LYS A 227 -50.95 13.60 14.88
N TYR A 228 -50.20 14.69 15.05
CA TYR A 228 -48.80 14.68 15.40
C TYR A 228 -48.65 14.78 16.92
N PRO A 229 -47.51 14.38 17.46
CA PRO A 229 -47.30 14.48 18.91
C PRO A 229 -47.36 15.93 19.35
N PRO A 230 -47.97 16.22 20.51
CA PRO A 230 -48.06 17.62 20.96
C PRO A 230 -46.70 18.28 21.17
N SER A 231 -45.62 17.51 21.19
CA SER A 231 -44.28 18.06 21.36
C SER A 231 -43.67 18.57 20.06
N ALA A 232 -44.41 18.51 18.96
CA ALA A 232 -43.88 19.00 17.69
C ALA A 232 -43.70 20.51 17.74
N THR A 233 -44.76 21.24 18.07
CA THR A 233 -44.67 22.69 18.21
C THR A 233 -44.23 23.05 19.62
N THR A 234 -43.00 22.66 19.94
CA THR A 234 -42.49 22.78 21.29
C THR A 234 -40.96 22.82 21.21
N LEU A 235 -40.35 23.72 21.97
CA LEU A 235 -38.91 23.77 22.08
C LEU A 235 -38.46 23.16 23.40
N HIS A 236 -37.37 22.38 23.38
CA HIS A 236 -36.84 21.79 24.60
C HIS A 236 -35.31 21.69 24.47
N PHE A 237 -34.65 22.83 24.64
CA PHE A 237 -33.22 22.97 24.38
C PHE A 237 -32.46 23.10 25.69
N GLU A 238 -31.44 22.26 25.86
CA GLU A 238 -30.79 22.05 27.14
C GLU A 238 -29.28 22.07 26.96
N PHE A 239 -28.58 22.51 28.00
CA PHE A 239 -27.13 22.60 27.97
C PHE A 239 -26.54 22.64 29.38
N TYR A 260 -31.59 25.86 30.87
CA TYR A 260 -32.61 24.95 30.39
C TYR A 260 -33.78 25.75 29.83
N ILE A 261 -34.13 25.50 28.57
CA ILE A 261 -35.20 26.21 27.88
C ILE A 261 -36.26 25.21 27.46
N HIS A 262 -37.52 25.48 27.81
CA HIS A 262 -38.63 24.76 27.24
C HIS A 262 -39.79 25.70 26.98
N ILE A 263 -40.39 25.58 25.79
CA ILE A 263 -41.52 26.41 25.38
C ILE A 263 -42.61 25.52 24.83
N GLU A 264 -43.80 25.59 25.44
CA GLU A 264 -44.90 24.69 25.12
C GLU A 264 -45.38 24.85 23.68
N GLN A 265 -45.57 26.10 23.24
CA GLN A 265 -46.03 26.37 21.89
C GLN A 265 -45.46 27.69 21.40
N LEU A 266 -45.21 27.77 20.10
CA LEU A 266 -44.58 28.91 19.47
C LEU A 266 -45.55 29.87 18.79
N ASP A 267 -46.86 29.67 18.89
CA ASP A 267 -47.74 30.46 18.04
C ASP A 267 -48.06 31.83 18.62
N LYS A 268 -48.19 31.97 19.93
CA LYS A 268 -48.50 33.29 20.47
C LYS A 268 -47.35 34.27 20.28
N ILE A 269 -46.23 33.83 19.70
CA ILE A 269 -45.08 34.67 19.39
C ILE A 269 -44.54 34.29 18.01
N SER A 270 -45.44 33.90 17.11
CA SER A 270 -45.01 33.30 15.84
C SER A 270 -44.14 34.23 15.00
N GLU A 271 -44.06 35.51 15.32
CA GLU A 271 -43.27 36.44 14.53
C GLU A 271 -41.77 36.30 14.79
N SER A 272 -40.99 36.44 13.73
CA SER A 272 -39.56 36.70 13.80
C SER A 272 -38.72 35.64 14.52
N PRO A 273 -38.61 34.42 14.00
CA PRO A 273 -37.85 33.38 14.72
C PRO A 273 -36.39 33.75 14.96
N SER A 274 -35.80 34.50 14.03
CA SER A 274 -34.46 35.04 14.27
C SER A 274 -34.44 35.96 15.49
N GLU A 275 -35.44 36.83 15.61
CA GLU A 275 -35.48 37.67 16.80
C GLU A 275 -35.87 36.87 18.05
N ILE A 276 -36.48 35.70 17.88
CA ILE A 276 -36.64 34.77 19.00
C ILE A 276 -35.29 34.28 19.47
N MET A 277 -34.45 33.86 18.55
CA MET A 277 -33.12 33.38 18.93
C MET A 277 -32.28 34.49 19.56
N GLU A 278 -32.30 35.69 18.99
CA GLU A 278 -31.58 36.80 19.61
C GLU A 278 -32.16 37.18 20.97
N SER A 279 -33.48 37.15 21.12
CA SER A 279 -34.07 37.41 22.43
C SER A 279 -33.73 36.33 23.45
N LEU A 280 -33.64 35.08 23.03
CA LEU A 280 -33.15 34.04 23.93
C LEU A 280 -31.66 34.21 24.22
N THR A 281 -30.90 34.77 23.29
CA THR A 281 -29.52 35.12 23.57
C THR A 281 -29.44 36.16 24.69
N LYS A 282 -30.35 37.13 24.66
CA LYS A 282 -30.33 38.16 25.69
C LYS A 282 -30.95 37.70 27.01
N MET A 283 -31.96 36.84 26.95
CA MET A 283 -32.68 36.38 28.13
C MET A 283 -31.94 35.25 28.86
N TYR A 284 -31.21 34.43 28.12
CA TYR A 284 -30.42 33.34 28.66
C TYR A 284 -29.06 33.36 28.01
N SER A 285 -28.06 32.86 28.73
CA SER A 285 -26.72 32.72 28.17
C SER A 285 -26.64 31.38 27.45
N ILE A 286 -26.75 31.42 26.12
CA ILE A 286 -26.78 30.19 25.33
C ILE A 286 -25.33 29.80 25.12
N PRO A 287 -24.97 28.52 25.20
CA PRO A 287 -23.55 28.18 25.11
C PRO A 287 -22.96 28.79 23.84
N LYS A 288 -21.75 29.32 23.96
CA LYS A 288 -21.18 30.05 22.86
C LYS A 288 -20.78 29.10 21.74
N ASP A 289 -21.02 29.52 20.50
CA ASP A 289 -20.66 28.75 19.32
C ASP A 289 -21.47 27.47 19.17
N LYS A 290 -22.64 27.38 19.84
CA LYS A 290 -23.52 26.24 19.62
C LYS A 290 -25.00 26.63 19.66
N GLN A 291 -25.29 27.93 19.54
CA GLN A 291 -26.66 28.42 19.37
C GLN A 291 -27.34 27.88 18.12
N MET A 292 -26.59 27.32 17.16
CA MET A 292 -27.21 26.70 16.00
C MET A 292 -28.19 25.58 16.32
N LEU A 293 -27.89 24.72 17.28
CA LEU A 293 -28.88 23.69 17.60
C LEU A 293 -30.15 24.26 18.20
N LEU A 294 -30.05 25.38 18.90
CA LEU A 294 -31.24 26.11 19.31
C LEU A 294 -31.96 26.72 18.11
N PHE A 295 -31.23 27.40 17.23
CA PHE A 295 -31.90 28.06 16.11
C PHE A 295 -32.61 27.05 15.23
N THR A 296 -31.98 25.90 15.00
CA THR A 296 -32.62 24.90 14.15
C THR A 296 -33.83 24.27 14.82
N HIS A 297 -33.77 24.06 16.15
CA HIS A 297 -34.97 23.58 16.83
C HIS A 297 -36.10 24.62 16.80
N ILE A 298 -35.77 25.89 16.99
CA ILE A 298 -36.81 26.93 17.05
C ILE A 298 -37.44 27.15 15.68
N ARG A 299 -36.61 27.25 14.63
CA ARG A 299 -37.18 27.41 13.30
C ARG A 299 -37.91 26.16 12.85
N LEU A 300 -37.53 24.99 13.35
CA LEU A 300 -38.33 23.80 13.07
C LEU A 300 -39.69 23.88 13.74
N ALA A 301 -39.72 24.31 15.00
CA ALA A 301 -40.99 24.35 15.72
C ALA A 301 -41.90 25.44 15.19
N HIS A 302 -41.35 26.51 14.63
CA HIS A 302 -42.16 27.40 13.82
C HIS A 302 -42.64 26.74 12.54
N GLY A 303 -41.78 25.96 11.88
CA GLY A 303 -42.16 25.34 10.63
C GLY A 303 -43.30 24.36 10.77
N PHE A 304 -43.22 23.48 11.77
CA PHE A 304 -44.03 22.27 11.79
C PHE A 304 -45.51 22.59 11.80
N SER A 305 -45.88 23.80 12.20
CA SER A 305 -47.26 24.24 12.12
C SER A 305 -47.80 24.19 10.70
N ASN A 306 -46.93 24.27 9.68
CA ASN A 306 -47.42 24.40 8.32
C ASN A 306 -46.59 23.56 7.34
N HIS A 307 -47.27 23.22 6.24
CA HIS A 307 -46.84 22.15 5.35
C HIS A 307 -45.53 22.49 4.67
N ARG A 308 -45.48 23.65 4.02
CA ARG A 308 -44.31 24.02 3.25
C ARG A 308 -43.06 24.03 4.11
N LYS A 309 -43.17 24.59 5.32
CA LYS A 309 -42.02 24.67 6.22
C LYS A 309 -41.65 23.31 6.78
N ARG A 310 -42.63 22.42 6.95
CA ARG A 310 -42.32 21.07 7.38
C ARG A 310 -41.63 20.25 6.29
N LEU A 311 -42.13 20.37 5.06
CA LEU A 311 -41.47 19.75 3.92
C LEU A 311 -40.07 20.29 3.69
N GLN A 312 -39.87 21.59 3.90
CA GLN A 312 -38.53 22.15 3.76
C GLN A 312 -37.58 21.66 4.84
N ALA A 313 -38.08 21.46 6.06
CA ALA A 313 -37.24 20.85 7.09
C ALA A 313 -36.92 19.40 6.79
N VAL A 314 -37.92 18.63 6.34
CA VAL A 314 -37.69 17.26 5.91
C VAL A 314 -36.62 17.19 4.83
N GLN A 315 -36.75 18.05 3.82
CA GLN A 315 -35.84 18.00 2.69
C GLN A 315 -34.42 18.41 3.10
N ALA A 316 -34.31 19.45 3.92
CA ALA A 316 -33.01 19.84 4.44
C ALA A 316 -32.37 18.72 5.23
N ARG A 317 -33.16 18.01 6.04
CA ARG A 317 -32.64 16.87 6.79
C ARG A 317 -32.14 15.77 5.88
N LEU A 318 -32.87 15.49 4.80
CA LEU A 318 -32.45 14.45 3.88
C LEU A 318 -31.16 14.81 3.17
N HIS A 319 -31.05 16.05 2.69
CA HIS A 319 -29.78 16.54 2.15
C HIS A 319 -28.65 16.40 3.16
N ALA A 320 -28.87 16.85 4.39
CA ALA A 320 -27.82 16.81 5.40
C ALA A 320 -27.36 15.38 5.66
N ILE A 321 -28.31 14.44 5.76
CA ILE A 321 -27.92 13.04 5.82
C ILE A 321 -26.99 12.71 4.65
N SER A 322 -27.44 12.99 3.43
CA SER A 322 -26.72 12.47 2.27
C SER A 322 -25.30 13.02 2.24
N ILE A 323 -25.15 14.30 2.59
CA ILE A 323 -23.82 14.90 2.68
C ILE A 323 -22.99 14.24 3.77
N LEU A 324 -23.62 13.88 4.88
CA LEU A 324 -22.90 13.25 5.97
C LEU A 324 -22.51 11.82 5.69
N VAL A 325 -22.92 11.27 4.55
CA VAL A 325 -22.64 9.89 4.20
C VAL A 325 -21.72 9.81 2.99
N TYR A 326 -21.91 10.69 2.01
CA TYR A 326 -20.87 10.94 1.04
C TYR A 326 -19.60 11.47 1.70
N SER A 327 -19.69 12.02 2.90
CA SER A 327 -18.51 12.41 3.67
C SER A 327 -18.38 11.56 4.93
N SER A 336 -24.93 7.87 14.18
CA SER A 336 -25.84 8.47 15.14
C SER A 336 -27.06 9.07 14.44
N ILE A 337 -26.90 9.33 13.15
CA ILE A 337 -27.97 9.90 12.33
C ILE A 337 -28.86 8.81 11.75
N LEU A 338 -28.25 7.71 11.32
CA LEU A 338 -28.95 6.59 10.71
C LEU A 338 -29.57 5.70 11.78
N TYR A 339 -30.70 5.08 11.44
CA TYR A 339 -31.38 4.21 12.38
C TYR A 339 -32.31 3.25 11.62
N ASN A 340 -32.75 2.23 12.35
CA ASN A 340 -33.45 1.09 11.76
C ASN A 340 -34.67 1.50 10.93
N GLY A 341 -35.38 2.54 11.34
CA GLY A 341 -36.55 2.96 10.62
C GLY A 341 -36.34 3.88 9.44
N LEU A 342 -35.11 4.30 9.17
CA LEU A 342 -34.91 5.37 8.20
C LEU A 342 -35.18 4.88 6.78
N ILE A 343 -34.65 3.70 6.43
CA ILE A 343 -34.93 3.12 5.11
C ILE A 343 -36.43 2.95 4.90
N GLU A 344 -37.14 2.39 5.89
CA GLU A 344 -38.57 2.18 5.74
C GLU A 344 -39.31 3.50 5.62
N GLU A 345 -38.83 4.54 6.30
CA GLU A 345 -39.47 5.85 6.18
C GLU A 345 -39.25 6.41 4.78
N LEU A 346 -38.04 6.30 4.27
CA LEU A 346 -37.74 6.84 2.95
C LEU A 346 -38.56 6.13 1.88
N VAL A 347 -38.63 4.80 1.95
CA VAL A 347 -39.42 4.05 0.99
C VAL A 347 -40.91 4.34 1.15
N ASP A 348 -41.35 4.75 2.33
CA ASP A 348 -42.74 5.13 2.45
C ASP A 348 -42.97 6.56 1.99
N VAL A 349 -41.94 7.40 2.01
CA VAL A 349 -42.06 8.69 1.35
C VAL A 349 -42.19 8.49 -0.15
N LEU A 350 -41.47 7.50 -0.68
CA LEU A 350 -41.52 7.23 -2.11
C LEU A 350 -42.87 6.64 -2.50
N GLN A 351 -43.54 5.97 -1.57
CA GLN A 351 -44.83 5.38 -1.89
C GLN A 351 -45.95 6.40 -1.89
N ILE A 352 -45.75 7.57 -1.26
CA ILE A 352 -46.82 8.56 -1.12
C ILE A 352 -47.22 9.06 -2.50
N THR A 353 -48.52 9.01 -2.79
CA THR A 353 -49.05 9.21 -4.13
C THR A 353 -49.88 10.47 -4.27
N ASP A 354 -49.57 11.53 -3.51
CA ASP A 354 -50.12 12.85 -3.81
C ASP A 354 -49.41 13.54 -4.96
N LYS A 355 -48.25 13.04 -5.38
CA LYS A 355 -47.50 13.56 -6.53
C LYS A 355 -47.04 14.99 -6.37
N GLN A 356 -47.40 15.67 -5.28
CA GLN A 356 -46.88 17.00 -5.01
C GLN A 356 -45.57 16.95 -4.23
N LEU A 357 -45.01 15.77 -4.08
CA LEU A 357 -43.85 15.54 -3.22
C LEU A 357 -42.61 15.17 -4.00
N MET A 358 -42.64 15.26 -5.33
CA MET A 358 -41.56 14.71 -6.14
C MET A 358 -40.20 15.25 -5.74
N GLU A 359 -40.12 16.48 -5.23
CA GLU A 359 -38.84 16.95 -4.72
C GLU A 359 -38.44 16.25 -3.43
N ILE A 360 -39.43 15.86 -2.62
CA ILE A 360 -39.13 15.10 -1.41
C ILE A 360 -38.81 13.64 -1.73
N LYS A 361 -39.46 13.09 -2.75
CA LYS A 361 -39.13 11.77 -3.24
C LYS A 361 -37.74 11.71 -3.85
N ALA A 362 -37.36 12.74 -4.61
CA ALA A 362 -36.00 12.81 -5.13
C ALA A 362 -34.96 12.98 -4.03
N ALA A 363 -35.27 13.77 -3.00
CA ALA A 363 -34.38 13.83 -1.85
C ALA A 363 -34.27 12.48 -1.15
N SER A 364 -35.38 11.74 -1.09
CA SER A 364 -35.36 10.45 -0.42
C SER A 364 -34.57 9.41 -1.19
N LEU A 365 -34.74 9.39 -2.52
CA LEU A 365 -33.89 8.56 -3.37
C LEU A 365 -32.42 8.94 -3.29
N ARG A 366 -32.09 10.23 -3.30
CA ARG A 366 -30.70 10.62 -3.16
C ARG A 366 -30.13 10.24 -1.79
N THR A 367 -30.96 10.24 -0.76
CA THR A 367 -30.54 9.73 0.53
C THR A 367 -30.30 8.23 0.49
N LEU A 368 -31.26 7.46 -0.04
CA LEU A 368 -31.04 6.02 -0.22
C LEU A 368 -29.75 5.76 -0.99
N THR A 369 -29.46 6.58 -1.99
CA THR A 369 -28.22 6.46 -2.74
C THR A 369 -27.02 6.65 -1.84
N SER A 370 -27.01 7.72 -1.05
CA SER A 370 -25.92 7.93 -0.10
C SER A 370 -25.77 6.74 0.84
N ILE A 371 -26.89 6.15 1.24
CA ILE A 371 -26.90 5.02 2.16
C ILE A 371 -26.46 3.73 1.49
N VAL A 372 -26.46 3.67 0.16
CA VAL A 372 -25.87 2.51 -0.50
C VAL A 372 -24.38 2.42 -0.24
N HIS A 373 -23.68 3.53 -0.13
CA HIS A 373 -22.23 3.49 -0.07
C HIS A 373 -21.76 2.98 1.29
N LYS A 379 -26.33 -1.73 4.73
CA LYS A 379 -27.77 -1.83 4.90
C LYS A 379 -28.42 -2.24 3.59
N LEU A 380 -27.57 -2.53 2.61
CA LEU A 380 -28.02 -2.64 1.23
C LEU A 380 -29.08 -3.73 1.08
N SER A 381 -28.91 -4.83 1.83
CA SER A 381 -29.94 -5.86 1.88
C SER A 381 -31.26 -5.36 2.43
N SER A 382 -31.22 -4.41 3.36
CA SER A 382 -32.48 -3.83 3.84
C SER A 382 -33.08 -2.89 2.81
N ILE A 383 -32.25 -2.10 2.14
CA ILE A 383 -32.74 -1.28 1.04
C ILE A 383 -33.47 -2.14 0.03
N ILE A 384 -32.87 -3.28 -0.29
CA ILE A 384 -33.46 -4.21 -1.26
C ILE A 384 -34.74 -4.83 -0.74
N ASP A 385 -34.78 -5.22 0.54
CA ASP A 385 -35.99 -5.81 1.10
C ASP A 385 -37.14 -4.81 1.13
N CYS A 386 -36.85 -3.53 1.40
CA CYS A 386 -37.90 -2.53 1.46
C CYS A 386 -38.35 -2.11 0.07
N THR A 387 -37.43 -1.63 -0.76
CA THR A 387 -37.79 -1.21 -2.11
C THR A 387 -38.39 -2.33 -2.94
N GLY A 388 -38.01 -3.58 -2.70
CA GLY A 388 -38.63 -4.69 -3.40
C GLY A 388 -37.96 -5.06 -4.70
N THR A 389 -36.69 -4.70 -4.89
CA THR A 389 -36.01 -4.91 -6.16
C THR A 389 -35.78 -6.38 -6.49
N ALA A 390 -35.99 -7.28 -5.53
CA ALA A 390 -35.76 -8.70 -5.75
C ALA A 390 -36.86 -9.37 -6.54
N SER A 391 -37.88 -8.63 -6.97
CA SER A 391 -38.98 -9.23 -7.72
C SER A 391 -39.50 -8.23 -8.74
N TYR A 392 -40.08 -8.77 -9.82
CA TYR A 392 -40.60 -7.92 -10.88
C TYR A 392 -41.70 -7.02 -10.36
N HIS A 393 -42.64 -7.59 -9.62
CA HIS A 393 -43.58 -6.79 -8.84
C HIS A 393 -42.91 -6.38 -7.54
N GLY A 394 -42.96 -5.09 -7.26
CA GLY A 394 -42.23 -4.50 -6.16
C GLY A 394 -42.20 -3.01 -6.39
N PHE A 395 -42.14 -2.23 -5.32
CA PHE A 395 -42.40 -0.80 -5.47
C PHE A 395 -41.38 -0.12 -6.36
N LEU A 396 -40.09 -0.37 -6.12
CA LEU A 396 -39.08 0.30 -6.93
C LEU A 396 -39.13 -0.15 -8.38
N PRO A 397 -39.09 -1.45 -8.69
CA PRO A 397 -39.25 -1.87 -10.10
C PRO A 397 -40.49 -1.33 -10.78
N VAL A 398 -41.64 -1.33 -10.10
CA VAL A 398 -42.86 -0.81 -10.71
C VAL A 398 -42.74 0.68 -10.96
N LEU A 399 -42.20 1.42 -9.99
CA LEU A 399 -42.00 2.85 -10.17
C LEU A 399 -41.10 3.13 -11.36
N VAL A 400 -40.01 2.38 -11.47
CA VAL A 400 -39.10 2.49 -12.61
C VAL A 400 -39.82 2.23 -13.93
N ARG A 401 -40.57 1.13 -14.00
CA ARG A 401 -41.31 0.82 -15.21
C ARG A 401 -42.37 1.86 -15.55
N ASN A 402 -43.02 2.46 -14.56
CA ASN A 402 -43.95 3.55 -14.85
C ASN A 402 -43.24 4.80 -15.33
N CYS A 403 -42.08 5.10 -14.77
CA CYS A 403 -41.27 6.20 -15.28
C CYS A 403 -40.89 5.97 -16.73
N ILE A 404 -40.36 4.79 -17.02
CA ILE A 404 -39.95 4.43 -18.38
C ILE A 404 -41.12 4.51 -19.35
N GLN A 405 -42.26 3.92 -18.98
CA GLN A 405 -43.42 3.96 -19.88
C GLN A 405 -43.92 5.37 -20.11
N ALA A 406 -43.92 6.21 -19.08
CA ALA A 406 -44.28 7.61 -19.25
C ALA A 406 -43.27 8.36 -20.11
N MET A 407 -42.00 7.96 -20.05
CA MET A 407 -40.99 8.57 -20.89
C MET A 407 -41.15 8.16 -22.34
N ILE A 408 -41.53 6.90 -22.58
CA ILE A 408 -41.66 6.37 -23.93
C ILE A 408 -42.94 6.91 -24.58
N ASP A 409 -44.08 6.59 -23.99
CA ASP A 409 -45.35 6.89 -24.63
C ASP A 409 -45.71 8.35 -24.39
N PRO A 410 -46.09 9.10 -25.42
CA PRO A 410 -46.40 10.52 -25.20
C PRO A 410 -47.63 10.75 -24.36
N SER A 411 -48.63 9.87 -24.44
CA SER A 411 -49.88 10.13 -23.73
C SER A 411 -49.63 10.24 -22.22
N MET A 412 -48.97 9.24 -21.65
CA MET A 412 -48.75 9.22 -20.21
C MET A 412 -47.80 10.36 -19.83
N ASP A 413 -48.23 11.24 -18.94
CA ASP A 413 -47.41 12.37 -18.57
C ASP A 413 -46.06 11.92 -18.02
N PRO A 414 -44.99 12.71 -18.19
CA PRO A 414 -43.66 12.20 -17.82
C PRO A 414 -43.29 12.54 -16.39
N TYR A 415 -42.71 11.56 -15.71
CA TYR A 415 -42.26 11.81 -14.35
C TYR A 415 -41.18 12.89 -14.34
N PRO A 416 -41.23 13.84 -13.41
CA PRO A 416 -40.26 14.93 -13.41
C PRO A 416 -38.82 14.54 -13.68
N HIS A 417 -38.10 15.41 -14.37
CA HIS A 417 -36.73 15.10 -14.79
C HIS A 417 -35.87 14.78 -13.58
N GLN A 418 -35.98 15.59 -12.53
CA GLN A 418 -35.18 15.38 -11.33
C GLN A 418 -35.46 14.02 -10.72
N PHE A 419 -36.74 13.68 -10.58
CA PHE A 419 -37.10 12.41 -9.96
C PHE A 419 -36.58 11.25 -10.79
N ALA A 420 -36.73 11.33 -12.11
CA ALA A 420 -36.26 10.24 -12.96
C ALA A 420 -34.75 10.11 -12.90
N THR A 421 -34.05 11.24 -12.79
CA THR A 421 -32.60 11.20 -12.66
C THR A 421 -32.19 10.57 -11.34
N ALA A 422 -32.94 10.83 -10.28
CA ALA A 422 -32.62 10.23 -8.99
C ALA A 422 -32.89 8.74 -9.03
N LEU A 423 -33.88 8.33 -9.81
CA LEU A 423 -34.18 6.91 -9.95
C LEU A 423 -33.09 6.20 -10.72
N PHE A 424 -32.58 6.83 -11.77
CA PHE A 424 -31.61 6.11 -12.58
C PHE A 424 -30.21 6.23 -11.99
N SER A 425 -30.02 7.16 -11.06
CA SER A 425 -28.74 7.24 -10.37
C SER A 425 -28.73 6.19 -9.26
N PHE A 426 -29.89 6.02 -8.62
CA PHE A 426 -30.00 4.97 -7.61
C PHE A 426 -29.81 3.60 -8.24
N LEU A 427 -30.43 3.38 -9.41
CA LEU A 427 -30.20 2.12 -10.12
C LEU A 427 -28.73 1.94 -10.51
N TYR A 428 -28.05 3.00 -10.96
CA TYR A 428 -26.64 2.88 -11.28
C TYR A 428 -25.81 2.46 -10.07
N HIS A 429 -25.95 3.21 -8.98
CA HIS A 429 -25.18 2.93 -7.78
C HIS A 429 -25.55 1.58 -7.16
N LEU A 430 -26.81 1.19 -7.25
CA LEU A 430 -27.23 -0.13 -6.78
C LEU A 430 -26.64 -1.24 -7.63
N ALA A 431 -26.64 -1.07 -8.95
CA ALA A 431 -26.04 -2.07 -9.84
C ALA A 431 -24.55 -2.19 -9.59
N SER A 432 -23.89 -1.11 -9.20
CA SER A 432 -22.46 -1.15 -9.00
C SER A 432 -22.06 -2.06 -7.85
N TYR A 433 -23.00 -2.45 -7.01
CA TYR A 433 -22.79 -3.41 -5.93
C TYR A 433 -23.48 -4.73 -6.28
N ASP A 434 -22.79 -5.83 -5.97
CA ASP A 434 -23.23 -7.15 -6.41
C ASP A 434 -24.64 -7.49 -5.94
N ALA A 435 -25.00 -7.13 -4.72
CA ALA A 435 -26.35 -7.39 -4.23
C ALA A 435 -27.40 -6.66 -5.04
N GLY A 436 -27.08 -5.48 -5.52
CA GLY A 436 -28.02 -4.71 -6.29
C GLY A 436 -28.08 -5.21 -7.72
N GLY A 437 -26.92 -5.53 -8.29
CA GLY A 437 -26.94 -6.09 -9.63
C GLY A 437 -27.69 -7.42 -9.69
N GLU A 438 -27.53 -8.25 -8.66
CA GLU A 438 -28.32 -9.47 -8.55
C GLU A 438 -29.81 -9.19 -8.37
N ALA A 439 -30.16 -8.11 -7.69
CA ALA A 439 -31.58 -7.77 -7.60
C ALA A 439 -32.13 -7.25 -8.93
N LEU A 440 -31.36 -6.42 -9.62
CA LEU A 440 -31.76 -5.92 -10.93
C LEU A 440 -31.83 -7.03 -11.98
N VAL A 441 -31.03 -8.08 -11.82
CA VAL A 441 -31.29 -9.32 -12.55
C VAL A 441 -32.66 -9.86 -12.18
N SER A 442 -32.91 -10.04 -10.89
CA SER A 442 -34.09 -10.77 -10.46
C SER A 442 -35.39 -10.10 -10.90
N CYS A 443 -35.47 -8.77 -10.80
CA CYS A 443 -36.67 -8.08 -11.28
C CYS A 443 -36.73 -7.87 -12.78
N GLY A 444 -35.71 -8.24 -13.55
CA GLY A 444 -35.80 -8.11 -14.99
C GLY A 444 -35.79 -6.70 -15.51
N MET A 445 -35.05 -5.80 -14.86
CA MET A 445 -34.93 -4.42 -15.34
C MET A 445 -34.22 -4.29 -16.67
N MET A 446 -33.41 -5.27 -17.06
CA MET A 446 -32.81 -5.23 -18.39
C MET A 446 -33.84 -5.12 -19.51
N GLU A 447 -35.02 -5.72 -19.36
CA GLU A 447 -36.04 -5.61 -20.39
C GLU A 447 -36.58 -4.19 -20.49
N ALA A 448 -36.79 -3.54 -19.36
CA ALA A 448 -37.31 -2.17 -19.38
C ALA A 448 -36.25 -1.19 -19.86
N LEU A 449 -35.00 -1.42 -19.49
CA LEU A 449 -33.94 -0.52 -19.90
C LEU A 449 -33.62 -0.68 -21.37
N LEU A 450 -33.68 -1.90 -21.89
CA LEU A 450 -33.61 -2.07 -23.33
C LEU A 450 -34.82 -1.48 -24.04
N LYS A 451 -35.97 -1.42 -23.35
CA LYS A 451 -37.11 -0.74 -23.95
C LYS A 451 -36.79 0.74 -24.08
N VAL A 452 -36.14 1.28 -23.06
CA VAL A 452 -35.75 2.68 -23.07
C VAL A 452 -34.80 2.94 -24.23
N ILE A 453 -33.77 2.10 -24.34
CA ILE A 453 -32.73 2.31 -25.34
C ILE A 453 -33.23 2.04 -26.75
N LYS A 454 -34.42 1.44 -26.88
CA LYS A 454 -34.99 1.25 -28.21
C LYS A 454 -35.98 2.34 -28.59
N PHE A 455 -36.87 2.75 -27.69
CA PHE A 455 -37.99 3.59 -28.08
C PHE A 455 -37.85 5.06 -27.68
N LEU A 456 -36.91 5.41 -26.81
CA LEU A 456 -36.78 6.80 -26.42
C LEU A 456 -36.35 7.70 -27.57
N GLY A 457 -36.79 8.95 -27.48
CA GLY A 457 -36.61 9.94 -28.52
C GLY A 457 -35.20 10.47 -28.62
N ASP A 458 -35.06 11.66 -29.19
CA ASP A 458 -33.78 12.22 -29.59
C ASP A 458 -33.40 13.46 -28.78
N GLU A 459 -34.30 13.97 -27.96
CA GLU A 459 -34.09 15.22 -27.25
C GLU A 459 -33.10 15.02 -26.10
N GLN A 460 -32.38 16.08 -25.77
CA GLN A 460 -31.19 16.01 -24.93
C GLN A 460 -31.45 15.30 -23.59
N ASP A 461 -32.61 15.53 -22.98
CA ASP A 461 -32.95 14.85 -21.75
C ASP A 461 -33.19 13.36 -21.98
N GLN A 462 -33.85 13.02 -23.07
CA GLN A 462 -34.09 11.61 -23.37
C GLN A 462 -32.77 10.90 -23.69
N ILE A 463 -31.87 11.57 -24.41
CA ILE A 463 -30.54 11.02 -24.62
C ILE A 463 -29.85 10.74 -23.29
N THR A 464 -29.98 11.66 -22.34
CA THR A 464 -29.30 11.46 -21.07
C THR A 464 -29.89 10.29 -20.28
N PHE A 465 -31.20 10.09 -20.37
CA PHE A 465 -31.79 8.90 -19.79
C PHE A 465 -31.36 7.63 -20.51
N VAL A 466 -31.11 7.71 -21.81
CA VAL A 466 -30.61 6.55 -22.54
C VAL A 466 -29.20 6.19 -22.10
N THR A 467 -28.31 7.17 -22.00
CA THR A 467 -26.97 6.87 -21.52
C THR A 467 -26.97 6.34 -20.09
N ARG A 468 -27.87 6.84 -19.23
CA ARG A 468 -28.00 6.25 -17.91
C ARG A 468 -28.42 4.78 -17.99
N ALA A 469 -29.41 4.48 -18.82
CA ALA A 469 -29.83 3.09 -19.00
C ALA A 469 -28.72 2.23 -19.58
N VAL A 470 -27.91 2.78 -20.48
CA VAL A 470 -26.77 2.04 -21.02
C VAL A 470 -25.76 1.71 -19.94
N ARG A 471 -25.42 2.68 -19.10
CA ARG A 471 -24.47 2.42 -18.03
C ARG A 471 -25.02 1.45 -16.99
N VAL A 472 -26.33 1.39 -16.82
CA VAL A 472 -26.90 0.37 -15.95
C VAL A 472 -26.86 -1.00 -16.62
N VAL A 473 -27.17 -1.07 -17.92
CA VAL A 473 -27.07 -2.33 -18.62
C VAL A 473 -25.62 -2.81 -18.69
N ASP A 474 -24.68 -1.90 -18.54
CA ASP A 474 -23.28 -2.28 -18.44
C ASP A 474 -22.99 -2.90 -17.09
N LEU A 475 -23.42 -2.24 -16.02
CA LEU A 475 -23.13 -2.79 -14.71
C LEU A 475 -23.80 -4.15 -14.54
N ILE A 476 -25.05 -4.27 -15.00
CA ILE A 476 -25.76 -5.55 -14.89
C ILE A 476 -25.10 -6.62 -15.74
N THR A 477 -24.59 -6.27 -16.93
CA THR A 477 -23.94 -7.28 -17.76
C THR A 477 -22.54 -7.62 -17.29
N ASN A 478 -21.97 -6.86 -16.36
CA ASN A 478 -20.73 -7.36 -15.80
C ASN A 478 -20.93 -8.58 -14.93
N LEU A 479 -22.18 -9.01 -14.70
CA LEU A 479 -22.42 -10.27 -14.00
C LEU A 479 -23.53 -11.16 -14.55
N ASP A 480 -24.42 -10.69 -15.45
CA ASP A 480 -25.23 -11.60 -16.24
C ASP A 480 -25.31 -11.15 -17.68
N MET A 481 -25.17 -12.12 -18.59
CA MET A 481 -25.37 -11.89 -20.01
C MET A 481 -26.66 -12.48 -20.57
N ALA A 482 -27.24 -13.51 -19.93
CA ALA A 482 -28.30 -14.27 -20.57
C ALA A 482 -29.55 -13.44 -20.83
N ALA A 483 -29.96 -12.60 -19.89
CA ALA A 483 -31.10 -11.73 -20.12
C ALA A 483 -30.84 -10.80 -21.31
N PHE A 484 -29.69 -10.12 -21.29
CA PHE A 484 -29.33 -9.22 -22.37
C PHE A 484 -29.37 -9.93 -23.72
N GLN A 485 -28.81 -11.14 -23.77
CA GLN A 485 -28.75 -11.88 -25.03
C GLN A 485 -30.15 -12.29 -25.48
N SER A 486 -30.98 -12.76 -24.55
CA SER A 486 -32.33 -13.16 -24.89
C SER A 486 -33.20 -12.01 -25.37
N HIS A 487 -32.97 -10.80 -24.85
CA HIS A 487 -33.65 -9.61 -25.32
C HIS A 487 -32.98 -8.94 -26.52
N SER A 488 -32.04 -9.60 -27.17
CA SER A 488 -31.40 -9.06 -28.37
C SER A 488 -30.71 -7.72 -28.10
N GLY A 489 -30.25 -7.55 -26.86
CA GLY A 489 -29.78 -6.26 -26.43
C GLY A 489 -28.67 -5.71 -27.30
N LEU A 490 -27.86 -6.61 -27.87
CA LEU A 490 -26.80 -6.18 -28.77
C LEU A 490 -27.37 -5.58 -30.06
N SER A 491 -28.47 -6.14 -30.56
CA SER A 491 -29.15 -5.54 -31.69
C SER A 491 -29.79 -4.21 -31.33
N ILE A 492 -30.28 -4.08 -30.10
CA ILE A 492 -30.88 -2.82 -29.68
C ILE A 492 -29.82 -1.74 -29.57
N PHE A 493 -28.69 -2.08 -28.97
CA PHE A 493 -27.56 -1.18 -28.87
C PHE A 493 -27.08 -0.76 -30.26
N ILE A 494 -26.92 -1.71 -31.17
CA ILE A 494 -26.44 -1.41 -32.51
C ILE A 494 -27.44 -0.55 -33.29
N TYR A 495 -28.75 -0.81 -33.13
CA TYR A 495 -29.74 0.06 -33.76
C TYR A 495 -29.71 1.48 -33.20
N ARG A 496 -29.49 1.63 -31.90
CA ARG A 496 -29.43 2.97 -31.34
C ARG A 496 -28.16 3.70 -31.76
N LEU A 497 -27.05 2.98 -31.87
CA LEU A 497 -25.85 3.56 -32.45
C LEU A 497 -26.03 3.95 -33.91
N GLU A 498 -26.82 3.18 -34.66
CA GLU A 498 -27.16 3.58 -36.02
C GLU A 498 -28.04 4.82 -36.04
N HIS A 499 -29.01 4.91 -35.12
CA HIS A 499 -29.91 6.05 -35.13
C HIS A 499 -29.19 7.34 -34.75
N GLU A 500 -28.34 7.29 -33.73
CA GLU A 500 -27.58 8.48 -33.35
C GLU A 500 -26.56 8.87 -34.40
N VAL A 501 -25.86 7.91 -34.99
CA VAL A 501 -24.96 8.24 -36.10
C VAL A 501 -25.72 8.80 -37.29
N ASP A 502 -26.93 8.31 -37.55
CA ASP A 502 -27.76 8.89 -38.60
C ASP A 502 -28.22 10.30 -38.28
N LEU A 503 -28.37 10.63 -37.00
CA LEU A 503 -28.72 12.01 -36.66
C LEU A 503 -27.53 12.95 -36.72
N CYS A 504 -26.32 12.43 -36.51
CA CYS A 504 -25.11 13.20 -36.79
C CYS A 504 -24.88 13.35 -38.29
N ARG A 505 -25.19 12.30 -39.05
CA ARG A 505 -25.03 12.30 -40.50
C ARG A 505 -25.67 13.51 -41.16
N LYS A 506 -26.72 14.05 -40.57
CA LYS A 506 -27.33 15.27 -41.12
C LYS A 506 -26.41 16.47 -40.96
N GLU A 507 -25.78 16.62 -39.79
CA GLU A 507 -24.87 17.74 -39.58
C GLU A 507 -23.57 17.58 -40.35
N CYS A 508 -23.09 16.34 -40.48
CA CYS A 508 -21.73 16.08 -41.00
C CYS A 508 -21.77 14.83 -41.87
N PRO A 509 -22.31 14.93 -43.09
CA PRO A 509 -22.59 13.73 -43.87
C PRO A 509 -21.35 13.07 -44.46
N PHE A 510 -20.21 13.76 -44.46
CA PHE A 510 -19.00 13.23 -45.06
C PHE A 510 -18.68 11.84 -44.54
N VAL A 511 -18.40 10.92 -45.47
CA VAL A 511 -17.79 9.64 -45.16
C VAL A 511 -16.71 9.38 -46.21
N ILE A 512 -15.56 8.87 -45.75
CA ILE A 512 -14.50 8.50 -46.67
C ILE A 512 -15.00 7.50 -47.68
N LYS A 513 -14.77 7.79 -48.96
CA LYS A 513 -15.30 7.00 -50.06
C LYS A 513 -14.26 6.03 -50.63
N GLN A 536 -20.17 20.55 -34.61
CA GLN A 536 -19.68 19.70 -33.53
C GLN A 536 -20.78 18.78 -33.02
N CYS A 537 -20.39 17.58 -32.61
CA CYS A 537 -21.35 16.64 -32.04
C CYS A 537 -21.93 17.18 -30.75
N ILE A 538 -23.23 16.96 -30.57
CA ILE A 538 -23.92 17.34 -29.34
C ILE A 538 -23.41 16.51 -28.16
N PRO A 539 -22.92 17.14 -27.10
CA PRO A 539 -22.26 16.39 -26.01
C PRO A 539 -23.02 15.20 -25.48
N GLN A 540 -24.34 15.30 -25.31
CA GLN A 540 -25.10 14.18 -24.77
C GLN A 540 -25.12 12.99 -25.73
N ARG A 541 -25.22 13.25 -27.03
CA ARG A 541 -25.16 12.17 -27.99
C ARG A 541 -23.76 11.57 -28.06
N ALA A 542 -22.72 12.39 -27.93
CA ALA A 542 -21.37 11.87 -27.87
C ALA A 542 -21.14 11.00 -26.63
N ALA A 543 -21.73 11.38 -25.50
CA ALA A 543 -21.64 10.54 -24.30
C ALA A 543 -22.43 9.24 -24.44
N LEU A 544 -23.56 9.29 -25.14
CA LEU A 544 -24.29 8.07 -25.44
C LEU A 544 -23.44 7.13 -26.28
N LEU A 545 -22.94 7.64 -27.41
CA LEU A 545 -22.09 6.84 -28.29
C LEU A 545 -20.90 6.27 -27.52
N LYS A 546 -20.29 7.09 -26.66
CA LYS A 546 -19.12 6.66 -25.91
C LYS A 546 -19.44 5.51 -24.97
N SER A 547 -20.51 5.62 -24.18
CA SER A 547 -20.88 4.53 -23.29
C SER A 547 -21.31 3.28 -24.06
N MET A 548 -21.85 3.46 -25.25
CA MET A 548 -22.37 2.33 -26.01
C MET A 548 -21.26 1.60 -26.75
N LEU A 549 -20.27 2.33 -27.24
CA LEU A 549 -19.07 1.71 -27.78
C LEU A 549 -18.24 1.03 -26.70
N ASN A 550 -18.17 1.63 -25.51
CA ASN A 550 -17.54 0.93 -24.40
C ASN A 550 -18.25 -0.38 -24.08
N PHE A 551 -19.58 -0.38 -24.14
CA PHE A 551 -20.30 -1.64 -23.97
C PHE A 551 -19.99 -2.64 -25.06
N LEU A 552 -19.95 -2.20 -26.32
CA LEU A 552 -19.68 -3.14 -27.40
C LEU A 552 -18.27 -3.72 -27.31
N LYS A 553 -17.29 -2.89 -27.00
CA LYS A 553 -15.93 -3.36 -26.73
C LYS A 553 -15.90 -4.38 -25.59
N LYS A 554 -16.62 -4.11 -24.51
CA LYS A 554 -16.67 -5.05 -23.40
C LYS A 554 -17.32 -6.37 -23.80
N ALA A 555 -18.40 -6.30 -24.57
CA ALA A 555 -19.08 -7.52 -25.00
C ALA A 555 -18.19 -8.34 -25.91
N ILE A 556 -17.52 -7.68 -26.86
CA ILE A 556 -16.59 -8.40 -27.72
C ILE A 556 -15.51 -9.10 -26.89
N GLN A 557 -15.03 -8.43 -25.84
CA GLN A 557 -14.05 -9.09 -24.98
C GLN A 557 -14.67 -10.04 -23.97
N ASP A 558 -15.94 -10.42 -24.13
CA ASP A 558 -16.60 -11.27 -23.16
C ASP A 558 -17.06 -12.56 -23.82
N PRO A 559 -16.81 -13.72 -23.21
CA PRO A 559 -17.55 -14.93 -23.59
C PRO A 559 -19.05 -14.77 -23.36
N ALA A 560 -19.79 -15.76 -23.87
CA ALA A 560 -21.22 -15.66 -24.14
C ALA A 560 -21.58 -14.81 -25.36
N PHE A 561 -20.60 -14.16 -25.98
CA PHE A 561 -20.75 -13.71 -27.35
C PHE A 561 -19.79 -14.37 -28.34
N SER A 562 -18.75 -15.05 -27.86
CA SER A 562 -17.81 -15.70 -28.77
C SER A 562 -18.52 -16.63 -29.73
N ASP A 563 -19.56 -17.32 -29.26
CA ASP A 563 -20.57 -17.87 -30.16
C ASP A 563 -21.56 -16.76 -30.54
N GLY A 564 -21.34 -16.16 -31.71
CA GLY A 564 -22.32 -15.27 -32.33
C GLY A 564 -21.79 -13.89 -32.65
N ILE A 565 -20.62 -13.51 -32.14
CA ILE A 565 -20.12 -12.16 -32.33
C ILE A 565 -19.71 -11.92 -33.78
N ARG A 566 -19.51 -13.01 -34.52
CA ARG A 566 -19.41 -12.94 -35.99
C ARG A 566 -20.53 -12.14 -36.63
N HIS A 567 -21.70 -12.09 -36.00
CA HIS A 567 -22.85 -11.40 -36.57
C HIS A 567 -23.02 -9.99 -36.01
N VAL A 568 -21.96 -9.42 -35.44
CA VAL A 568 -21.93 -8.00 -35.15
C VAL A 568 -21.54 -7.19 -36.39
N MET A 569 -20.50 -7.63 -37.08
CA MET A 569 -19.94 -6.88 -38.20
C MET A 569 -20.59 -7.16 -39.53
N ASP A 570 -21.65 -7.95 -39.57
CA ASP A 570 -22.52 -8.01 -40.73
C ASP A 570 -23.81 -7.23 -40.53
N GLY A 571 -23.98 -6.62 -39.37
CA GLY A 571 -24.98 -5.61 -39.15
C GLY A 571 -24.59 -4.27 -39.77
N SER A 572 -25.32 -3.24 -39.35
CA SER A 572 -25.07 -1.87 -39.74
C SER A 572 -23.86 -1.26 -39.05
N LEU A 573 -23.45 -1.82 -37.91
CA LEU A 573 -22.38 -1.24 -37.09
C LEU A 573 -21.19 -0.71 -37.86
N PRO A 574 -20.55 -1.46 -38.76
CA PRO A 574 -19.40 -0.90 -39.47
C PRO A 574 -19.73 0.33 -40.30
N THR A 575 -20.95 0.44 -40.80
CA THR A 575 -21.34 1.61 -41.56
C THR A 575 -21.47 2.86 -40.70
N SER A 576 -21.69 2.69 -39.40
CA SER A 576 -21.76 3.80 -38.48
C SER A 576 -20.43 4.11 -37.80
N LEU A 577 -19.61 3.09 -37.56
CA LEU A 577 -18.23 3.32 -37.16
C LEU A 577 -17.46 4.06 -38.24
N LYS A 578 -17.66 3.64 -39.49
CA LYS A 578 -17.10 4.32 -40.65
C LYS A 578 -17.33 5.82 -40.60
N HIS A 579 -18.44 6.26 -40.01
CA HIS A 579 -18.74 7.68 -39.92
C HIS A 579 -18.03 8.35 -38.75
N ILE A 580 -17.93 7.68 -37.62
CA ILE A 580 -17.16 8.23 -36.50
C ILE A 580 -15.68 8.33 -36.88
N ILE A 581 -15.14 7.26 -37.48
CA ILE A 581 -13.74 7.28 -37.88
C ILE A 581 -13.49 8.32 -38.96
N SER A 582 -14.44 8.47 -39.89
CA SER A 582 -14.28 9.44 -40.96
C SER A 582 -14.47 10.89 -40.51
N ASN A 583 -14.90 11.15 -39.29
CA ASN A 583 -15.23 12.51 -38.87
C ASN A 583 -14.70 12.77 -37.46
N ALA A 584 -13.44 12.41 -37.24
CA ALA A 584 -12.78 12.59 -35.95
C ALA A 584 -12.74 14.04 -35.50
N GLU A 585 -13.15 14.99 -36.33
CA GLU A 585 -13.23 16.38 -35.89
C GLU A 585 -14.64 16.81 -35.49
N TYR A 586 -15.68 16.13 -35.99
CA TYR A 586 -17.02 16.41 -35.52
C TYR A 586 -17.26 15.63 -34.23
N TYR A 587 -17.02 14.33 -34.27
CA TYR A 587 -16.93 13.52 -33.07
C TYR A 587 -15.58 13.68 -32.41
N GLY A 588 -15.58 13.63 -31.09
CA GLY A 588 -14.37 13.82 -30.32
C GLY A 588 -13.30 12.78 -30.60
N PRO A 589 -12.07 13.10 -30.20
CA PRO A 589 -10.97 12.16 -30.38
C PRO A 589 -11.08 10.90 -29.53
N SER A 590 -11.63 10.98 -28.32
CA SER A 590 -11.82 9.77 -27.54
C SER A 590 -12.93 8.88 -28.10
N LEU A 591 -13.84 9.46 -28.87
CA LEU A 591 -14.85 8.65 -29.54
C LEU A 591 -14.26 8.00 -30.79
N PHE A 592 -13.49 8.75 -31.56
CA PHE A 592 -12.76 8.15 -32.68
C PHE A 592 -11.83 7.04 -32.20
N LEU A 593 -11.24 7.21 -31.02
CA LEU A 593 -10.46 6.17 -30.39
C LEU A 593 -11.30 4.95 -30.04
N LEU A 594 -12.43 5.15 -29.36
CA LEU A 594 -13.31 4.02 -29.05
C LEU A 594 -13.72 3.26 -30.30
N ALA A 595 -13.96 3.96 -31.41
CA ALA A 595 -14.35 3.28 -32.64
C ALA A 595 -13.20 2.42 -33.20
N THR A 596 -11.99 2.97 -33.20
CA THR A 596 -10.87 2.17 -33.70
C THR A 596 -10.50 1.05 -32.73
N GLU A 597 -10.81 1.21 -31.44
CA GLU A 597 -10.53 0.15 -30.48
C GLU A 597 -11.60 -0.93 -30.50
N VAL A 598 -12.84 -0.59 -30.86
CA VAL A 598 -13.85 -1.60 -31.10
C VAL A 598 -13.48 -2.45 -32.31
N VAL A 599 -12.96 -1.82 -33.37
CA VAL A 599 -12.50 -2.62 -34.49
C VAL A 599 -11.28 -3.46 -34.11
N THR A 600 -10.31 -2.87 -33.41
CA THR A 600 -9.13 -3.63 -33.04
C THR A 600 -9.48 -4.84 -32.17
N VAL A 601 -10.32 -4.65 -31.17
CA VAL A 601 -10.70 -5.75 -30.30
C VAL A 601 -11.52 -6.80 -31.03
N PHE A 602 -12.33 -6.39 -32.00
CA PHE A 602 -13.06 -7.38 -32.77
C PHE A 602 -12.12 -8.20 -33.64
N VAL A 603 -11.19 -7.54 -34.32
CA VAL A 603 -10.20 -8.23 -35.14
C VAL A 603 -9.31 -9.14 -34.32
N PHE A 604 -9.04 -8.80 -33.07
CA PHE A 604 -8.31 -9.75 -32.22
C PHE A 604 -9.18 -10.88 -31.70
N GLN A 605 -10.51 -10.72 -31.71
CA GLN A 605 -11.34 -11.86 -31.34
C GLN A 605 -11.58 -12.78 -32.54
N GLU A 606 -11.68 -12.24 -33.75
CA GLU A 606 -11.95 -13.01 -34.96
C GLU A 606 -11.10 -12.52 -36.12
N PRO A 607 -9.79 -12.79 -36.08
CA PRO A 607 -8.92 -12.34 -37.18
C PRO A 607 -9.35 -12.84 -38.55
N SER A 608 -10.10 -13.94 -38.60
CA SER A 608 -10.68 -14.42 -39.85
C SER A 608 -11.53 -13.38 -40.55
N LEU A 609 -12.38 -12.66 -39.81
CA LEU A 609 -13.34 -11.75 -40.41
C LEU A 609 -12.74 -10.39 -40.73
N LEU A 610 -11.45 -10.20 -40.48
CA LEU A 610 -10.75 -9.06 -41.04
C LEU A 610 -10.90 -9.00 -42.55
N SER A 611 -10.98 -10.15 -43.21
CA SER A 611 -11.28 -10.15 -44.64
C SER A 611 -12.64 -9.52 -44.94
N SER A 612 -13.63 -9.75 -44.08
CA SER A 612 -14.92 -9.09 -44.27
C SER A 612 -14.84 -7.60 -44.02
N LEU A 613 -14.04 -7.18 -43.05
CA LEU A 613 -13.91 -5.75 -42.77
C LEU A 613 -13.13 -5.04 -43.87
N GLN A 614 -12.21 -5.74 -44.51
CA GLN A 614 -11.53 -5.22 -45.68
C GLN A 614 -12.47 -5.19 -46.89
N ASP A 615 -13.30 -6.22 -47.04
CA ASP A 615 -14.25 -6.26 -48.14
C ASP A 615 -15.24 -5.10 -48.07
N ASN A 616 -15.66 -4.69 -46.87
CA ASN A 616 -16.52 -3.52 -46.78
C ASN A 616 -15.74 -2.23 -46.49
N GLY A 617 -14.41 -2.29 -46.46
CA GLY A 617 -13.59 -1.10 -46.48
C GLY A 617 -13.52 -0.31 -45.19
N LEU A 618 -13.88 -0.92 -44.06
CA LEU A 618 -13.71 -0.24 -42.79
C LEU A 618 -12.23 -0.04 -42.47
N THR A 619 -11.40 -1.04 -42.77
CA THR A 619 -9.97 -0.89 -42.59
C THR A 619 -9.39 0.16 -43.52
N ASP A 620 -9.97 0.31 -44.71
CA ASP A 620 -9.48 1.28 -45.67
C ASP A 620 -9.93 2.69 -45.32
N VAL A 621 -11.00 2.81 -44.55
CA VAL A 621 -11.34 4.09 -43.95
C VAL A 621 -10.46 4.39 -42.74
N MET A 622 -10.14 3.38 -41.94
CA MET A 622 -9.25 3.61 -40.80
C MET A 622 -7.88 4.07 -41.24
N LEU A 623 -7.29 3.39 -42.23
CA LEU A 623 -6.01 3.83 -42.77
C LEU A 623 -6.03 5.29 -43.19
N HIS A 624 -7.03 5.67 -43.99
CA HIS A 624 -7.15 7.06 -44.44
C HIS A 624 -7.33 8.02 -43.28
N ALA A 625 -8.07 7.64 -42.25
CA ALA A 625 -8.31 8.50 -41.11
C ALA A 625 -7.13 8.58 -40.14
N LEU A 626 -6.23 7.61 -40.16
CA LEU A 626 -5.12 7.60 -39.22
C LEU A 626 -3.79 7.99 -39.84
N LEU A 627 -3.69 7.97 -41.16
CA LEU A 627 -2.46 8.33 -41.86
C LEU A 627 -2.66 9.57 -42.72
N ILE A 628 -3.58 9.51 -43.68
CA ILE A 628 -3.66 10.50 -44.74
C ILE A 628 -4.39 11.75 -44.27
N LYS A 629 -5.50 11.56 -43.57
CA LYS A 629 -6.14 12.62 -42.82
C LYS A 629 -5.35 12.85 -41.53
N ASP A 630 -5.38 14.07 -41.03
CA ASP A 630 -4.62 14.38 -39.82
C ASP A 630 -5.16 13.61 -38.62
N VAL A 631 -4.26 12.88 -37.98
CA VAL A 631 -4.47 12.25 -36.68
C VAL A 631 -4.92 13.25 -35.62
N PRO A 632 -5.98 12.96 -34.85
CA PRO A 632 -6.34 13.83 -33.73
C PRO A 632 -5.26 13.76 -32.65
N ALA A 633 -4.76 14.93 -32.25
CA ALA A 633 -3.52 15.04 -31.48
C ALA A 633 -3.77 14.81 -29.99
N THR A 634 -3.78 13.54 -29.58
CA THR A 634 -3.89 13.25 -28.15
C THR A 634 -3.14 11.96 -27.80
N ARG A 635 -2.72 11.90 -26.54
CA ARG A 635 -1.85 10.84 -26.06
C ARG A 635 -2.41 9.46 -26.38
N GLU A 636 -3.70 9.26 -26.14
CA GLU A 636 -4.28 7.93 -26.25
C GLU A 636 -4.41 7.51 -27.69
N VAL A 637 -4.71 8.45 -28.58
CA VAL A 637 -4.79 8.16 -30.00
C VAL A 637 -3.40 7.79 -30.53
N LEU A 638 -2.40 8.61 -30.23
CA LEU A 638 -1.05 8.29 -30.66
C LEU A 638 -0.60 6.94 -30.11
N GLY A 639 -0.89 6.67 -28.84
CA GLY A 639 -0.54 5.41 -28.22
C GLY A 639 -1.18 4.19 -28.85
N SER A 640 -2.26 4.37 -29.60
CA SER A 640 -3.02 3.25 -30.14
C SER A 640 -2.79 2.97 -31.61
N LEU A 641 -2.33 3.97 -32.38
CA LEU A 641 -2.17 3.78 -33.82
C LEU A 641 -1.40 2.51 -34.15
N PRO A 642 -0.27 2.22 -33.51
CA PRO A 642 0.47 1.00 -33.85
C PRO A 642 -0.26 -0.27 -33.50
N ASN A 643 -1.10 -0.29 -32.46
CA ASN A 643 -1.90 -1.48 -32.17
C ASN A 643 -3.01 -1.66 -33.20
N VAL A 644 -3.59 -0.56 -33.65
CA VAL A 644 -4.52 -0.61 -34.76
C VAL A 644 -3.85 -1.21 -36.00
N PHE A 645 -2.69 -0.68 -36.37
CA PHE A 645 -1.96 -1.23 -37.51
C PHE A 645 -1.53 -2.68 -37.27
N SER A 646 -1.29 -3.06 -36.03
CA SER A 646 -1.06 -4.46 -35.69
C SER A 646 -2.28 -5.31 -36.00
N ALA A 647 -3.47 -4.73 -35.95
CA ALA A 647 -4.65 -5.46 -36.42
C ALA A 647 -4.78 -5.42 -37.94
N LEU A 648 -4.69 -4.23 -38.54
CA LEU A 648 -4.93 -4.10 -39.96
C LEU A 648 -3.92 -4.85 -40.82
N CYS A 649 -2.71 -5.07 -40.32
CA CYS A 649 -1.75 -5.89 -41.04
C CYS A 649 -2.05 -7.38 -40.97
N LEU A 650 -2.97 -7.81 -40.11
CA LEU A 650 -3.01 -9.19 -39.69
C LEU A 650 -3.40 -10.14 -40.81
N ASN A 651 -3.98 -9.65 -41.90
CA ASN A 651 -4.51 -10.50 -42.97
C ASN A 651 -3.56 -10.64 -44.15
N ALA A 652 -2.39 -10.03 -44.07
CA ALA A 652 -1.40 -9.97 -45.15
C ALA A 652 -1.86 -9.07 -46.29
N ARG A 653 -3.13 -9.16 -46.68
CA ARG A 653 -3.68 -8.19 -47.61
C ARG A 653 -3.72 -6.82 -46.93
N GLY A 654 -4.09 -6.82 -45.66
CA GLY A 654 -4.07 -5.60 -44.90
C GLY A 654 -2.68 -5.03 -44.80
N LEU A 655 -1.69 -5.90 -44.57
CA LEU A 655 -0.30 -5.45 -44.54
C LEU A 655 0.08 -4.78 -45.85
N GLN A 656 -0.32 -5.41 -46.97
CA GLN A 656 0.00 -4.82 -48.27
C GLN A 656 -0.60 -3.44 -48.39
N SER A 657 -1.88 -3.31 -48.01
CA SER A 657 -2.56 -2.02 -48.12
C SER A 657 -1.94 -0.99 -47.18
N PHE A 658 -1.52 -1.42 -45.99
CA PHE A 658 -0.91 -0.52 -45.02
C PHE A 658 0.44 -0.01 -45.52
N VAL A 659 1.23 -0.88 -46.14
CA VAL A 659 2.56 -0.48 -46.56
C VAL A 659 2.47 0.27 -47.89
N GLN A 660 1.35 0.14 -48.58
CA GLN A 660 1.14 0.83 -49.85
C GLN A 660 1.15 2.34 -49.67
N CYS A 661 0.61 2.84 -48.56
CA CYS A 661 0.36 4.26 -48.38
C CYS A 661 1.41 4.95 -47.52
N GLN A 662 2.66 4.48 -47.59
CA GLN A 662 3.81 5.15 -46.99
C GLN A 662 3.55 5.53 -45.53
N PRO A 663 3.19 4.55 -44.69
CA PRO A 663 2.58 4.90 -43.40
C PRO A 663 3.49 5.64 -42.44
N PHE A 664 4.77 5.28 -42.38
CA PHE A 664 5.67 5.87 -41.40
C PHE A 664 6.14 7.29 -41.74
N GLU A 665 6.21 7.64 -43.02
CA GLU A 665 6.45 9.03 -43.38
C GLU A 665 5.39 9.95 -42.78
N ARG A 666 4.17 9.46 -42.63
CA ARG A 666 3.09 10.26 -42.09
C ARG A 666 2.99 10.11 -40.58
N LEU A 667 3.16 8.89 -40.08
CA LEU A 667 2.98 8.62 -38.66
C LEU A 667 4.07 9.33 -37.85
N PHE A 668 5.29 9.39 -38.37
CA PHE A 668 6.39 9.96 -37.62
C PHE A 668 6.43 11.48 -37.71
N LYS A 669 5.72 12.08 -38.67
CA LYS A 669 5.67 13.53 -38.74
C LYS A 669 5.12 14.11 -37.45
N VAL A 670 4.41 13.29 -36.67
CA VAL A 670 3.86 13.72 -35.38
C VAL A 670 4.96 14.24 -34.47
N LEU A 671 6.15 13.64 -34.54
CA LEU A 671 7.22 14.03 -33.65
C LEU A 671 7.88 15.34 -34.01
N LEU A 672 7.68 15.83 -35.24
CA LEU A 672 8.28 17.07 -35.70
C LEU A 672 7.25 18.18 -35.86
N SER A 673 6.08 18.03 -35.26
CA SER A 673 4.96 18.93 -35.47
C SER A 673 4.58 19.60 -34.16
N PRO A 674 4.47 20.93 -34.12
CA PRO A 674 4.07 21.58 -32.86
C PRO A 674 2.65 21.28 -32.46
N ASP A 675 1.82 20.85 -33.41
CA ASP A 675 0.44 20.50 -33.11
C ASP A 675 0.34 19.35 -32.12
N TYR A 676 1.33 18.45 -32.12
CA TYR A 676 1.33 17.27 -31.27
C TYR A 676 2.22 17.40 -30.05
N LEU A 677 2.98 18.49 -29.94
CA LEU A 677 3.77 18.72 -28.74
C LEU A 677 2.95 18.75 -27.46
N PRO A 678 1.75 19.33 -27.40
CA PRO A 678 0.95 19.17 -26.18
C PRO A 678 0.58 17.73 -25.87
N ALA A 679 0.46 16.88 -26.89
CA ALA A 679 0.31 15.45 -26.63
C ALA A 679 1.59 14.82 -26.13
N MET A 680 2.75 15.32 -26.56
CA MET A 680 4.01 14.75 -26.13
C MET A 680 4.46 15.24 -24.76
N ARG A 681 3.93 16.37 -24.28
CA ARG A 681 4.38 16.90 -23.00
C ARG A 681 4.03 15.94 -21.87
N ARG A 682 4.95 15.81 -20.93
CA ARG A 682 4.76 14.88 -19.82
C ARG A 682 3.47 15.21 -19.07
N ARG A 683 2.69 14.16 -18.81
CA ARG A 683 1.48 14.28 -18.02
C ARG A 683 1.80 14.25 -16.52
N ARG A 684 0.94 14.90 -15.74
CA ARG A 684 1.07 14.97 -14.29
C ARG A 684 2.39 15.60 -13.83
N SER A 685 3.23 16.03 -14.76
CA SER A 685 4.57 16.53 -14.48
C SER A 685 5.44 15.55 -13.68
N SER A 686 5.02 14.28 -13.57
CA SER A 686 5.80 13.28 -12.87
C SER A 686 6.18 12.06 -13.69
N ASP A 687 5.58 11.85 -14.85
CA ASP A 687 6.13 10.87 -15.79
C ASP A 687 7.32 11.41 -16.56
N PRO A 688 8.16 10.51 -17.08
CA PRO A 688 9.43 10.93 -17.69
C PRO A 688 9.22 11.94 -18.81
N LEU A 689 10.28 12.71 -19.08
CA LEU A 689 10.39 13.42 -20.33
C LEU A 689 10.34 12.46 -21.52
N GLY A 690 9.48 12.79 -22.49
CA GLY A 690 9.25 11.94 -23.65
C GLY A 690 8.56 10.63 -23.39
N ASP A 691 7.85 10.49 -22.26
CA ASP A 691 7.20 9.23 -21.93
C ASP A 691 6.26 8.75 -23.03
N THR A 692 5.57 9.69 -23.69
CA THR A 692 4.62 9.32 -24.74
C THR A 692 5.26 8.97 -26.06
N ALA A 693 6.37 9.62 -26.43
CA ALA A 693 7.13 9.15 -27.57
C ALA A 693 7.80 7.82 -27.29
N SER A 694 8.19 7.57 -26.04
CA SER A 694 8.72 6.26 -25.67
C SER A 694 7.67 5.16 -25.78
N ASN A 695 6.45 5.42 -25.30
CA ASN A 695 5.36 4.46 -25.50
C ASN A 695 5.07 4.23 -26.97
N LEU A 696 4.90 5.31 -27.75
CA LEU A 696 4.69 5.16 -29.19
C LEU A 696 5.80 4.34 -29.84
N GLY A 697 7.05 4.58 -29.45
CA GLY A 697 8.15 3.82 -30.02
C GLY A 697 8.12 2.35 -29.64
N SER A 698 7.77 2.05 -28.39
CA SER A 698 7.67 0.65 -28.00
C SER A 698 6.52 -0.05 -28.70
N ALA A 699 5.47 0.69 -29.03
CA ALA A 699 4.35 0.11 -29.76
C ALA A 699 4.69 -0.11 -31.23
N VAL A 700 5.43 0.82 -31.85
CA VAL A 700 5.93 0.58 -33.20
C VAL A 700 6.95 -0.55 -33.22
N ASP A 701 7.69 -0.74 -32.13
CA ASP A 701 8.56 -1.89 -32.00
C ASP A 701 7.78 -3.19 -31.97
N GLU A 702 6.77 -3.29 -31.11
CA GLU A 702 5.90 -4.45 -31.13
C GLU A 702 5.26 -4.68 -32.50
N LEU A 703 4.86 -3.60 -33.17
CA LEU A 703 4.29 -3.71 -34.51
C LEU A 703 5.26 -4.34 -35.50
N MET A 704 6.45 -3.77 -35.64
CA MET A 704 7.38 -4.26 -36.64
C MET A 704 8.24 -5.43 -36.18
N ARG A 705 8.11 -5.86 -34.93
CA ARG A 705 8.52 -7.21 -34.57
C ARG A 705 7.46 -8.26 -34.87
N HIS A 706 6.18 -7.87 -34.90
CA HIS A 706 5.18 -8.74 -35.53
C HIS A 706 5.37 -8.81 -37.04
N GLN A 707 5.71 -7.69 -37.67
CA GLN A 707 5.70 -7.54 -39.12
C GLN A 707 7.07 -7.11 -39.63
N PRO A 708 8.05 -8.02 -39.64
CA PRO A 708 9.43 -7.61 -39.93
C PRO A 708 9.62 -6.90 -41.26
N THR A 709 8.74 -7.15 -42.24
CA THR A 709 8.85 -6.46 -43.52
C THR A 709 8.83 -4.96 -43.37
N LEU A 710 8.27 -4.45 -42.29
CA LEU A 710 8.15 -3.01 -42.07
C LEU A 710 9.41 -2.40 -41.48
N LYS A 711 10.26 -3.22 -40.85
CA LYS A 711 11.45 -2.72 -40.18
C LYS A 711 12.29 -1.78 -41.05
N THR A 712 12.49 -2.13 -42.31
CA THR A 712 13.36 -1.32 -43.16
C THR A 712 12.75 0.04 -43.46
N ASP A 713 11.42 0.12 -43.55
CA ASP A 713 10.78 1.39 -43.86
C ASP A 713 10.64 2.22 -42.61
N ALA A 714 10.43 1.57 -41.47
CA ALA A 714 10.43 2.29 -40.21
C ALA A 714 11.76 2.97 -39.97
N THR A 715 12.87 2.22 -40.07
CA THR A 715 14.17 2.85 -39.93
C THR A 715 14.51 3.85 -41.05
N THR A 716 13.91 3.72 -42.23
CA THR A 716 14.06 4.79 -43.21
C THR A 716 13.37 6.07 -42.78
N ALA A 717 12.18 5.96 -42.19
CA ALA A 717 11.49 7.16 -41.74
C ALA A 717 12.08 7.75 -40.48
N ILE A 718 12.66 6.92 -39.62
CA ILE A 718 13.47 7.44 -38.52
C ILE A 718 14.63 8.26 -39.04
N ILE A 719 15.37 7.72 -39.99
CA ILE A 719 16.51 8.46 -40.54
C ILE A 719 16.08 9.73 -41.26
N LYS A 720 14.90 9.74 -41.88
CA LYS A 720 14.36 10.98 -42.41
C LYS A 720 13.95 11.98 -41.32
N LEU A 721 13.52 11.48 -40.16
CA LEU A 721 13.29 12.40 -39.03
C LEU A 721 14.59 13.07 -38.63
N LEU A 722 15.64 12.27 -38.47
CA LEU A 722 16.91 12.81 -38.06
C LEU A 722 17.47 13.79 -39.09
N GLU A 723 17.40 13.44 -40.37
CA GLU A 723 17.84 14.35 -41.42
C GLU A 723 17.04 15.65 -41.44
N GLU A 724 15.77 15.61 -41.07
CA GLU A 724 15.02 16.86 -41.01
C GLU A 724 15.32 17.67 -39.76
N ILE A 725 15.58 17.02 -38.63
CA ILE A 725 16.06 17.74 -37.47
C ILE A 725 17.40 18.42 -37.76
N CYS A 726 18.28 17.74 -38.50
CA CYS A 726 19.50 18.38 -38.97
C CYS A 726 19.20 19.59 -39.85
N ASN A 727 18.24 19.47 -40.77
CA ASN A 727 17.90 20.62 -41.60
C ASN A 727 17.41 21.79 -40.75
N LEU A 728 16.49 21.52 -39.83
CA LEU A 728 15.96 22.55 -38.94
C LEU A 728 17.01 23.12 -38.00
N GLY A 729 18.13 22.43 -37.79
CA GLY A 729 19.17 22.97 -36.96
C GLY A 729 20.30 23.65 -37.70
N ARG A 730 20.39 23.38 -39.00
CA ARG A 730 21.51 23.86 -39.80
C ARG A 730 21.32 25.26 -40.37
N ASP A 731 20.18 25.52 -41.01
CA ASP A 731 20.06 26.79 -41.72
C ASP A 731 19.72 27.94 -40.76
N PRO A 732 20.10 29.17 -41.14
CA PRO A 732 19.97 30.28 -40.19
C PRO A 732 18.55 30.72 -39.92
N LYS A 733 17.60 30.41 -40.81
CA LYS A 733 16.33 31.11 -40.78
C LYS A 733 15.49 30.70 -39.58
N TYR A 734 15.71 29.51 -39.05
CA TYR A 734 15.06 29.11 -37.81
C TYR A 734 15.90 29.54 -36.62
N ILE A 735 15.23 29.80 -35.51
CA ILE A 735 15.87 30.06 -34.23
C ILE A 735 15.18 29.17 -33.20
N CYS A 736 15.96 28.49 -32.37
CA CYS A 736 15.38 27.65 -31.34
C CYS A 736 14.73 28.48 -30.25
N GLN A 737 13.43 28.27 -30.04
CA GLN A 737 12.72 28.76 -28.88
C GLN A 737 12.90 27.81 -27.70
N LYS A 738 12.87 28.37 -26.49
CA LYS A 738 13.13 27.60 -25.28
C LYS A 738 12.27 26.34 -25.23
N ILE A 799 12.49 32.60 -37.40
CA ILE A 799 11.26 32.06 -36.86
C ILE A 799 11.54 31.07 -35.73
N PRO A 800 10.83 31.21 -34.61
CA PRO A 800 11.05 30.28 -33.49
C PRO A 800 10.56 28.88 -33.82
N ILE A 801 11.37 27.89 -33.45
CA ILE A 801 11.02 26.49 -33.64
C ILE A 801 11.36 25.70 -32.38
N PRO A 802 10.49 24.80 -31.91
CA PRO A 802 10.74 24.02 -30.69
C PRO A 802 11.63 22.81 -30.94
N LEU A 803 12.87 23.08 -31.35
CA LEU A 803 13.77 22.03 -31.82
C LEU A 803 14.20 21.11 -30.69
N MET A 804 14.40 21.63 -29.49
CA MET A 804 14.91 20.80 -28.40
C MET A 804 13.86 19.81 -27.93
N ASP A 805 12.58 20.18 -28.00
CA ASP A 805 11.50 19.23 -27.73
C ASP A 805 11.41 18.17 -28.82
N TYR A 806 11.60 18.56 -30.07
CA TYR A 806 11.67 17.58 -31.15
C TYR A 806 12.78 16.57 -30.87
N ILE A 807 13.95 17.07 -30.47
CA ILE A 807 15.09 16.19 -30.27
C ILE A 807 14.88 15.29 -29.07
N LEU A 808 14.19 15.75 -28.04
CA LEU A 808 13.92 14.86 -26.93
C LEU A 808 12.90 13.79 -27.31
N ASN A 809 11.91 14.14 -28.12
CA ASN A 809 10.82 13.22 -28.38
C ASN A 809 11.25 12.17 -29.39
N VAL A 810 11.97 12.61 -30.42
CA VAL A 810 12.51 11.68 -31.41
C VAL A 810 13.48 10.72 -30.76
N MET A 811 14.32 11.22 -29.86
CA MET A 811 15.31 10.35 -29.25
C MET A 811 14.69 9.35 -28.29
N LYS A 812 13.64 9.75 -27.56
CA LYS A 812 12.94 8.75 -26.75
C LYS A 812 12.22 7.72 -27.62
N PHE A 813 11.76 8.13 -28.79
CA PHE A 813 11.15 7.21 -29.74
C PHE A 813 12.17 6.21 -30.27
N VAL A 814 13.30 6.72 -30.77
CA VAL A 814 14.33 5.85 -31.32
C VAL A 814 14.90 4.95 -30.22
N GLU A 815 15.11 5.49 -29.02
CA GLU A 815 15.62 4.67 -27.94
C GLU A 815 14.68 3.50 -27.68
N SER A 816 13.38 3.78 -27.59
CA SER A 816 12.45 2.71 -27.28
C SER A 816 12.54 1.65 -28.35
N ILE A 817 12.52 2.08 -29.62
CA ILE A 817 12.54 1.11 -30.71
C ILE A 817 13.80 0.25 -30.62
N LEU A 818 14.96 0.90 -30.63
CA LEU A 818 16.21 0.18 -30.73
C LEU A 818 16.44 -0.73 -29.52
N SER A 819 16.09 -0.27 -28.31
CA SER A 819 16.42 -0.97 -27.08
C SER A 819 15.29 -1.80 -26.50
N ASN A 820 14.15 -1.93 -27.20
CA ASN A 820 13.01 -2.61 -26.58
C ASN A 820 13.29 -4.10 -26.44
N ASN A 821 13.55 -4.78 -27.55
CA ASN A 821 13.71 -6.23 -27.54
C ASN A 821 15.11 -6.68 -27.19
N THR A 822 16.11 -5.80 -27.26
CA THR A 822 17.49 -6.17 -26.98
C THR A 822 17.90 -7.39 -27.81
N THR A 823 17.58 -7.32 -29.10
CA THR A 823 17.95 -8.35 -30.07
C THR A 823 18.87 -7.80 -31.16
N ASP A 824 19.17 -6.50 -31.15
CA ASP A 824 20.11 -5.86 -32.06
C ASP A 824 19.78 -6.10 -33.53
N ASP A 825 18.49 -6.17 -33.84
CA ASP A 825 18.05 -6.22 -35.23
C ASP A 825 17.69 -4.83 -35.74
N HIS A 826 17.16 -4.00 -34.85
CA HIS A 826 16.84 -2.63 -35.18
C HIS A 826 18.12 -1.80 -35.19
N CYS A 827 19.00 -2.04 -34.21
CA CYS A 827 20.27 -1.33 -34.18
C CYS A 827 21.05 -1.64 -35.44
N GLN A 828 21.11 -2.91 -35.84
CA GLN A 828 21.87 -3.29 -37.02
C GLN A 828 21.28 -2.63 -38.26
N GLU A 829 19.95 -2.69 -38.40
CA GLU A 829 19.32 -2.11 -39.57
C GLU A 829 19.60 -0.62 -39.63
N PHE A 830 19.43 0.07 -38.50
CA PHE A 830 19.61 1.52 -38.44
C PHE A 830 21.05 1.91 -38.75
N VAL A 831 22.02 1.18 -38.20
CA VAL A 831 23.42 1.51 -38.43
C VAL A 831 23.81 1.20 -39.87
N ASN A 832 23.18 0.20 -40.48
CA ASN A 832 23.56 -0.19 -41.83
C ASN A 832 22.90 0.70 -42.87
N GLN A 833 21.89 1.46 -42.47
CA GLN A 833 21.26 2.45 -43.32
C GLN A 833 21.84 3.85 -43.11
N LYS A 834 23.00 3.95 -42.45
CA LYS A 834 23.74 5.21 -42.28
C LYS A 834 23.01 6.23 -41.40
N GLY A 835 22.28 5.76 -40.39
CA GLY A 835 21.56 6.66 -39.50
C GLY A 835 22.41 7.31 -38.43
N LEU A 836 23.60 6.75 -38.16
CA LEU A 836 24.46 7.31 -37.12
C LEU A 836 25.04 8.66 -37.48
N LEU A 837 25.24 8.94 -38.77
CA LEU A 837 25.63 10.29 -39.16
C LEU A 837 24.54 11.30 -38.82
N PRO A 838 23.29 11.15 -39.29
CA PRO A 838 22.24 12.08 -38.87
C PRO A 838 22.03 12.15 -37.37
N LEU A 839 22.23 11.04 -36.67
CA LEU A 839 22.11 11.06 -35.21
C LEU A 839 23.18 11.93 -34.58
N VAL A 840 24.45 11.60 -34.85
CA VAL A 840 25.55 12.27 -34.17
C VAL A 840 25.71 13.72 -34.63
N THR A 841 25.22 14.06 -35.82
CA THR A 841 25.23 15.46 -36.26
C THR A 841 24.33 16.35 -35.43
N ILE A 842 23.32 15.81 -34.76
CA ILE A 842 22.37 16.61 -34.01
C ILE A 842 23.02 17.36 -32.88
N LEU A 843 24.16 16.88 -32.39
CA LEU A 843 24.88 17.57 -31.33
C LEU A 843 25.49 18.87 -31.81
N GLY A 844 25.99 18.91 -33.03
CA GLY A 844 26.68 20.04 -33.62
C GLY A 844 25.84 21.11 -34.29
N LEU A 845 24.54 21.15 -34.06
CA LEU A 845 23.66 21.97 -34.89
C LEU A 845 23.82 23.45 -34.57
N PRO A 846 24.19 24.28 -35.55
CA PRO A 846 24.44 25.71 -35.26
C PRO A 846 23.38 26.42 -34.44
N ASN A 847 22.10 26.23 -34.73
CA ASN A 847 21.06 27.03 -34.11
C ASN A 847 20.47 26.39 -32.86
N LEU A 848 21.08 25.32 -32.37
CA LEU A 848 20.77 24.85 -31.04
C LEU A 848 21.33 25.81 -30.01
N PRO A 849 20.66 25.95 -28.86
CA PRO A 849 21.07 26.96 -27.89
C PRO A 849 22.35 26.57 -27.14
N ILE A 850 22.88 27.56 -26.42
CA ILE A 850 24.09 27.37 -25.64
C ILE A 850 23.86 26.39 -24.49
N ASP A 851 22.69 26.44 -23.88
CA ASP A 851 22.34 25.52 -22.81
C ASP A 851 21.86 24.16 -23.31
N PHE A 852 22.08 23.84 -24.58
CA PHE A 852 21.75 22.51 -25.08
C PHE A 852 22.54 21.42 -24.40
N PRO A 853 23.87 21.50 -24.27
CA PRO A 853 24.65 20.33 -23.86
C PRO A 853 24.25 19.80 -22.49
N THR A 854 23.80 20.67 -21.60
CA THR A 854 23.32 20.26 -20.29
C THR A 854 21.89 19.76 -20.32
N SER A 855 21.23 19.87 -21.47
CA SER A 855 19.81 19.57 -21.57
C SER A 855 19.53 18.07 -21.68
N ALA A 856 18.30 17.73 -21.30
CA ALA A 856 17.79 16.38 -21.43
C ALA A 856 17.73 15.91 -22.87
N ALA A 857 17.73 16.83 -23.84
CA ALA A 857 17.81 16.42 -25.23
C ALA A 857 19.22 15.96 -25.61
N CYS A 858 20.24 16.54 -25.02
CA CYS A 858 21.59 16.06 -25.27
C CYS A 858 21.82 14.76 -24.52
N GLN A 859 21.27 14.65 -23.31
CA GLN A 859 21.37 13.37 -22.61
C GLN A 859 20.57 12.28 -23.32
N ALA A 860 19.49 12.64 -24.02
CA ALA A 860 18.76 11.69 -24.86
C ALA A 860 19.58 11.23 -26.06
N VAL A 861 20.27 12.16 -26.74
CA VAL A 861 21.10 11.74 -27.86
C VAL A 861 22.24 10.86 -27.38
N ALA A 862 22.84 11.23 -26.26
CA ALA A 862 23.89 10.41 -25.67
C ALA A 862 23.36 9.04 -25.28
N GLY A 863 22.14 8.97 -24.77
CA GLY A 863 21.54 7.69 -24.44
C GLY A 863 21.27 6.81 -25.64
N VAL A 864 20.86 7.40 -26.76
CA VAL A 864 20.70 6.61 -27.97
C VAL A 864 22.04 6.10 -28.48
N CYS A 865 23.08 6.94 -28.46
CA CYS A 865 24.42 6.46 -28.79
C CYS A 865 24.88 5.34 -27.88
N LYS A 866 24.68 5.49 -26.56
CA LYS A 866 25.03 4.44 -25.62
C LYS A 866 24.23 3.16 -25.87
N SER A 867 22.95 3.28 -26.21
CA SER A 867 22.16 2.09 -26.53
C SER A 867 22.71 1.40 -27.76
N ILE A 868 23.12 2.15 -28.77
CA ILE A 868 23.65 1.52 -29.97
C ILE A 868 24.98 0.85 -29.68
N LEU A 869 25.84 1.54 -28.94
CA LEU A 869 27.11 0.96 -28.53
C LEU A 869 26.91 -0.33 -27.73
N THR A 870 26.09 -0.29 -26.69
CA THR A 870 25.96 -1.44 -25.80
C THR A 870 25.15 -2.58 -26.39
N LEU A 871 24.22 -2.31 -27.31
CA LEU A 871 23.57 -3.39 -28.03
C LEU A 871 24.45 -4.00 -29.11
N SER A 872 24.87 -3.18 -30.07
CA SER A 872 25.56 -3.66 -31.25
C SER A 872 27.05 -3.94 -31.01
N HIS A 873 27.60 -3.50 -29.88
CA HIS A 873 29.04 -3.59 -29.64
C HIS A 873 29.81 -2.89 -30.76
N GLU A 874 29.24 -1.79 -31.30
CA GLU A 874 29.72 -1.21 -32.54
C GLU A 874 30.59 0.00 -32.24
N PRO A 875 31.83 0.04 -32.74
CA PRO A 875 32.65 1.27 -32.63
C PRO A 875 32.14 2.46 -33.43
N LYS A 876 31.25 2.24 -34.40
CA LYS A 876 30.96 3.27 -35.39
C LYS A 876 30.38 4.53 -34.78
N VAL A 877 29.74 4.41 -33.62
CA VAL A 877 29.19 5.60 -32.96
C VAL A 877 30.32 6.49 -32.49
N LEU A 878 31.35 5.90 -31.90
CA LEU A 878 32.50 6.65 -31.43
C LEU A 878 33.33 7.16 -32.60
N GLN A 879 33.60 6.32 -33.58
CA GLN A 879 34.30 6.78 -34.78
C GLN A 879 33.65 8.02 -35.39
N GLU A 880 32.32 8.01 -35.57
CA GLU A 880 31.65 9.17 -36.15
C GLU A 880 31.61 10.37 -35.21
N GLY A 881 31.43 10.13 -33.91
CA GLY A 881 31.53 11.23 -32.95
C GLY A 881 32.90 11.87 -32.95
N LEU A 882 33.94 11.07 -33.10
CA LEU A 882 35.29 11.61 -33.09
C LEU A 882 35.60 12.34 -34.38
N LEU A 883 35.09 11.86 -35.51
CA LEU A 883 35.26 12.58 -36.76
C LEU A 883 34.64 13.96 -36.68
N GLN A 884 33.41 14.05 -36.15
CA GLN A 884 32.74 15.34 -36.10
C GLN A 884 33.30 16.24 -35.01
N LEU A 885 33.73 15.66 -33.89
CA LEU A 885 34.39 16.47 -32.87
C LEU A 885 35.72 17.02 -33.36
N ASP A 886 36.53 16.20 -34.04
CA ASP A 886 37.74 16.70 -34.66
C ASP A 886 37.44 17.81 -35.66
N SER A 887 36.32 17.71 -36.38
CA SER A 887 35.93 18.77 -37.30
C SER A 887 35.62 20.06 -36.55
N ILE A 888 35.02 19.95 -35.37
CA ILE A 888 34.66 21.15 -34.62
C ILE A 888 35.86 21.75 -33.92
N LEU A 889 36.70 20.91 -33.33
CA LEU A 889 37.95 21.37 -32.72
C LEU A 889 38.86 22.06 -33.72
N SER A 890 38.89 21.57 -34.97
CA SER A 890 39.71 22.25 -35.96
C SER A 890 39.16 23.63 -36.32
N SER A 891 37.91 23.92 -35.99
CA SER A 891 37.32 25.22 -36.33
C SER A 891 37.72 26.33 -35.37
N LEU A 892 38.12 26.01 -34.14
CA LEU A 892 38.25 26.99 -33.07
C LEU A 892 39.69 27.16 -32.59
N GLU A 893 40.66 26.78 -33.40
CA GLU A 893 42.07 27.13 -33.21
C GLU A 893 42.33 28.61 -32.92
N PRO A 894 41.53 29.55 -33.43
CA PRO A 894 41.68 30.95 -32.98
C PRO A 894 41.46 31.16 -31.49
N LEU A 895 40.85 30.20 -30.79
CA LEU A 895 40.79 30.27 -29.33
C LEU A 895 42.16 29.99 -28.71
N HIS A 896 42.99 29.19 -29.38
CA HIS A 896 44.31 28.84 -28.89
C HIS A 896 45.33 29.97 -29.07
N ARG A 897 45.16 30.79 -30.11
CA ARG A 897 46.12 31.84 -30.42
C ARG A 897 45.79 33.10 -29.63
N PRO A 898 46.71 33.60 -28.79
CA PRO A 898 46.37 34.79 -27.98
C PRO A 898 46.33 36.08 -28.78
N ILE A 899 45.99 37.16 -28.08
CA ILE A 899 45.87 38.48 -28.71
C ILE A 899 47.19 38.94 -29.31
N GLU A 900 48.30 38.60 -28.67
CA GLU A 900 49.64 39.05 -29.06
C GLU A 900 49.74 40.56 -28.99
N SER A 901 49.03 41.13 -28.02
CA SER A 901 49.05 42.55 -27.69
C SER A 901 48.43 42.67 -26.30
N PRO A 902 48.48 43.84 -25.68
CA PRO A 902 47.75 43.93 -24.42
C PRO A 902 46.28 43.70 -24.72
N GLY A 903 45.80 42.52 -24.34
CA GLY A 903 44.48 42.08 -24.74
C GLY A 903 43.93 41.04 -23.78
N GLY A 904 42.62 40.88 -23.82
CA GLY A 904 41.92 40.01 -22.90
C GLY A 904 41.49 38.73 -23.56
N SER A 905 40.19 38.46 -23.54
CA SER A 905 39.67 37.17 -23.98
C SER A 905 39.40 37.19 -25.48
N VAL A 906 39.68 36.05 -26.11
CA VAL A 906 39.31 35.87 -27.52
C VAL A 906 37.80 35.78 -27.66
N LEU A 907 37.14 35.08 -26.75
CA LEU A 907 35.69 35.07 -26.77
C LEU A 907 35.10 36.47 -26.60
N LEU A 908 35.79 37.35 -25.88
CA LEU A 908 35.30 38.71 -25.69
C LEU A 908 35.78 39.67 -26.77
N ARG A 909 36.71 39.24 -27.60
CA ARG A 909 37.11 40.02 -28.76
C ARG A 909 36.39 39.58 -30.00
N GLU A 910 35.76 38.41 -29.94
CA GLU A 910 34.93 37.91 -31.02
C GLU A 910 33.51 38.41 -30.76
N LEU A 911 33.12 38.47 -29.49
CA LEU A 911 31.84 39.07 -29.12
C LEU A 911 31.88 40.56 -29.39
N ALA A 912 32.84 41.26 -28.79
CA ALA A 912 32.85 42.72 -28.86
C ALA A 912 32.94 43.20 -30.30
N CYS A 913 33.74 42.54 -31.11
CA CYS A 913 33.84 42.90 -32.53
C CYS A 913 32.62 42.47 -33.33
N ALA A 914 31.54 42.00 -32.71
CA ALA A 914 30.32 41.63 -33.44
C ALA A 914 29.42 42.84 -33.64
N GLY A 915 29.98 43.96 -34.05
CA GLY A 915 29.16 45.15 -34.28
C GLY A 915 28.44 45.52 -32.99
N ASN A 916 27.14 45.82 -33.13
CA ASN A 916 26.31 46.19 -31.97
C ASN A 916 25.08 45.28 -31.86
N VAL A 917 25.14 44.07 -32.41
CA VAL A 917 23.96 43.22 -32.43
C VAL A 917 23.47 43.01 -30.99
N ALA A 918 22.16 43.14 -30.81
CA ALA A 918 21.62 43.10 -29.45
C ALA A 918 21.94 41.79 -28.75
N ASP A 919 21.79 40.66 -29.44
CA ASP A 919 22.17 39.35 -28.90
C ASP A 919 22.97 38.59 -29.95
N ALA A 920 24.29 38.76 -29.90
CA ALA A 920 25.18 38.06 -30.81
C ALA A 920 25.16 36.56 -30.55
N THR A 921 25.12 36.17 -29.27
CA THR A 921 25.24 34.78 -28.86
C THR A 921 24.09 33.91 -29.34
N LEU A 922 23.03 34.51 -29.90
CA LEU A 922 21.95 33.74 -30.51
C LEU A 922 22.20 33.42 -31.99
N SER A 923 23.30 33.88 -32.56
CA SER A 923 23.59 33.68 -33.98
C SER A 923 24.88 32.90 -34.16
N ALA A 924 24.84 31.89 -35.02
CA ALA A 924 26.00 31.04 -35.25
C ALA A 924 27.07 31.73 -36.08
N GLN A 925 26.73 32.81 -36.78
CA GLN A 925 27.73 33.61 -37.46
C GLN A 925 28.23 34.73 -36.57
N ALA A 926 27.40 35.18 -35.63
CA ALA A 926 27.82 36.22 -34.70
C ALA A 926 28.85 35.69 -33.71
N THR A 927 28.69 34.44 -33.27
CA THR A 927 29.61 33.81 -32.31
C THR A 927 29.93 32.39 -32.73
N PRO A 928 30.84 32.24 -33.69
CA PRO A 928 31.16 30.90 -34.20
C PRO A 928 31.90 30.07 -33.18
N LEU A 929 32.79 30.70 -32.40
CA LEU A 929 33.57 29.95 -31.44
C LEU A 929 32.73 29.55 -30.24
N LEU A 930 31.83 30.43 -29.78
CA LEU A 930 30.92 30.04 -28.72
C LEU A 930 29.98 28.91 -29.14
N HIS A 931 29.54 28.89 -30.40
CA HIS A 931 28.72 27.77 -30.82
C HIS A 931 29.52 26.50 -31.15
N ALA A 932 30.80 26.63 -31.48
CA ALA A 932 31.63 25.44 -31.58
C ALA A 932 31.99 24.90 -30.21
N LEU A 933 32.16 25.79 -29.24
CA LEU A 933 32.29 25.38 -27.85
C LEU A 933 31.11 24.54 -27.44
N THR A 934 29.89 25.04 -27.65
CA THR A 934 28.72 24.34 -27.17
C THR A 934 28.32 23.16 -28.05
N ALA A 935 28.93 23.00 -29.22
CA ALA A 935 28.86 21.71 -29.92
C ALA A 935 29.83 20.68 -29.35
N ALA A 936 31.09 21.08 -29.17
CA ALA A 936 32.07 20.22 -28.54
C ALA A 936 31.61 19.75 -27.17
N HIS A 937 30.98 20.63 -26.40
CA HIS A 937 30.42 20.24 -25.11
C HIS A 937 29.41 19.12 -25.23
N ALA A 938 28.53 19.17 -26.22
CA ALA A 938 27.55 18.12 -26.40
C ALA A 938 28.18 16.80 -26.82
N TYR A 939 29.17 16.85 -27.70
CA TYR A 939 29.90 15.64 -28.03
C TYR A 939 30.63 15.07 -26.82
N ILE A 940 31.27 15.92 -26.04
CA ILE A 940 31.98 15.48 -24.85
C ILE A 940 31.04 14.85 -23.83
N MET A 941 29.85 15.42 -23.65
CA MET A 941 28.86 14.78 -22.79
C MET A 941 28.34 13.47 -23.35
N MET A 942 28.47 13.25 -24.66
CA MET A 942 28.12 11.94 -25.19
C MET A 942 29.23 10.94 -24.94
N PHE A 943 30.47 11.39 -25.02
CA PHE A 943 31.58 10.51 -24.71
C PHE A 943 31.66 10.20 -23.22
N VAL A 944 31.29 11.14 -22.37
CA VAL A 944 31.09 10.85 -20.96
C VAL A 944 30.08 9.73 -20.78
N HIS A 945 28.93 9.86 -21.45
CA HIS A 945 27.86 8.89 -21.22
C HIS A 945 28.27 7.51 -21.70
N THR A 946 29.00 7.44 -22.81
CA THR A 946 29.47 6.15 -23.31
C THR A 946 30.70 5.61 -22.58
N CYS A 947 31.46 6.44 -21.87
CA CYS A 947 32.48 5.91 -20.97
C CYS A 947 31.91 5.40 -19.66
N ARG A 948 30.77 5.91 -19.22
CA ARG A 948 30.17 5.43 -17.98
C ARG A 948 29.51 4.06 -18.20
N VAL A 949 30.33 3.11 -18.63
CA VAL A 949 29.88 1.80 -19.08
C VAL A 949 30.72 0.72 -18.40
N GLY A 950 30.06 -0.32 -17.88
CA GLY A 950 30.73 -1.38 -17.15
C GLY A 950 30.97 -2.68 -17.89
N GLN A 951 30.46 -2.83 -19.11
CA GLN A 951 30.80 -3.97 -19.95
C GLN A 951 32.25 -3.88 -20.41
N SER A 952 33.08 -4.81 -19.93
CA SER A 952 34.49 -4.83 -20.28
C SER A 952 34.74 -4.78 -21.78
N GLU A 953 33.83 -5.35 -22.57
CA GLU A 953 34.00 -5.29 -24.02
C GLU A 953 33.78 -3.88 -24.54
N ILE A 954 32.82 -3.18 -23.98
CA ILE A 954 32.54 -1.83 -24.43
C ILE A 954 33.64 -0.89 -23.97
N ARG A 955 34.15 -1.10 -22.75
CA ARG A 955 35.36 -0.44 -22.31
C ARG A 955 36.51 -0.68 -23.27
N SER A 956 36.67 -1.92 -23.74
CA SER A 956 37.79 -2.22 -24.62
C SER A 956 37.66 -1.53 -25.96
N ILE A 957 36.46 -1.49 -26.52
CA ILE A 957 36.33 -0.87 -27.84
C ILE A 957 36.34 0.66 -27.72
N SER A 958 35.86 1.22 -26.61
CA SER A 958 36.08 2.63 -26.32
C SER A 958 37.56 2.96 -26.28
N VAL A 959 38.33 2.20 -25.51
CA VAL A 959 39.76 2.47 -25.40
C VAL A 959 40.46 2.29 -26.74
N ASN A 960 40.08 1.26 -27.50
CA ASN A 960 40.65 1.08 -28.83
C ASN A 960 40.34 2.23 -29.76
N GLN A 961 39.19 2.89 -29.58
CA GLN A 961 38.89 4.08 -30.39
C GLN A 961 39.65 5.31 -29.92
N TRP A 962 39.63 5.59 -28.62
CA TRP A 962 40.39 6.72 -28.08
C TRP A 962 41.89 6.57 -28.30
N GLY A 963 42.38 5.35 -28.40
CA GLY A 963 43.77 5.10 -28.71
C GLY A 963 44.13 5.22 -30.18
N SER A 964 43.18 5.61 -31.03
CA SER A 964 43.41 5.60 -32.45
C SER A 964 44.19 6.85 -32.86
N GLN A 965 44.60 6.88 -34.13
CA GLN A 965 45.17 8.10 -34.69
C GLN A 965 44.21 9.28 -34.57
N LEU A 966 42.93 9.04 -34.83
CA LEU A 966 41.92 10.08 -34.65
C LEU A 966 41.62 10.32 -33.18
N GLY A 967 41.59 9.26 -32.38
CA GLY A 967 41.34 9.44 -30.98
C GLY A 967 42.36 10.33 -30.31
N LEU A 968 43.64 10.08 -30.57
CA LEU A 968 44.71 10.92 -30.03
C LEU A 968 44.85 12.28 -30.70
N SER A 969 44.45 12.44 -31.96
CA SER A 969 44.36 13.79 -32.52
C SER A 969 43.31 14.61 -31.80
N VAL A 970 42.17 14.00 -31.52
CA VAL A 970 41.13 14.67 -30.76
C VAL A 970 41.61 14.96 -29.35
N LEU A 971 42.26 13.99 -28.72
CA LEU A 971 42.65 14.15 -27.33
C LEU A 971 43.73 15.22 -27.14
N SER A 972 44.63 15.35 -28.11
CA SER A 972 45.55 16.49 -28.14
C SER A 972 44.83 17.81 -28.29
N LYS A 973 43.85 17.87 -29.18
CA LYS A 973 43.14 19.13 -29.37
C LYS A 973 42.26 19.48 -28.18
N LEU A 974 41.68 18.48 -27.53
CA LEU A 974 40.97 18.69 -26.28
C LEU A 974 41.89 19.16 -25.17
N SER A 975 43.14 18.71 -25.15
CA SER A 975 44.06 19.18 -24.12
C SER A 975 44.43 20.65 -24.31
N GLN A 976 44.69 21.04 -25.56
CA GLN A 976 44.94 22.44 -25.83
C GLN A 976 43.69 23.29 -25.60
N LEU A 977 42.52 22.74 -25.89
CA LEU A 977 41.27 23.41 -25.55
C LEU A 977 41.13 23.60 -24.05
N TYR A 978 41.47 22.58 -23.27
CA TYR A 978 41.38 22.71 -21.81
C TYR A 978 42.20 23.87 -21.30
N CYS A 979 43.48 23.93 -21.70
CA CYS A 979 44.29 25.05 -21.24
C CYS A 979 43.79 26.40 -21.77
N SER A 980 43.23 26.41 -22.98
CA SER A 980 42.62 27.64 -23.48
C SER A 980 41.40 28.06 -22.70
N LEU A 981 40.62 27.10 -22.23
CA LEU A 981 39.40 27.44 -21.51
C LEU A 981 39.68 27.85 -20.08
N VAL A 982 40.71 27.28 -19.46
CA VAL A 982 41.11 27.79 -18.15
C VAL A 982 41.61 29.22 -18.25
N TRP A 983 42.38 29.51 -19.31
CA TRP A 983 42.80 30.89 -19.54
C TRP A 983 41.61 31.81 -19.75
N GLU A 984 40.72 31.47 -20.68
CA GLU A 984 39.62 32.36 -21.01
C GLU A 984 38.67 32.54 -19.84
N SER A 985 38.39 31.48 -19.07
CA SER A 985 37.49 31.61 -17.94
C SER A 985 38.10 32.48 -16.85
N THR A 986 39.41 32.38 -16.63
CA THR A 986 40.00 33.18 -15.57
C THR A 986 40.18 34.62 -15.98
N VAL A 987 40.45 34.88 -17.25
CA VAL A 987 40.43 36.26 -17.76
C VAL A 987 39.03 36.86 -17.67
N LEU A 988 38.01 36.11 -18.10
CA LEU A 988 36.66 36.65 -18.02
C LEU A 988 36.23 36.96 -16.59
N LEU A 989 36.51 36.06 -15.65
CA LEU A 989 36.19 36.37 -14.26
C LEU A 989 37.02 37.54 -13.75
N SER A 990 38.25 37.69 -14.23
CA SER A 990 39.06 38.86 -13.93
C SER A 990 38.47 40.14 -14.49
N LEU A 991 37.61 40.03 -15.50
CA LEU A 991 36.99 41.21 -16.08
C LEU A 991 35.61 41.48 -15.51
N CYS A 992 34.94 40.47 -15.00
CA CYS A 992 33.68 40.67 -14.30
C CYS A 992 33.91 41.07 -12.86
N THR A 993 35.13 40.93 -12.36
CA THR A 993 35.46 41.44 -11.05
C THR A 993 35.51 42.96 -11.11
N PRO A 994 35.03 43.66 -10.09
CA PRO A 994 34.94 45.13 -10.27
C PRO A 994 36.26 45.86 -10.12
N ASN A 995 37.09 45.78 -11.17
CA ASN A 995 38.36 46.50 -11.23
C ASN A 995 39.17 46.31 -9.95
N SER A 996 39.16 45.08 -9.44
CA SER A 996 39.95 44.73 -8.26
C SER A 996 41.10 43.80 -8.59
N LEU A 997 40.85 42.70 -9.32
CA LEU A 997 41.93 41.77 -9.58
C LEU A 997 42.98 42.39 -10.48
N PRO A 998 42.62 43.06 -11.59
CA PRO A 998 43.65 43.66 -12.43
C PRO A 998 44.34 44.83 -11.74
N SER A 999 45.51 45.17 -12.25
CA SER A 999 46.35 46.21 -11.66
C SER A 999 46.12 47.55 -12.35
N GLY A 1000 44.87 47.97 -12.47
CA GLY A 1000 44.59 49.24 -13.12
C GLY A 1000 45.13 49.32 -14.53
N CYS A 1001 44.92 48.27 -15.32
CA CYS A 1001 45.48 48.16 -16.66
C CYS A 1001 44.39 47.87 -17.67
N GLU A 1002 44.66 48.27 -18.91
CA GLU A 1002 43.75 48.05 -20.04
C GLU A 1002 44.01 46.69 -20.68
N PHE A 1003 43.90 45.65 -19.84
CA PHE A 1003 44.22 44.30 -20.29
C PHE A 1003 43.13 43.76 -21.21
N GLY A 1004 41.86 43.94 -20.83
CA GLY A 1004 40.73 43.51 -21.65
C GLY A 1004 39.73 44.63 -21.79
N GLN A 1005 40.11 45.80 -21.30
CA GLN A 1005 39.23 46.95 -21.34
C GLN A 1005 38.97 47.39 -22.78
N ALA A 1006 39.97 47.30 -23.65
CA ALA A 1006 39.75 47.78 -25.01
C ALA A 1006 38.56 47.07 -25.65
N ASP A 1007 38.38 45.79 -25.33
CA ASP A 1007 37.21 45.05 -25.82
C ASP A 1007 35.96 45.24 -24.97
N MET A 1008 36.09 45.47 -23.66
CA MET A 1008 34.90 45.82 -22.88
C MET A 1008 34.32 47.19 -23.25
N GLN A 1009 35.15 48.11 -23.73
CA GLN A 1009 34.64 49.40 -24.23
C GLN A 1009 33.86 49.22 -25.53
N LYS A 1010 34.20 48.22 -26.32
CA LYS A 1010 33.36 47.86 -27.47
C LYS A 1010 32.11 47.16 -26.99
N LEU A 1011 32.25 46.30 -25.98
CA LEU A 1011 31.13 45.49 -25.51
C LEU A 1011 30.02 46.37 -24.98
N VAL A 1012 30.38 47.34 -24.13
CA VAL A 1012 29.41 48.24 -23.51
C VAL A 1012 28.68 49.04 -24.57
N ALA A 1078 26.04 49.64 -15.51
CA ALA A 1078 27.17 50.21 -16.24
C ALA A 1078 28.36 49.27 -16.18
N MET A 1079 28.44 48.52 -15.09
CA MET A 1079 29.27 47.33 -14.97
C MET A 1079 28.48 46.07 -15.32
N ALA A 1080 27.27 45.95 -14.79
CA ALA A 1080 26.39 44.83 -15.13
C ALA A 1080 26.07 44.80 -16.61
N ALA A 1081 25.96 45.95 -17.26
CA ALA A 1081 25.70 45.95 -18.71
C ALA A 1081 26.79 45.19 -19.46
N ARG A 1082 28.01 45.14 -18.91
CA ARG A 1082 29.10 44.36 -19.48
C ARG A 1082 29.17 42.95 -18.90
N ILE A 1083 28.88 42.78 -17.62
CA ILE A 1083 28.93 41.47 -16.99
C ILE A 1083 27.91 40.53 -17.60
N LYS A 1084 26.66 41.00 -17.75
CA LYS A 1084 25.61 40.13 -18.27
C LYS A 1084 25.80 39.76 -19.72
N GLN A 1085 26.72 40.40 -20.44
CA GLN A 1085 27.09 39.96 -21.78
C GLN A 1085 28.22 38.93 -21.77
N ILE A 1086 29.09 38.99 -20.76
CA ILE A 1086 30.17 38.03 -20.59
C ILE A 1086 29.71 36.72 -19.95
N LYS A 1087 28.74 36.79 -19.04
CA LYS A 1087 28.33 35.59 -18.30
C LYS A 1087 27.94 34.41 -19.18
N PRO A 1088 27.29 34.57 -20.33
CA PRO A 1088 27.13 33.43 -21.23
C PRO A 1088 28.43 32.85 -21.73
N LEU A 1089 29.47 33.67 -21.83
CA LEU A 1089 30.78 33.18 -22.23
C LEU A 1089 31.40 32.40 -21.09
N LEU A 1090 31.32 32.96 -19.89
CA LEU A 1090 31.95 32.35 -18.73
C LEU A 1090 31.33 31.00 -18.45
N SER A 1091 30.00 30.90 -18.52
CA SER A 1091 29.35 29.61 -18.31
C SER A 1091 29.61 28.63 -19.45
N ALA A 1092 29.59 29.09 -20.71
CA ALA A 1092 29.92 28.20 -21.82
C ALA A 1092 31.35 27.69 -21.78
N SER A 1093 32.26 28.40 -21.13
CA SER A 1093 33.64 27.94 -21.05
C SER A 1093 33.94 27.17 -19.78
N SER A 1094 33.29 27.50 -18.66
CA SER A 1094 33.50 26.79 -17.41
C SER A 1094 32.78 25.45 -17.38
N ARG A 1095 31.58 25.37 -17.96
CA ARG A 1095 30.88 24.08 -18.02
C ARG A 1095 31.59 23.11 -18.95
N LEU A 1096 32.16 23.59 -20.04
CA LEU A 1096 32.95 22.73 -20.92
C LEU A 1096 34.23 22.24 -20.27
N GLY A 1097 34.94 23.11 -19.54
CA GLY A 1097 36.11 22.64 -18.81
C GLY A 1097 35.82 21.52 -17.85
N ARG A 1098 34.75 21.66 -17.06
CA ARG A 1098 34.34 20.61 -16.14
C ARG A 1098 33.97 19.31 -16.84
N ALA A 1099 33.41 19.40 -18.05
CA ALA A 1099 33.08 18.20 -18.80
C ALA A 1099 34.31 17.55 -19.42
N LEU A 1100 35.28 18.36 -19.83
CA LEU A 1100 36.57 17.81 -20.24
C LEU A 1100 37.25 17.09 -19.09
N ALA A 1101 37.24 17.68 -17.92
CA ALA A 1101 37.87 17.04 -16.76
C ALA A 1101 37.17 15.73 -16.40
N GLU A 1102 35.84 15.70 -16.50
CA GLU A 1102 35.11 14.46 -16.32
C GLU A 1102 35.47 13.42 -17.38
N LEU A 1103 35.61 13.85 -18.63
CA LEU A 1103 35.98 12.94 -19.69
C LEU A 1103 37.37 12.35 -19.47
N PHE A 1104 38.36 13.19 -19.19
CA PHE A 1104 39.70 12.68 -18.93
C PHE A 1104 39.76 11.77 -17.70
N GLY A 1105 38.98 12.05 -16.67
CA GLY A 1105 38.94 11.14 -15.54
C GLY A 1105 38.34 9.79 -15.90
N LEU A 1106 37.26 9.78 -16.66
CA LEU A 1106 36.69 8.53 -17.13
C LEU A 1106 37.64 7.79 -18.05
N LEU A 1107 38.36 8.51 -18.91
CA LEU A 1107 39.31 7.84 -19.80
C LEU A 1107 40.48 7.23 -19.04
N VAL A 1108 40.93 7.89 -17.98
CA VAL A 1108 41.90 7.27 -17.07
C VAL A 1108 41.34 6.00 -16.46
N LYS A 1109 40.11 6.05 -15.97
CA LYS A 1109 39.49 4.85 -15.42
C LYS A 1109 39.44 3.72 -16.44
N LEU A 1110 39.05 4.03 -17.67
CA LEU A 1110 38.97 3.00 -18.70
C LEU A 1110 40.34 2.45 -19.06
N CYS A 1111 41.32 3.35 -19.18
CA CYS A 1111 42.69 2.99 -19.48
C CYS A 1111 43.30 2.07 -18.43
N VAL A 1112 43.01 2.30 -17.17
CA VAL A 1112 43.63 1.50 -16.12
C VAL A 1112 42.81 0.25 -15.79
N GLY A 1113 41.52 0.41 -15.54
CA GLY A 1113 40.68 -0.70 -15.14
C GLY A 1113 39.76 -0.36 -13.99
N PRO A 1133 47.89 -1.02 -24.11
CA PRO A 1133 48.59 -1.01 -25.39
C PRO A 1133 48.21 0.16 -26.28
N ALA A 1134 46.92 0.34 -26.51
CA ALA A 1134 46.38 1.66 -26.86
C ALA A 1134 45.99 2.46 -25.63
N ALA A 1135 45.68 1.78 -24.52
CA ALA A 1135 45.52 2.47 -23.26
C ALA A 1135 46.77 3.24 -22.91
N ARG A 1136 47.94 2.73 -23.28
CA ARG A 1136 49.20 3.34 -22.90
C ARG A 1136 49.44 4.64 -23.67
N SER A 1137 48.99 4.71 -24.92
CA SER A 1137 49.04 5.98 -25.64
C SER A 1137 47.96 6.95 -25.18
N THR A 1138 46.79 6.46 -24.79
CA THR A 1138 45.79 7.34 -24.21
C THR A 1138 46.30 7.98 -22.93
N ALA A 1139 46.87 7.16 -22.04
CA ALA A 1139 47.49 7.65 -20.82
C ALA A 1139 48.67 8.58 -21.10
N SER A 1140 49.46 8.27 -22.12
CA SER A 1140 50.54 9.17 -22.51
C SER A 1140 50.00 10.56 -22.84
N ALA A 1141 48.97 10.63 -23.69
CA ALA A 1141 48.41 11.93 -24.04
C ALA A 1141 47.78 12.63 -22.84
N LEU A 1142 47.23 11.87 -21.91
CA LEU A 1142 46.63 12.49 -20.72
C LEU A 1142 47.68 12.99 -19.74
N THR A 1143 48.82 12.30 -19.60
CA THR A 1143 49.88 12.83 -18.76
C THR A 1143 50.63 13.96 -19.43
N LYS A 1144 50.66 13.99 -20.76
CA LYS A 1144 51.14 15.18 -21.45
C LYS A 1144 50.20 16.37 -21.24
N LEU A 1145 48.89 16.11 -21.11
CA LEU A 1145 47.99 17.17 -20.64
C LEU A 1145 48.32 17.63 -19.23
N LEU A 1146 48.59 16.70 -18.32
CA LEU A 1146 48.95 17.11 -16.96
C LEU A 1146 50.23 17.94 -16.93
N THR A 1147 51.24 17.51 -17.70
CA THR A 1147 52.47 18.29 -17.84
C THR A 1147 52.21 19.66 -18.45
N LYS A 1148 51.39 19.71 -19.50
CA LYS A 1148 51.08 20.99 -20.13
C LYS A 1148 50.40 21.93 -19.15
N GLY A 1149 49.46 21.42 -18.36
CA GLY A 1149 48.79 22.26 -17.39
C GLY A 1149 49.70 22.74 -16.28
N LEU A 1150 50.60 21.89 -15.81
CA LEU A 1150 51.52 22.29 -14.75
C LEU A 1150 52.65 23.19 -15.23
N SER A 1151 53.06 23.09 -16.49
CA SER A 1151 54.13 23.91 -17.03
C SER A 1151 53.63 25.06 -17.91
N TRP A 1152 52.32 25.22 -18.04
CA TRP A 1152 51.75 26.34 -18.76
C TRP A 1152 52.18 27.68 -18.18
N GLN A 1153 52.61 28.58 -19.06
CA GLN A 1153 52.95 29.94 -18.69
C GLN A 1153 52.17 30.90 -19.57
N PRO A 1154 51.58 31.95 -18.99
CA PRO A 1154 50.76 32.86 -19.79
C PRO A 1154 51.57 33.60 -20.84
N PRO A 1155 50.89 34.35 -21.70
CA PRO A 1155 51.60 35.29 -22.57
C PRO A 1155 52.21 36.41 -21.75
N PRO A 1156 53.30 37.02 -22.23
CA PRO A 1156 54.04 38.00 -21.40
C PRO A 1156 53.37 39.35 -21.25
N TYR A 1157 52.06 39.44 -21.49
CA TYR A 1157 51.32 40.68 -21.29
C TYR A 1157 50.46 40.61 -20.03
N THR A 1158 50.69 39.61 -19.18
CA THR A 1158 49.84 39.38 -18.02
C THR A 1158 49.97 40.51 -17.02
N PRO A 1159 48.86 41.06 -16.51
CA PRO A 1159 48.96 42.11 -15.48
C PRO A 1159 49.23 41.57 -14.08
N THR A 1160 48.91 40.31 -13.78
CA THR A 1160 49.22 39.78 -12.45
C THR A 1160 49.46 38.27 -12.49
N PRO A 1161 50.42 37.77 -11.70
CA PRO A 1161 50.58 36.32 -11.50
C PRO A 1161 49.36 35.53 -11.06
N ARG A 1162 48.32 36.19 -10.55
CA ARG A 1162 47.14 35.44 -10.13
C ARG A 1162 46.52 34.63 -11.26
N PHE A 1163 46.67 35.07 -12.52
CA PHE A 1163 46.14 34.25 -13.59
C PHE A 1163 46.90 32.92 -13.71
N ARG A 1164 48.19 32.93 -13.42
CA ARG A 1164 48.93 31.69 -13.36
C ARG A 1164 48.63 30.88 -12.11
N LEU A 1165 48.43 31.54 -10.97
CA LEU A 1165 48.14 30.78 -9.76
C LEU A 1165 46.77 30.13 -9.82
N THR A 1166 45.82 30.78 -10.48
CA THR A 1166 44.49 30.21 -10.66
C THR A 1166 44.46 29.17 -11.77
N PHE A 1167 45.35 29.27 -12.76
CA PHE A 1167 45.55 28.15 -13.66
C PHE A 1167 46.14 26.95 -12.93
N PHE A 1168 47.20 27.18 -12.14
CA PHE A 1168 47.86 26.11 -11.40
C PHE A 1168 46.93 25.42 -10.41
N ILE A 1169 46.04 26.17 -9.75
CA ILE A 1169 45.16 25.54 -8.76
C ILE A 1169 44.23 24.53 -9.41
N CYS A 1170 43.73 24.83 -10.60
CA CYS A 1170 42.86 23.88 -11.26
C CYS A 1170 43.59 22.81 -12.04
N SER A 1171 44.80 23.10 -12.53
CA SER A 1171 45.67 22.04 -13.01
C SER A 1171 46.00 21.02 -11.92
N VAL A 1172 46.30 21.47 -10.70
CA VAL A 1172 46.57 20.55 -9.61
C VAL A 1172 45.31 19.80 -9.19
N GLY A 1173 44.20 20.52 -9.02
CA GLY A 1173 42.94 19.88 -8.68
C GLY A 1173 42.42 18.95 -9.75
N PHE A 1174 42.92 19.10 -10.97
CA PHE A 1174 42.63 18.22 -12.10
C PHE A 1174 43.55 17.01 -12.11
N THR A 1175 44.86 17.20 -11.88
CA THR A 1175 45.78 16.08 -11.81
C THR A 1175 45.51 15.15 -10.65
N SER A 1176 44.89 15.64 -9.57
CA SER A 1176 44.54 14.74 -8.47
C SER A 1176 43.56 13.65 -8.88
N PRO A 1177 42.33 13.95 -9.33
CA PRO A 1177 41.45 12.92 -9.88
C PRO A 1177 42.04 12.00 -10.93
N MET A 1178 43.07 12.43 -11.64
CA MET A 1178 43.59 11.62 -12.74
C MET A 1178 44.73 10.70 -12.34
N LEU A 1179 45.49 11.04 -11.30
CA LEU A 1179 46.49 10.12 -10.80
C LEU A 1179 45.97 9.20 -9.71
N PHE A 1180 44.97 9.61 -8.96
CA PHE A 1180 44.51 8.84 -7.82
C PHE A 1180 43.00 8.61 -7.88
N ASP A 1181 42.60 7.40 -7.52
CA ASP A 1181 41.21 7.02 -7.39
C ASP A 1181 40.59 7.61 -6.13
N GLU A 1182 39.26 7.51 -6.05
CA GLU A 1182 38.59 7.50 -4.75
C GLU A 1182 39.14 6.37 -3.90
N ARG A 1183 39.41 6.68 -2.64
CA ARG A 1183 40.22 5.92 -1.69
C ARG A 1183 41.71 6.17 -1.88
N LYS A 1184 42.10 7.10 -2.76
CA LYS A 1184 43.43 7.67 -2.80
C LYS A 1184 44.50 6.71 -3.26
N TYR A 1185 44.14 5.58 -3.83
CA TYR A 1185 45.15 4.73 -4.43
C TYR A 1185 45.51 5.24 -5.82
N PRO A 1186 46.80 5.35 -6.15
CA PRO A 1186 47.19 5.76 -7.49
C PRO A 1186 46.91 4.70 -8.54
N TYR A 1187 47.01 5.15 -9.79
CA TYR A 1187 47.15 4.29 -10.95
C TYR A 1187 48.62 4.29 -11.34
N HIS A 1188 49.25 3.12 -11.28
CA HIS A 1188 50.69 3.06 -11.47
C HIS A 1188 51.09 3.31 -12.92
N LEU A 1189 50.21 3.04 -13.87
CA LEU A 1189 50.47 3.43 -15.26
C LEU A 1189 50.59 4.94 -15.37
N MET A 1190 49.73 5.66 -14.66
CA MET A 1190 49.70 7.11 -14.75
C MET A 1190 50.83 7.72 -13.96
N LEU A 1191 51.16 7.18 -12.79
CA LEU A 1191 52.35 7.64 -12.08
C LEU A 1191 53.63 7.38 -12.87
N GLN A 1192 53.73 6.22 -13.53
CA GLN A 1192 54.85 5.94 -14.40
C GLN A 1192 55.00 7.00 -15.49
N LYS A 1193 53.92 7.29 -16.19
CA LYS A 1193 54.02 8.20 -17.32
C LYS A 1193 54.12 9.67 -16.87
N PHE A 1194 53.54 9.99 -15.72
CA PHE A 1194 53.67 11.30 -15.09
C PHE A 1194 55.08 11.55 -14.62
N LEU A 1195 55.81 10.51 -14.26
CA LEU A 1195 57.20 10.66 -13.86
C LEU A 1195 58.10 10.74 -15.09
N CYS A 1196 58.03 9.73 -15.97
CA CYS A 1196 58.97 9.68 -17.08
C CYS A 1196 58.76 10.86 -18.04
N SER A 1197 57.51 11.14 -18.39
CA SER A 1197 57.23 12.21 -19.34
C SER A 1197 57.55 13.58 -18.77
N GLY A 1198 57.32 13.75 -17.47
CA GLY A 1198 57.36 15.05 -16.83
C GLY A 1198 56.02 15.36 -16.16
N GLY A 1199 56.05 16.45 -15.41
CA GLY A 1199 54.92 16.82 -14.59
C GLY A 1199 55.18 16.65 -13.11
N HIS A 1200 56.15 15.82 -12.75
CA HIS A 1200 56.60 15.78 -11.37
C HIS A 1200 57.63 16.88 -11.12
N ASN A 1201 58.56 17.06 -12.06
CA ASN A 1201 59.51 18.14 -11.94
C ASN A 1201 58.80 19.47 -12.14
N ALA A 1202 57.70 19.47 -12.89
CA ALA A 1202 56.90 20.66 -13.07
C ALA A 1202 55.98 20.89 -11.90
N LEU A 1203 55.46 19.83 -11.29
CA LEU A 1203 54.69 19.97 -10.06
C LEU A 1203 55.49 20.68 -8.99
N PHE A 1204 56.73 20.24 -8.77
CA PHE A 1204 57.57 20.89 -7.76
C PHE A 1204 58.14 22.23 -8.22
N GLU A 1205 58.28 22.44 -9.53
CA GLU A 1205 58.64 23.75 -10.02
C GLU A 1205 57.52 24.76 -9.80
N THR A 1206 56.26 24.33 -9.87
CA THR A 1206 55.19 25.27 -9.57
C THR A 1206 55.23 25.74 -8.13
N PHE A 1207 55.65 24.89 -7.20
CA PHE A 1207 55.86 25.32 -5.82
C PHE A 1207 57.00 26.33 -5.72
N ASN A 1208 58.13 26.02 -6.35
CA ASN A 1208 59.24 26.95 -6.35
C ASN A 1208 58.86 28.28 -6.99
N TRP A 1209 58.19 28.24 -8.14
CA TRP A 1209 57.71 29.46 -8.78
C TRP A 1209 56.76 30.23 -7.90
N ALA A 1210 55.82 29.55 -7.23
CA ALA A 1210 54.83 30.26 -6.45
C ALA A 1210 55.45 30.94 -5.24
N LEU A 1211 56.47 30.33 -4.65
CA LEU A 1211 57.08 30.98 -3.50
C LEU A 1211 58.09 32.06 -3.90
N SER A 1212 58.96 31.74 -4.88
CA SER A 1212 59.97 32.67 -5.33
C SER A 1212 59.45 33.79 -6.22
N MET A 1213 58.23 33.66 -6.74
CA MET A 1213 57.62 34.67 -7.62
C MET A 1213 58.43 34.83 -8.89
N GLY A 1214 58.87 33.71 -9.47
CA GLY A 1214 59.64 33.75 -10.69
C GLY A 1214 61.12 33.99 -10.49
N GLY A 1215 61.64 33.73 -9.30
CA GLY A 1215 63.03 33.97 -8.99
C GLY A 1215 63.28 35.33 -8.40
N LYS A 1216 62.21 36.11 -8.19
CA LYS A 1216 62.33 37.44 -7.63
C LYS A 1216 62.83 37.38 -6.18
N VAL A 1217 62.36 36.40 -5.43
CA VAL A 1217 62.73 36.19 -4.04
C VAL A 1217 63.09 34.72 -3.89
N PRO A 1218 64.07 34.34 -3.05
CA PRO A 1218 64.30 32.91 -2.84
C PRO A 1218 63.10 32.23 -2.21
N VAL A 1219 63.06 30.90 -2.33
CA VAL A 1219 61.94 30.14 -1.79
C VAL A 1219 61.92 30.20 -0.28
N SER A 1220 63.08 30.22 0.36
CA SER A 1220 63.15 30.25 1.81
C SER A 1220 62.66 31.55 2.41
N GLU A 1221 62.71 32.65 1.66
CA GLU A 1221 62.14 33.91 2.10
C GLU A 1221 60.74 34.17 1.56
N GLY A 1222 60.31 33.41 0.53
CA GLY A 1222 59.05 33.72 -0.13
C GLY A 1222 57.85 33.65 0.79
N LEU A 1223 57.68 32.53 1.48
CA LEU A 1223 56.46 32.33 2.26
C LEU A 1223 56.21 33.49 3.21
N GLU A 1224 57.26 33.97 3.85
CA GLU A 1224 57.15 35.00 4.86
C GLU A 1224 57.22 36.41 4.27
N HIS A 1225 57.51 36.52 2.97
CA HIS A 1225 57.59 37.82 2.31
C HIS A 1225 56.24 38.53 2.36
N SER A 1226 56.29 39.84 2.58
CA SER A 1226 55.06 40.62 2.72
C SER A 1226 54.29 40.71 1.39
N ASP A 1227 55.00 40.78 0.27
CA ASP A 1227 54.37 40.97 -1.03
C ASP A 1227 54.05 39.67 -1.75
N LEU A 1228 53.85 38.59 -1.00
CA LEU A 1228 53.45 37.33 -1.61
C LEU A 1228 52.07 37.44 -2.26
N PRO A 1229 51.88 36.89 -3.46
CA PRO A 1229 50.60 37.05 -4.15
C PRO A 1229 49.41 36.51 -3.36
N ASP A 1230 48.25 37.06 -3.67
CA ASP A 1230 47.03 36.78 -2.90
C ASP A 1230 46.65 35.31 -2.91
N GLY A 1231 46.84 34.60 -4.03
CA GLY A 1231 46.39 33.23 -4.13
C GLY A 1231 47.46 32.16 -3.92
N THR A 1232 48.54 32.55 -3.26
CA THR A 1232 49.63 31.63 -3.04
C THR A 1232 49.39 30.71 -1.86
N GLY A 1233 48.38 30.97 -1.05
CA GLY A 1233 48.06 30.04 0.01
C GLY A 1233 47.08 29.00 -0.49
N GLU A 1234 46.23 29.42 -1.43
CA GLU A 1234 45.25 28.51 -2.00
C GLU A 1234 45.92 27.51 -2.93
N PHE A 1235 46.89 28.00 -3.71
CA PHE A 1235 47.68 27.09 -4.53
C PHE A 1235 48.41 26.09 -3.66
N LEU A 1236 49.07 26.56 -2.61
CA LEU A 1236 49.83 25.65 -1.77
C LEU A 1236 48.95 24.66 -1.02
N ASP A 1237 47.73 25.06 -0.66
CA ASP A 1237 46.77 24.09 -0.13
C ASP A 1237 46.49 22.98 -1.12
N ALA A 1238 46.30 23.33 -2.40
CA ALA A 1238 46.00 22.29 -3.38
C ALA A 1238 47.22 21.44 -3.70
N TRP A 1239 48.38 22.06 -3.78
CA TRP A 1239 49.62 21.35 -4.03
C TRP A 1239 49.94 20.36 -2.93
N LEU A 1240 49.88 20.84 -1.67
CA LEU A 1240 50.10 19.97 -0.54
C LEU A 1240 49.08 18.84 -0.45
N MET A 1241 47.81 19.12 -0.78
CA MET A 1241 46.83 18.04 -0.76
C MET A 1241 47.11 16.98 -1.82
N LEU A 1242 47.65 17.39 -2.97
CA LEU A 1242 48.08 16.41 -3.97
C LEU A 1242 49.30 15.62 -3.50
N VAL A 1243 50.32 16.31 -3.00
CA VAL A 1243 51.55 15.63 -2.59
C VAL A 1243 51.31 14.70 -1.41
N GLU A 1244 50.36 15.02 -0.53
CA GLU A 1244 50.00 14.09 0.54
C GLU A 1244 49.55 12.77 -0.02
N LYS A 1245 48.82 12.79 -1.13
CA LYS A 1245 48.41 11.56 -1.80
C LYS A 1245 49.59 10.92 -2.51
N MET A 1246 50.48 11.74 -3.07
CA MET A 1246 51.59 11.23 -3.86
C MET A 1246 52.63 10.53 -3.01
N VAL A 1247 52.76 10.93 -1.75
CA VAL A 1247 53.83 10.44 -0.89
C VAL A 1247 53.48 9.20 -0.07
N ASN A 1248 52.21 8.93 0.14
CA ASN A 1248 51.79 7.90 1.09
C ASN A 1248 52.20 6.51 0.61
N PRO A 1249 53.08 5.80 1.33
CA PRO A 1249 53.44 4.45 0.88
C PRO A 1249 52.34 3.43 1.07
N THR A 1250 51.46 3.63 2.04
CA THR A 1250 50.41 2.67 2.35
C THR A 1250 49.34 2.60 1.27
N THR A 1251 49.32 3.57 0.36
CA THR A 1251 48.50 3.50 -0.82
C THR A 1251 49.31 3.37 -2.10
N VAL A 1252 50.48 3.99 -2.16
CA VAL A 1252 51.26 3.95 -3.39
C VAL A 1252 51.85 2.57 -3.62
N LEU A 1253 52.18 1.83 -2.56
CA LEU A 1253 52.66 0.46 -2.71
C LEU A 1253 51.54 -0.57 -2.75
N GLU A 1254 50.44 -0.30 -2.03
CA GLU A 1254 49.35 -1.23 -1.84
C GLU A 1254 48.18 -0.99 -2.80
N SER A 1255 48.37 -0.17 -3.82
CA SER A 1255 47.26 0.20 -4.68
C SER A 1255 46.71 -0.99 -5.46
N PRO A 1256 45.39 -1.21 -5.46
CA PRO A 1256 44.81 -2.26 -6.29
C PRO A 1256 45.18 -2.12 -7.75
N HIS A 1257 45.46 -0.90 -8.21
CA HIS A 1257 45.63 -0.59 -9.62
C HIS A 1257 47.08 -0.77 -10.05
N SER A 1258 47.77 -1.73 -9.47
CA SER A 1258 49.15 -2.00 -9.80
C SER A 1258 49.29 -2.58 -11.21
N LEU A 1259 50.42 -2.28 -11.84
CA LEU A 1259 50.80 -2.93 -13.07
C LEU A 1259 51.17 -4.39 -12.81
N PRO A 1260 51.10 -5.23 -13.84
CA PRO A 1260 51.54 -6.62 -13.68
C PRO A 1260 53.06 -6.70 -13.66
N ALA A 1261 53.55 -7.90 -13.34
CA ALA A 1261 54.98 -8.14 -13.24
C ALA A 1261 55.52 -8.60 -14.59
N LYS A 1262 56.48 -7.84 -15.13
CA LYS A 1262 57.28 -8.30 -16.26
C LYS A 1262 58.61 -7.57 -16.31
N ASN A 1269 59.65 -5.58 -22.37
CA ASN A 1269 60.46 -4.66 -23.14
C ASN A 1269 60.36 -3.24 -22.58
N PHE A 1270 59.17 -2.87 -22.13
CA PHE A 1270 58.94 -1.53 -21.59
C PHE A 1270 59.65 -1.36 -20.25
N PRO A 1271 60.05 -0.13 -19.91
CA PRO A 1271 60.54 0.15 -18.56
C PRO A 1271 59.51 -0.21 -17.50
N GLN A 1272 59.90 -1.09 -16.58
CA GLN A 1272 59.05 -1.45 -15.46
C GLN A 1272 59.04 -0.36 -14.41
N PHE A 1273 57.83 -0.07 -13.91
CA PHE A 1273 57.64 0.94 -12.88
C PHE A 1273 58.00 0.39 -11.50
N SER A 1274 58.64 1.23 -10.69
CA SER A 1274 58.76 0.98 -9.26
C SER A 1274 58.14 2.11 -8.47
N ALA A 1275 57.11 1.78 -7.70
CA ALA A 1275 56.51 2.74 -6.78
C ALA A 1275 57.48 3.10 -5.68
N LEU A 1276 58.52 2.28 -5.48
CA LEU A 1276 59.53 2.55 -4.47
C LEU A 1276 60.43 3.70 -4.92
N ARG A 1277 60.95 3.62 -6.14
CA ARG A 1277 61.76 4.72 -6.65
C ARG A 1277 60.93 5.97 -6.89
N PHE A 1278 59.66 5.80 -7.24
CA PHE A 1278 58.75 6.94 -7.27
C PHE A 1278 58.62 7.62 -5.92
N LEU A 1279 58.49 6.85 -4.84
CA LEU A 1279 58.44 7.46 -3.52
C LEU A 1279 59.78 8.03 -3.07
N VAL A 1280 60.89 7.40 -3.44
CA VAL A 1280 62.18 7.99 -3.15
C VAL A 1280 62.29 9.39 -3.75
N VAL A 1281 62.00 9.53 -5.04
CA VAL A 1281 62.16 10.83 -5.67
C VAL A 1281 61.10 11.81 -5.18
N THR A 1282 59.90 11.32 -4.84
CA THR A 1282 58.84 12.22 -4.43
C THR A 1282 59.06 12.73 -3.02
N GLN A 1283 59.42 11.85 -2.09
CA GLN A 1283 59.71 12.28 -0.73
C GLN A 1283 60.93 13.17 -0.68
N LYS A 1284 61.96 12.88 -1.49
CA LYS A 1284 63.11 13.76 -1.56
C LYS A 1284 62.74 15.15 -2.08
N ALA A 1285 61.89 15.22 -3.10
CA ALA A 1285 61.48 16.51 -3.64
C ALA A 1285 60.55 17.26 -2.70
N ALA A 1286 59.65 16.55 -2.04
CA ALA A 1286 58.69 17.19 -1.14
C ALA A 1286 59.36 17.72 0.11
N PHE A 1287 60.35 17.00 0.63
CA PHE A 1287 60.94 17.41 1.90
C PHE A 1287 61.54 18.80 1.80
N THR A 1288 62.21 19.11 0.69
CA THR A 1288 62.84 20.42 0.55
C THR A 1288 61.81 21.54 0.56
N CYS A 1289 60.70 21.35 -0.14
CA CYS A 1289 59.65 22.36 -0.16
C CYS A 1289 59.03 22.54 1.22
N ILE A 1290 58.87 21.44 1.94
CA ILE A 1290 58.34 21.56 3.29
C ILE A 1290 59.36 22.27 4.17
N LYS A 1291 60.64 21.96 3.99
CA LYS A 1291 61.67 22.73 4.67
C LYS A 1291 61.37 24.20 4.47
N ASN A 1292 61.10 24.57 3.22
CA ASN A 1292 60.88 25.95 2.85
C ASN A 1292 59.57 26.48 3.43
N LEU A 1293 58.77 25.62 4.06
CA LEU A 1293 57.57 26.06 4.76
C LEU A 1293 57.51 25.62 6.23
N TRP A 1294 58.53 24.94 6.73
CA TRP A 1294 58.43 24.30 8.05
C TRP A 1294 58.14 25.27 9.18
N ASN A 1295 58.85 26.39 9.26
CA ASN A 1295 58.76 27.27 10.43
C ASN A 1295 58.21 28.66 10.17
N ARG A 1296 57.94 29.02 8.92
CA ARG A 1296 57.49 30.37 8.65
C ARG A 1296 56.06 30.56 9.16
N LYS A 1297 55.70 31.82 9.37
CA LYS A 1297 54.39 32.13 9.92
C LYS A 1297 53.32 31.80 8.89
N PRO A 1298 52.14 31.40 9.32
CA PRO A 1298 51.12 30.94 8.37
C PRO A 1298 50.39 32.07 7.69
N LEU A 1299 49.82 31.72 6.55
CA LEU A 1299 49.12 32.66 5.70
C LEU A 1299 47.75 32.99 6.29
N LYS A 1300 47.19 34.11 5.82
CA LYS A 1300 46.00 34.66 6.45
C LYS A 1300 44.84 33.67 6.36
N VAL A 1301 44.67 33.08 5.19
CA VAL A 1301 43.67 32.04 4.95
C VAL A 1301 44.43 30.93 4.23
N TYR A 1302 43.93 29.71 4.34
CA TYR A 1302 44.64 28.56 3.78
C TYR A 1302 45.98 28.38 4.48
N GLY A 1303 46.00 28.49 5.80
CA GLY A 1303 47.21 28.24 6.55
C GLY A 1303 47.12 27.05 7.48
N GLY A 1304 45.90 26.66 7.84
CA GLY A 1304 45.74 25.50 8.68
C GLY A 1304 45.56 24.25 7.86
N ARG A 1305 45.04 24.41 6.64
CA ARG A 1305 45.04 23.28 5.72
C ARG A 1305 46.43 23.06 5.16
N MET A 1306 47.16 24.14 4.90
CA MET A 1306 48.57 24.02 4.55
C MET A 1306 49.33 23.28 5.65
N ALA A 1307 49.17 23.74 6.90
CA ALA A 1307 49.90 23.11 7.99
C ALA A 1307 49.54 21.64 8.15
N GLU A 1308 48.26 21.30 8.03
CA GLU A 1308 47.84 19.91 8.23
C GLU A 1308 48.31 18.99 7.10
N SER A 1309 48.29 19.45 5.86
CA SER A 1309 48.86 18.64 4.78
C SER A 1309 50.38 18.59 4.81
N MET A 1310 51.04 19.63 5.29
CA MET A 1310 52.48 19.59 5.45
C MET A 1310 52.88 18.59 6.53
N LEU A 1311 52.16 18.59 7.65
CA LEU A 1311 52.42 17.63 8.70
C LEU A 1311 52.12 16.20 8.26
N ALA A 1312 51.03 16.00 7.50
CA ALA A 1312 50.75 14.68 6.96
C ALA A 1312 51.85 14.19 6.01
N ILE A 1313 52.40 15.10 5.20
CA ILE A 1313 53.53 14.73 4.36
C ILE A 1313 54.74 14.34 5.19
N LEU A 1314 55.03 15.10 6.24
CA LEU A 1314 56.17 14.74 7.09
C LEU A 1314 55.95 13.40 7.78
N CYS A 1315 54.74 13.15 8.27
CA CYS A 1315 54.42 11.84 8.84
C CYS A 1315 54.66 10.72 7.83
N HIS A 1316 54.15 10.87 6.61
CA HIS A 1316 54.33 9.82 5.62
C HIS A 1316 55.79 9.60 5.27
N ILE A 1317 56.58 10.67 5.21
CA ILE A 1317 58.01 10.52 4.94
C ILE A 1317 58.72 9.79 6.07
N LEU A 1318 58.42 10.18 7.31
CA LEU A 1318 59.07 9.58 8.47
C LEU A 1318 58.66 8.12 8.66
N ARG A 1319 57.42 7.77 8.36
CA ARG A 1319 57.04 6.36 8.35
C ARG A 1319 57.64 5.62 7.16
N GLY A 1320 57.85 6.31 6.05
CA GLY A 1320 58.21 5.65 4.82
C GLY A 1320 59.68 5.29 4.72
N GLU A 1321 60.58 6.16 5.16
CA GLU A 1321 62.00 5.82 5.07
C GLU A 1321 62.36 4.51 5.76
N PRO A 1322 61.82 4.16 6.91
CA PRO A 1322 61.98 2.79 7.43
C PRO A 1322 61.57 1.69 6.47
N VAL A 1323 60.60 1.94 5.59
CA VAL A 1323 60.10 0.90 4.71
C VAL A 1323 60.80 0.90 3.36
N ILE A 1324 61.29 2.06 2.93
CA ILE A 1324 61.90 2.19 1.61
C ILE A 1324 63.41 1.98 1.68
N ARG A 1325 64.06 2.37 2.77
CA ARG A 1325 65.45 1.98 2.95
C ARG A 1325 65.58 0.47 3.05
N GLU A 1326 64.48 -0.23 3.32
CA GLU A 1326 64.48 -1.69 3.32
C GLU A 1326 64.81 -2.22 1.94
N ARG A 1327 64.46 -1.46 0.90
CA ARG A 1327 64.58 -1.91 -0.48
C ARG A 1327 64.99 -0.76 -1.39
N GLU A 1469 70.60 9.98 3.47
CA GLU A 1469 69.55 10.98 3.54
C GLU A 1469 68.79 10.84 4.85
N GLN A 1470 68.97 9.68 5.50
CA GLN A 1470 68.38 9.44 6.80
C GLN A 1470 68.80 10.49 7.84
N ASP A 1471 70.04 10.99 7.75
CA ASP A 1471 70.52 11.95 8.74
C ASP A 1471 69.84 13.31 8.59
N GLU A 1472 69.23 13.58 7.44
CA GLU A 1472 68.49 14.83 7.27
C GLU A 1472 67.17 14.77 8.01
N LEU A 1473 66.48 13.64 7.90
CA LEU A 1473 65.29 13.40 8.71
C LEU A 1473 65.63 13.30 10.19
N HIS A 1474 66.82 12.81 10.52
CA HIS A 1474 67.26 12.81 11.91
C HIS A 1474 67.38 14.24 12.46
N THR A 1475 68.18 15.09 11.80
CA THR A 1475 68.32 16.46 12.28
C THR A 1475 67.00 17.19 12.25
N PHE A 1476 66.12 16.87 11.30
CA PHE A 1476 64.78 17.45 11.30
C PHE A 1476 64.04 17.07 12.57
N THR A 1477 63.94 15.77 12.87
CA THR A 1477 63.24 15.36 14.07
C THR A 1477 63.87 15.93 15.32
N ASP A 1478 65.15 16.28 15.27
CA ASP A 1478 65.77 16.99 16.38
C ASP A 1478 65.25 18.42 16.52
N THR A 1479 65.25 19.18 15.44
CA THR A 1479 64.91 20.60 15.52
C THR A 1479 63.43 20.93 15.31
N MET A 1480 62.59 19.93 15.03
CA MET A 1480 61.21 20.16 14.64
C MET A 1480 60.32 20.72 15.75
N LEU A 1481 60.62 20.47 17.01
CA LEU A 1481 59.71 20.89 18.08
C LEU A 1481 59.49 22.39 18.18
N PRO A 1482 60.50 23.25 18.04
CA PRO A 1482 60.20 24.69 17.90
C PRO A 1482 59.16 25.04 16.85
N GLY A 1483 59.14 24.32 15.74
CA GLY A 1483 58.11 24.54 14.73
C GLY A 1483 56.78 23.95 15.11
N CYS A 1484 56.79 22.75 15.68
CA CYS A 1484 55.56 22.15 16.18
C CYS A 1484 54.86 23.07 17.17
N PHE A 1485 55.60 23.61 18.14
CA PHE A 1485 55.00 24.53 19.10
C PHE A 1485 54.66 25.90 18.52
N HIS A 1486 55.38 26.34 17.48
CA HIS A 1486 54.90 27.51 16.75
C HIS A 1486 53.55 27.25 16.11
N LEU A 1487 53.39 26.07 15.51
CA LEU A 1487 52.10 25.68 14.95
C LEU A 1487 51.02 25.54 16.01
N LEU A 1488 51.37 25.08 17.20
CA LEU A 1488 50.37 25.00 18.26
C LEU A 1488 49.98 26.36 18.81
N ASP A 1489 50.88 27.34 18.75
CA ASP A 1489 50.50 28.70 19.11
C ASP A 1489 49.68 29.38 18.02
N GLU A 1490 50.01 29.15 16.75
CA GLU A 1490 49.30 29.83 15.67
C GLU A 1490 48.00 29.14 15.27
N LEU A 1491 47.98 27.82 15.20
CA LEU A 1491 46.92 27.05 14.55
C LEU A 1491 46.57 25.84 15.40
N PRO A 1492 45.99 26.06 16.58
CA PRO A 1492 45.69 24.97 17.51
C PRO A 1492 45.13 23.68 16.93
N ASP A 1493 44.29 23.77 15.90
CA ASP A 1493 43.63 22.58 15.37
C ASP A 1493 44.60 21.60 14.73
N THR A 1494 45.84 22.00 14.48
CA THR A 1494 46.85 21.12 13.93
C THR A 1494 47.38 20.13 14.96
N VAL A 1495 47.07 20.34 16.24
CA VAL A 1495 47.68 19.55 17.31
C VAL A 1495 47.54 18.06 17.10
N TYR A 1496 46.47 17.60 16.43
CA TYR A 1496 46.34 16.17 16.21
C TYR A 1496 47.36 15.66 15.20
N ARG A 1497 47.77 16.52 14.27
CA ARG A 1497 48.77 16.13 13.28
C ARG A 1497 50.15 16.33 13.84
N VAL A 1498 50.29 17.18 14.84
CA VAL A 1498 51.57 17.34 15.51
C VAL A 1498 51.82 16.17 16.45
N CYS A 1499 50.80 15.75 17.19
CA CYS A 1499 50.85 14.48 17.89
C CYS A 1499 51.27 13.34 16.98
N ASP A 1500 50.62 13.20 15.82
CA ASP A 1500 50.98 12.09 14.95
C ASP A 1500 52.39 12.19 14.38
N LEU A 1501 52.86 13.41 14.11
CA LEU A 1501 54.25 13.61 13.71
C LEU A 1501 55.22 13.25 14.82
N ILE A 1502 54.93 13.67 16.04
CA ILE A 1502 55.80 13.34 17.17
C ILE A 1502 55.83 11.85 17.41
N MET A 1503 54.69 11.18 17.30
CA MET A 1503 54.66 9.73 17.46
C MET A 1503 55.46 9.01 16.39
N THR A 1504 55.47 9.52 15.15
CA THR A 1504 56.29 8.88 14.13
C THR A 1504 57.78 9.18 14.31
N ALA A 1505 58.12 10.38 14.78
CA ALA A 1505 59.52 10.65 15.13
C ALA A 1505 59.97 9.80 16.30
N ILE A 1506 59.06 9.50 17.22
CA ILE A 1506 59.38 8.64 18.36
C ILE A 1506 59.59 7.22 17.89
N LYS A 1507 58.68 6.70 17.07
CA LYS A 1507 58.83 5.34 16.59
C LYS A 1507 60.03 5.21 15.67
N ARG A 1508 60.56 6.32 15.15
CA ARG A 1508 61.89 6.26 14.54
C ARG A 1508 63.00 6.23 15.58
N ASN A 1509 62.89 7.07 16.61
CA ASN A 1509 63.95 7.26 17.59
C ASN A 1509 63.69 6.50 18.87
N GLY A 1510 64.64 6.58 19.80
CA GLY A 1510 64.56 5.90 21.06
C GLY A 1510 63.74 6.58 22.15
N ALA A 1511 63.64 5.85 23.26
CA ALA A 1511 63.05 6.38 24.48
C ALA A 1511 63.80 7.60 24.98
N ASP A 1512 65.11 7.68 24.73
CA ASP A 1512 65.86 8.90 25.06
C ASP A 1512 65.32 10.11 24.32
N TYR A 1513 64.63 9.91 23.20
CA TYR A 1513 63.96 10.99 22.48
C TYR A 1513 62.52 11.18 22.94
N ARG A 1514 61.83 10.08 23.24
CA ARG A 1514 60.52 10.17 23.86
C ARG A 1514 60.56 10.97 25.16
N ASP A 1515 61.55 10.70 26.01
CA ASP A 1515 61.69 11.43 27.27
C ASP A 1515 61.94 12.90 27.04
N MET A 1516 62.82 13.24 26.09
CA MET A 1516 63.10 14.63 25.82
C MET A 1516 61.84 15.37 25.37
N ILE A 1517 61.07 14.74 24.47
CA ILE A 1517 59.81 15.35 24.04
C ILE A 1517 58.87 15.55 25.21
N LEU A 1518 58.64 14.49 25.98
CA LEU A 1518 57.62 14.57 27.01
C LEU A 1518 58.01 15.54 28.12
N LYS A 1519 59.30 15.56 28.49
CA LYS A 1519 59.77 16.50 29.49
C LYS A 1519 59.74 17.93 29.00
N GLN A 1520 59.90 18.15 27.69
CA GLN A 1520 59.82 19.51 27.18
C GLN A 1520 58.39 20.01 27.09
N VAL A 1521 57.48 19.19 26.59
CA VAL A 1521 56.05 19.50 26.66
C VAL A 1521 55.62 19.78 28.09
N VAL A 1522 56.06 18.94 29.04
CA VAL A 1522 55.69 19.14 30.44
C VAL A 1522 56.30 20.42 31.01
N ASN A 1523 57.51 20.79 30.61
CA ASN A 1523 58.05 22.07 31.06
C ASN A 1523 57.30 23.27 30.46
N GLN A 1524 56.83 23.14 29.22
CA GLN A 1524 56.02 24.20 28.64
C GLN A 1524 54.70 24.35 29.40
N VAL A 1525 54.04 23.22 29.66
CA VAL A 1525 52.84 23.22 30.50
C VAL A 1525 53.16 23.82 31.86
N TRP A 1526 54.32 23.48 32.43
CA TRP A 1526 54.68 23.94 33.75
C TRP A 1526 54.72 25.45 33.81
N GLU A 1527 55.45 26.07 32.89
CA GLU A 1527 55.56 27.53 32.94
C GLU A 1527 54.23 28.21 32.60
N ALA A 1528 53.47 27.65 31.64
CA ALA A 1528 52.18 28.22 31.32
C ALA A 1528 51.18 28.09 32.46
N ALA A 1529 51.27 27.02 33.25
CA ALA A 1529 50.39 26.86 34.39
C ALA A 1529 50.82 27.74 35.57
N ASP A 1530 52.12 27.84 35.82
CA ASP A 1530 52.56 28.61 36.98
C ASP A 1530 52.37 30.10 36.78
N VAL A 1531 52.44 30.59 35.53
CA VAL A 1531 52.07 31.98 35.32
C VAL A 1531 50.59 32.23 35.53
N LEU A 1532 49.71 31.28 35.17
CA LEU A 1532 48.30 31.45 35.52
C LEU A 1532 48.01 31.26 37.01
N ILE A 1533 48.79 30.43 37.70
CA ILE A 1533 48.69 30.36 39.15
C ILE A 1533 49.08 31.69 39.78
N LYS A 1534 50.07 32.37 39.21
CA LYS A 1534 50.40 33.72 39.64
C LYS A 1534 49.46 34.77 39.08
N ALA A 1535 48.63 34.40 38.11
CA ALA A 1535 47.67 35.35 37.54
C ALA A 1535 46.41 35.45 38.36
N ALA A 1536 46.23 34.62 39.39
CA ALA A 1536 44.97 34.57 40.10
C ALA A 1536 45.14 34.69 41.60
N LEU A 1537 46.28 35.22 42.05
CA LEU A 1537 46.41 35.53 43.46
C LEU A 1537 45.36 36.59 43.78
N PRO A 1538 44.65 36.49 44.89
CA PRO A 1538 43.54 37.44 45.09
C PRO A 1538 44.06 38.87 45.01
N LEU A 1539 43.27 39.72 44.36
CA LEU A 1539 43.67 41.11 44.11
C LEU A 1539 43.29 41.98 45.31
N THR A 1540 44.17 41.96 46.31
CA THR A 1540 43.92 42.73 47.51
C THR A 1540 44.04 44.24 47.26
N THR A 1541 45.10 44.68 46.56
CA THR A 1541 45.35 46.12 46.51
C THR A 1541 44.54 46.86 45.46
N SER A 1542 43.84 46.17 44.56
CA SER A 1542 42.94 46.81 43.59
C SER A 1542 43.68 47.54 42.47
N ASP A 1543 44.95 47.23 42.19
CA ASP A 1543 45.66 48.00 41.18
C ASP A 1543 45.02 47.79 39.81
N THR A 1544 44.64 46.57 39.51
CA THR A 1544 43.89 46.21 38.33
C THR A 1544 42.42 46.24 38.71
N LYS A 1545 41.52 46.19 37.72
CA LYS A 1545 40.11 46.31 38.06
C LYS A 1545 39.68 45.25 39.06
N THR A 1546 40.22 44.04 38.93
CA THR A 1546 40.00 42.93 39.86
C THR A 1546 38.67 42.27 39.63
N VAL A 1547 37.97 42.60 38.54
CA VAL A 1547 36.66 42.02 38.29
C VAL A 1547 36.68 41.55 36.84
N SER A 1548 36.72 42.50 35.91
CA SER A 1548 36.63 42.13 34.50
C SER A 1548 37.99 41.71 34.01
N GLU A 1549 39.02 42.37 34.53
CA GLU A 1549 40.37 42.09 34.09
C GLU A 1549 40.79 40.74 34.63
N TRP A 1550 40.59 40.50 35.92
CA TRP A 1550 41.03 39.24 36.50
C TRP A 1550 40.24 38.07 35.91
N ILE A 1551 38.91 38.23 35.79
CA ILE A 1551 38.06 37.14 35.31
C ILE A 1551 38.43 36.78 33.87
N SER A 1552 38.77 37.78 33.04
CA SER A 1552 39.06 37.48 31.65
C SER A 1552 40.55 37.32 31.42
N GLN A 1553 41.37 37.69 32.41
CA GLN A 1553 42.80 37.52 32.32
C GLN A 1553 43.12 36.05 32.44
N MET A 1554 42.33 35.34 33.26
CA MET A 1554 42.65 33.92 33.40
C MET A 1554 42.41 33.22 32.07
N ALA A 1555 41.43 33.71 31.30
CA ALA A 1555 41.00 33.08 30.07
C ALA A 1555 41.76 33.55 28.84
N THR A 1556 42.40 34.73 28.89
CA THR A 1556 42.94 35.34 27.68
C THR A 1556 44.44 35.58 27.69
N LEU A 1557 45.13 35.45 28.83
CA LEU A 1557 46.58 35.55 28.80
C LEU A 1557 47.13 34.62 27.72
N PRO A 1558 48.27 34.94 27.10
CA PRO A 1558 48.84 34.01 26.11
C PRO A 1558 49.08 32.63 26.67
N GLN A 1559 49.54 32.57 27.92
CA GLN A 1559 49.72 31.29 28.62
C GLN A 1559 48.44 30.46 28.63
N ALA A 1560 47.29 31.12 28.76
CA ALA A 1560 46.01 30.43 28.75
C ALA A 1560 45.57 30.03 27.35
N SER A 1561 46.25 30.52 26.32
CA SER A 1561 46.10 29.99 24.97
C SER A 1561 47.03 28.82 24.74
N ASN A 1562 48.20 28.86 25.38
CA ASN A 1562 49.15 27.76 25.28
C ASN A 1562 48.61 26.49 25.93
N LEU A 1563 48.16 26.59 27.19
CA LEU A 1563 47.72 25.38 27.90
C LEU A 1563 46.69 24.57 27.11
N ALA A 1564 45.77 25.25 26.44
CA ALA A 1564 44.72 24.54 25.70
C ALA A 1564 45.28 23.61 24.64
N THR A 1565 46.53 23.73 24.26
CA THR A 1565 47.16 22.85 23.29
C THR A 1565 48.34 22.07 23.83
N ARG A 1566 49.08 22.64 24.78
CA ARG A 1566 50.14 21.90 25.44
C ARG A 1566 49.59 20.75 26.28
N ILE A 1567 48.47 20.98 26.97
CA ILE A 1567 47.83 19.89 27.70
C ILE A 1567 47.21 18.88 26.74
N LEU A 1568 46.55 19.36 25.69
CA LEU A 1568 45.88 18.48 24.75
C LEU A 1568 46.89 17.62 24.00
N LEU A 1569 48.00 18.21 23.57
CA LEU A 1569 49.09 17.43 23.00
C LEU A 1569 49.56 16.37 23.97
N LEU A 1570 49.88 16.78 25.20
CA LEU A 1570 50.33 15.83 26.20
C LEU A 1570 49.32 14.71 26.40
N THR A 1571 48.02 15.02 26.28
CA THR A 1571 46.98 14.01 26.43
C THR A 1571 46.95 13.03 25.27
N LEU A 1572 47.07 13.52 24.04
CA LEU A 1572 47.13 12.61 22.89
C LEU A 1572 48.39 11.74 22.96
N LEU A 1573 49.51 12.34 23.35
CA LEU A 1573 50.73 11.58 23.52
C LEU A 1573 50.52 10.53 24.58
N PHE A 1574 49.83 10.88 25.65
CA PHE A 1574 49.55 9.96 26.72
C PHE A 1574 48.71 8.80 26.21
N GLU A 1575 47.69 9.10 25.42
CA GLU A 1575 46.81 8.05 24.93
C GLU A 1575 47.58 7.03 24.10
N GLU A 1576 48.52 7.50 23.27
CA GLU A 1576 49.33 6.51 22.56
C GLU A 1576 50.35 5.87 23.50
N LEU A 1577 51.36 6.64 23.91
CA LEU A 1577 52.37 6.19 24.87
C LEU A 1577 51.75 6.15 26.26
N LYS A 1578 51.09 5.04 26.57
CA LYS A 1578 50.28 5.00 27.79
C LYS A 1578 51.12 5.10 29.05
N LEU A 1579 52.17 4.27 29.17
CA LEU A 1579 52.88 4.19 30.44
C LEU A 1579 54.11 5.07 30.60
N PRO A 1580 54.95 5.22 29.57
CA PRO A 1580 56.02 6.24 29.66
C PRO A 1580 55.50 7.64 29.98
N CYS A 1581 54.43 8.06 29.33
CA CYS A 1581 53.94 9.42 29.55
C CYS A 1581 53.28 9.53 30.91
N ALA A 1582 52.65 8.46 31.39
CA ALA A 1582 52.16 8.43 32.75
C ALA A 1582 53.31 8.59 33.75
N TRP A 1583 54.38 7.82 33.57
CA TRP A 1583 55.49 7.89 34.50
C TRP A 1583 56.16 9.26 34.50
N VAL A 1584 56.19 9.93 33.34
CA VAL A 1584 56.72 11.29 33.30
C VAL A 1584 55.76 12.29 33.96
N VAL A 1585 54.46 12.15 33.71
CA VAL A 1585 53.48 13.02 34.35
C VAL A 1585 53.46 12.83 35.86
N GLU A 1586 53.75 11.62 36.33
CA GLU A 1586 53.92 11.40 37.77
C GLU A 1586 55.19 12.05 38.29
N SER A 1587 56.33 11.73 37.68
CA SER A 1587 57.62 12.12 38.26
C SER A 1587 57.89 13.62 38.13
N SER A 1588 57.30 14.28 37.14
CA SER A 1588 57.40 15.75 37.04
C SER A 1588 56.59 16.47 38.11
N GLY A 1589 55.61 15.82 38.72
CA GLY A 1589 54.70 16.51 39.62
C GLY A 1589 53.75 17.49 38.96
N ILE A 1590 53.67 17.50 37.62
CA ILE A 1590 52.85 18.48 36.93
C ILE A 1590 51.39 18.36 37.36
N LEU A 1591 50.98 17.16 37.73
CA LEU A 1591 49.60 16.93 38.12
C LEU A 1591 49.21 17.75 39.36
N ASN A 1592 50.14 17.90 40.31
CA ASN A 1592 49.92 18.81 41.43
C ASN A 1592 49.72 20.25 40.97
N VAL A 1593 50.47 20.67 39.95
CA VAL A 1593 50.34 22.03 39.45
C VAL A 1593 48.98 22.22 38.80
N LEU A 1594 48.51 21.21 38.07
CA LEU A 1594 47.21 21.32 37.43
C LEU A 1594 46.05 21.27 38.43
N ILE A 1595 46.18 20.46 39.47
CA ILE A 1595 45.19 20.49 40.56
C ILE A 1595 45.18 21.84 41.26
N LYS A 1596 46.36 22.41 41.52
CA LYS A 1596 46.41 23.74 42.12
C LYS A 1596 45.81 24.81 41.22
N LEU A 1597 46.04 24.72 39.91
CA LEU A 1597 45.41 25.66 38.99
C LEU A 1597 43.91 25.51 38.92
N LEU A 1598 43.41 24.28 38.88
CA LEU A 1598 41.96 24.05 38.94
C LEU A 1598 41.36 24.59 40.22
N GLU A 1599 42.09 24.53 41.32
CA GLU A 1599 41.58 25.10 42.57
C GLU A 1599 41.58 26.62 42.54
N VAL A 1600 42.69 27.22 42.12
CA VAL A 1600 42.83 28.67 42.16
C VAL A 1600 41.95 29.41 41.15
N VAL A 1601 41.58 28.76 40.04
CA VAL A 1601 40.65 29.43 39.13
C VAL A 1601 39.20 29.48 39.62
N GLN A 1602 38.85 28.69 40.63
CA GLN A 1602 37.46 28.67 41.10
C GLN A 1602 36.97 30.00 41.65
N PRO A 1603 37.69 30.71 42.52
CA PRO A 1603 37.27 32.09 42.86
C PRO A 1603 37.00 32.97 41.65
N CYS A 1604 37.81 32.84 40.60
CA CYS A 1604 37.65 33.66 39.40
C CYS A 1604 36.35 33.31 38.70
N LEU A 1605 36.12 32.02 38.47
CA LEU A 1605 34.90 31.59 37.82
C LEU A 1605 33.67 31.97 38.64
N GLN A 1606 33.75 31.83 39.97
CA GLN A 1606 32.62 32.20 40.82
C GLN A 1606 32.31 33.69 40.69
N ALA A 1607 33.35 34.52 40.70
CA ALA A 1607 33.14 35.95 40.56
C ALA A 1607 32.56 36.26 39.19
N ALA A 1608 32.97 35.50 38.18
CA ALA A 1608 32.41 35.68 36.85
C ALA A 1608 30.93 35.31 36.84
N LYS A 1609 30.55 34.24 37.55
CA LYS A 1609 29.13 33.92 37.64
C LYS A 1609 28.38 35.04 38.33
N GLU A 1610 29.07 35.80 39.18
CA GLU A 1610 28.39 36.85 39.90
C GLU A 1610 28.31 38.12 39.07
N GLN A 1611 29.21 38.28 38.09
CA GLN A 1611 28.99 39.27 37.04
C GLN A 1611 27.90 38.85 36.07
N LYS A 1612 27.46 37.59 36.12
CA LYS A 1612 26.53 37.03 35.14
C LYS A 1612 27.13 37.03 33.74
N GLU A 1613 28.46 37.06 33.67
CA GLU A 1613 29.25 37.11 32.44
C GLU A 1613 30.35 36.05 32.50
N VAL A 1614 29.96 34.81 32.77
CA VAL A 1614 30.90 33.70 32.78
C VAL A 1614 31.40 33.42 31.38
N GLN A 1615 32.72 33.28 31.25
CA GLN A 1615 33.38 32.94 29.99
C GLN A 1615 34.52 31.98 30.31
N THR A 1616 34.29 30.70 30.02
CA THR A 1616 35.12 29.63 30.59
C THR A 1616 36.49 29.56 29.93
N PRO A 1617 37.58 29.53 30.70
CA PRO A 1617 38.90 29.24 30.13
C PRO A 1617 38.95 27.89 29.42
N LYS A 1618 39.22 27.93 28.11
CA LYS A 1618 39.12 26.73 27.29
C LYS A 1618 40.12 25.67 27.72
N TRP A 1619 41.22 26.07 28.36
CA TRP A 1619 42.23 25.16 28.86
C TRP A 1619 41.75 24.23 29.95
N ILE A 1620 40.60 24.48 30.56
CA ILE A 1620 40.13 23.61 31.63
C ILE A 1620 39.85 22.19 31.15
N THR A 1621 39.24 22.01 29.97
CA THR A 1621 38.94 20.66 29.52
C THR A 1621 40.17 19.81 29.24
N PRO A 1622 41.22 20.31 28.57
CA PRO A 1622 42.46 19.51 28.53
C PRO A 1622 42.95 19.01 29.88
N VAL A 1623 42.90 19.83 30.93
CA VAL A 1623 43.39 19.40 32.24
C VAL A 1623 42.55 18.26 32.81
N LEU A 1624 41.23 18.41 32.73
CA LEU A 1624 40.35 17.35 33.23
C LEU A 1624 40.52 16.06 32.44
N LEU A 1625 40.77 16.15 31.14
CA LEU A 1625 40.93 14.96 30.32
C LEU A 1625 42.29 14.30 30.58
N LEU A 1626 43.31 15.11 30.81
CA LEU A 1626 44.61 14.57 31.16
C LEU A 1626 44.55 13.84 32.48
N ILE A 1627 43.91 14.43 33.49
CA ILE A 1627 43.78 13.75 34.78
C ILE A 1627 42.95 12.49 34.60
N ASP A 1628 41.90 12.56 33.79
CA ASP A 1628 41.04 11.41 33.56
C ASP A 1628 41.86 10.27 33.02
N PHE A 1629 42.69 10.53 32.01
CA PHE A 1629 43.42 9.44 31.38
C PHE A 1629 44.63 9.03 32.18
N TYR A 1630 45.12 9.90 33.07
CA TYR A 1630 46.18 9.48 33.99
C TYR A 1630 45.66 8.45 34.97
N GLU A 1631 44.44 8.63 35.45
CA GLU A 1631 43.94 7.69 36.43
C GLU A 1631 43.27 6.50 35.77
N LYS A 1632 42.80 6.66 34.54
CA LYS A 1632 42.39 5.50 33.74
C LYS A 1632 43.60 4.61 33.52
N THR A 1633 44.72 5.21 33.14
CA THR A 1633 45.92 4.43 32.89
C THR A 1633 46.42 3.79 34.17
N ALA A 1634 46.29 4.47 35.31
CA ALA A 1634 46.87 3.80 36.44
C ALA A 1634 45.99 2.64 36.86
N ILE A 1635 44.65 2.79 36.82
CA ILE A 1635 43.78 1.70 37.21
C ILE A 1635 44.42 0.52 36.51
N SER A 1636 44.44 0.65 35.18
CA SER A 1636 44.62 -0.42 34.22
C SER A 1636 45.98 -1.07 34.36
N SER A 1637 47.02 -0.28 34.63
CA SER A 1637 48.34 -0.83 34.83
C SER A 1637 48.41 -1.74 36.05
N LYS A 1638 47.75 -1.38 37.14
CA LYS A 1638 47.74 -2.26 38.30
C LYS A 1638 47.04 -3.58 37.99
N ARG A 1639 45.90 -3.52 37.30
CA ARG A 1639 45.19 -4.72 36.89
C ARG A 1639 46.00 -5.60 35.94
N ARG A 1640 46.68 -4.98 34.98
CA ARG A 1640 47.54 -5.74 34.07
C ARG A 1640 48.75 -6.31 34.78
N ALA A 1641 49.29 -5.59 35.76
CA ALA A 1641 50.42 -6.10 36.53
C ALA A 1641 50.04 -7.34 37.31
N GLN A 1642 48.97 -7.27 38.09
CA GLN A 1642 48.53 -8.45 38.83
C GLN A 1642 48.00 -9.53 37.90
N MET A 1643 47.64 -9.20 36.67
CA MET A 1643 47.37 -10.23 35.66
C MET A 1643 48.65 -10.93 35.22
N THR A 1644 49.74 -10.16 35.07
CA THR A 1644 51.02 -10.75 34.69
C THR A 1644 51.57 -11.63 35.82
N LYS A 1645 51.35 -11.22 37.06
CA LYS A 1645 51.79 -12.00 38.22
C LYS A 1645 51.18 -13.39 38.24
N TYR A 1646 50.07 -13.62 37.55
CA TYR A 1646 49.42 -14.93 37.53
C TYR A 1646 49.56 -15.65 36.20
N LEU A 1647 50.49 -15.24 35.34
CA LEU A 1647 50.68 -15.90 34.05
C LEU A 1647 52.13 -16.25 33.81
N GLN A 1648 52.35 -17.43 33.22
CA GLN A 1648 53.64 -17.78 32.67
C GLN A 1648 53.80 -17.05 31.34
N SER A 1649 54.93 -16.37 31.16
CA SER A 1649 55.13 -15.56 29.97
C SER A 1649 55.39 -16.39 28.72
N ASN A 1650 55.65 -17.68 28.85
CA ASN A 1650 55.86 -18.57 27.72
C ASN A 1650 54.60 -19.37 27.44
N SER A 1651 54.14 -19.32 26.20
CA SER A 1651 53.02 -20.13 25.73
C SER A 1651 51.80 -19.98 26.63
N ASN A 1652 51.47 -18.73 26.95
CA ASN A 1652 50.20 -18.39 27.57
C ASN A 1652 49.09 -18.99 26.70
N ASN A 1653 48.33 -19.95 27.24
CA ASN A 1653 47.34 -20.64 26.43
C ASN A 1653 46.13 -19.73 26.25
N TRP A 1654 45.95 -19.23 25.03
CA TRP A 1654 44.69 -18.68 24.56
C TRP A 1654 43.74 -19.79 24.11
N ARG A 1655 42.48 -19.65 24.48
CA ARG A 1655 41.47 -20.65 24.14
C ARG A 1655 40.20 -19.97 23.63
N TRP A 1656 39.58 -20.59 22.64
CA TRP A 1656 38.38 -20.06 22.00
C TRP A 1656 37.20 -20.94 22.38
N PHE A 1657 36.06 -20.31 22.58
CA PHE A 1657 34.92 -20.94 23.25
C PHE A 1657 34.00 -21.56 22.22
N ASP A 1658 33.77 -22.87 22.34
CA ASP A 1658 32.88 -23.62 21.48
C ASP A 1658 31.55 -23.70 22.25
N ASP A 1659 30.62 -22.81 21.88
CA ASP A 1659 29.32 -22.70 22.54
C ASP A 1659 28.50 -23.97 22.42
N ARG A 1660 28.68 -24.74 21.33
CA ARG A 1660 27.83 -25.90 21.10
C ARG A 1660 28.14 -27.01 22.09
N SER A 1661 29.42 -27.23 22.36
CA SER A 1661 29.86 -28.20 23.34
C SER A 1661 30.18 -27.56 24.67
N GLY A 1662 30.45 -26.26 24.67
CA GLY A 1662 30.79 -25.56 25.89
C GLY A 1662 32.23 -25.71 26.28
N ARG A 1663 33.13 -25.85 25.31
CA ARG A 1663 34.53 -26.16 25.58
C ARG A 1663 35.41 -24.97 25.23
N TRP A 1664 36.40 -24.71 26.08
CA TRP A 1664 37.42 -23.72 25.74
C TRP A 1664 38.55 -24.43 24.99
N CYS A 1665 38.37 -24.56 23.69
CA CYS A 1665 39.28 -25.34 22.85
C CYS A 1665 40.52 -24.51 22.54
N SER A 1666 41.68 -25.16 22.54
CA SER A 1666 42.91 -24.42 22.29
C SER A 1666 43.11 -24.17 20.80
N TYR A 1667 43.83 -23.09 20.51
CA TYR A 1667 44.39 -22.82 19.19
C TYR A 1667 45.61 -23.71 18.94
N SER A 1668 46.02 -23.76 17.68
CA SER A 1668 47.31 -24.34 17.35
C SER A 1668 48.40 -23.55 18.07
N ALA A 1669 49.57 -24.19 18.22
CA ALA A 1669 50.67 -23.54 18.93
C ALA A 1669 51.15 -22.27 18.23
N SER A 1670 51.17 -22.27 16.90
CA SER A 1670 51.59 -21.05 16.19
C SER A 1670 50.57 -19.94 16.29
N ASN A 1671 49.29 -20.29 16.32
CA ASN A 1671 48.26 -19.27 16.48
C ASN A 1671 48.26 -18.73 17.90
N ASN A 1672 48.33 -19.62 18.88
CA ASN A 1672 48.39 -19.20 20.27
C ASN A 1672 49.58 -18.27 20.51
N SER A 1673 50.76 -18.65 20.03
CA SER A 1673 51.93 -17.79 20.16
C SER A 1673 51.75 -16.45 19.45
N THR A 1674 51.10 -16.45 18.28
CA THR A 1674 50.88 -15.19 17.58
C THR A 1674 49.92 -14.28 18.35
N ILE A 1675 48.79 -14.83 18.79
CA ILE A 1675 47.81 -14.06 19.55
C ILE A 1675 48.42 -13.52 20.83
N ASP A 1676 49.15 -14.37 21.57
CA ASP A 1676 49.79 -13.91 22.78
C ASP A 1676 50.79 -12.79 22.50
N SER A 1677 51.68 -12.98 21.52
CA SER A 1677 52.67 -11.96 21.20
C SER A 1677 52.02 -10.64 20.82
N ALA A 1678 50.91 -10.68 20.07
CA ALA A 1678 50.27 -9.45 19.63
C ALA A 1678 49.37 -8.84 20.70
N TRP A 1679 48.89 -9.62 21.66
CA TRP A 1679 48.24 -9.05 22.83
C TRP A 1679 49.27 -8.37 23.73
N LYS A 1680 50.41 -9.02 23.93
CA LYS A 1680 51.47 -8.45 24.75
C LYS A 1680 52.03 -7.18 24.14
N SER A 1681 52.08 -7.11 22.80
CA SER A 1681 52.44 -5.85 22.15
C SER A 1681 51.37 -4.78 22.33
N GLY A 1682 50.15 -5.18 22.70
CA GLY A 1682 49.08 -4.23 22.90
C GLY A 1682 48.35 -3.85 21.63
N GLU A 1683 48.49 -4.65 20.57
CA GLU A 1683 47.71 -4.42 19.36
C GLU A 1683 46.25 -4.75 19.62
N THR A 1684 45.36 -3.97 18.99
CA THR A 1684 43.93 -4.15 19.24
C THR A 1684 43.39 -5.43 18.61
N SER A 1685 43.99 -5.89 17.51
CA SER A 1685 43.47 -7.05 16.81
C SER A 1685 44.60 -7.82 16.15
N VAL A 1686 44.38 -9.12 15.97
CA VAL A 1686 45.37 -10.02 15.41
C VAL A 1686 44.71 -10.91 14.37
N ARG A 1687 45.37 -11.10 13.23
CA ARG A 1687 44.86 -11.93 12.15
C ARG A 1687 45.63 -13.25 12.10
N PHE A 1688 44.90 -14.35 11.87
CA PHE A 1688 45.52 -15.64 11.71
C PHE A 1688 44.59 -16.52 10.87
N THR A 1689 45.15 -17.61 10.35
CA THR A 1689 44.40 -18.53 9.51
C THR A 1689 44.46 -19.92 10.10
N ALA A 1690 43.29 -20.57 10.18
CA ALA A 1690 43.17 -21.93 10.69
C ALA A 1690 42.28 -22.69 9.73
N GLY A 1691 42.73 -23.88 9.33
CA GLY A 1691 42.04 -24.63 8.31
C GLY A 1691 41.83 -23.88 7.01
N ARG A 1692 42.72 -22.94 6.70
CA ARG A 1692 42.56 -21.98 5.61
C ARG A 1692 41.40 -21.00 5.77
N ARG A 1693 40.66 -21.09 6.87
CA ARG A 1693 39.69 -20.05 7.18
C ARG A 1693 40.43 -18.88 7.82
N ARG A 1694 39.98 -17.67 7.52
CA ARG A 1694 40.55 -16.46 8.08
C ARG A 1694 39.82 -16.07 9.36
N TYR A 1695 40.54 -16.09 10.48
CA TYR A 1695 40.05 -15.63 11.77
C TYR A 1695 40.79 -14.35 12.17
N THR A 1696 40.07 -13.48 12.88
CA THR A 1696 40.67 -12.30 13.48
C THR A 1696 40.19 -12.21 14.91
N VAL A 1697 41.09 -11.88 15.82
CA VAL A 1697 40.74 -11.65 17.22
C VAL A 1697 40.77 -10.16 17.51
N GLN A 1698 39.74 -9.72 18.25
CA GLN A 1698 39.55 -8.36 18.74
C GLN A 1698 39.71 -8.37 20.26
N PHE A 1699 40.84 -7.85 20.74
CA PHE A 1699 41.10 -7.81 22.18
C PHE A 1699 40.33 -6.71 22.89
N THR A 1700 39.66 -5.83 22.15
CA THR A 1700 38.71 -4.91 22.78
C THR A 1700 37.53 -5.69 23.35
N THR A 1701 37.12 -6.73 22.65
CA THR A 1701 35.96 -7.54 23.00
C THR A 1701 36.39 -8.94 23.37
N MET A 1702 37.63 -9.30 23.07
CA MET A 1702 38.12 -10.67 23.16
C MET A 1702 37.22 -11.63 22.37
N VAL A 1703 37.13 -11.37 21.07
CA VAL A 1703 36.29 -12.19 20.20
C VAL A 1703 37.07 -12.59 18.96
N GLN A 1704 36.96 -13.87 18.59
CA GLN A 1704 37.39 -14.36 17.29
C GLN A 1704 36.22 -14.27 16.31
N VAL A 1705 36.39 -13.49 15.25
CA VAL A 1705 35.46 -13.43 14.14
C VAL A 1705 36.02 -14.26 12.99
N ASN A 1706 35.18 -15.14 12.45
CA ASN A 1706 35.47 -15.81 11.19
C ASN A 1706 35.18 -14.82 10.07
N GLU A 1707 36.22 -14.47 9.30
CA GLU A 1707 36.12 -13.38 8.34
C GLU A 1707 35.24 -13.70 7.14
N GLU A 1708 35.02 -14.98 6.83
CA GLU A 1708 34.16 -15.31 5.70
C GLU A 1708 32.69 -15.19 6.08
N THR A 1709 32.30 -15.80 7.20
CA THR A 1709 30.91 -15.87 7.61
C THR A 1709 30.52 -14.72 8.54
N GLY A 1710 31.49 -14.09 9.20
CA GLY A 1710 31.18 -13.12 10.23
C GLY A 1710 30.71 -13.70 11.54
N ASN A 1711 30.81 -15.02 11.71
CA ASN A 1711 30.49 -15.62 13.00
C ASN A 1711 31.50 -15.15 14.04
N ARG A 1712 30.98 -14.64 15.15
CA ARG A 1712 31.78 -14.16 16.27
C ARG A 1712 31.67 -15.11 17.46
N ARG A 1713 32.82 -15.55 17.96
CA ARG A 1713 32.98 -16.57 18.97
C ARG A 1713 33.84 -15.99 20.09
N PRO A 1714 33.56 -16.29 21.36
CA PRO A 1714 34.37 -15.72 22.44
C PRO A 1714 35.76 -16.33 22.50
N VAL A 1715 36.71 -15.56 23.04
CA VAL A 1715 38.03 -16.09 23.37
C VAL A 1715 38.42 -15.66 24.79
N MET A 1716 39.40 -16.38 25.34
CA MET A 1716 39.96 -16.13 26.65
C MET A 1716 41.46 -16.33 26.60
N LEU A 1717 42.15 -15.75 27.57
CA LEU A 1717 43.51 -16.15 27.89
C LEU A 1717 43.47 -16.91 29.20
N THR A 1718 44.02 -18.12 29.20
CA THR A 1718 43.98 -19.00 30.38
C THR A 1718 45.08 -18.66 31.37
N LEU A 1719 44.70 -17.97 32.45
CA LEU A 1719 45.56 -17.79 33.61
C LEU A 1719 45.76 -19.09 34.36
N LEU A 1720 46.80 -19.13 35.17
CA LEU A 1720 47.12 -20.30 35.98
C LEU A 1720 46.05 -20.49 37.06
N ILE A 1782 57.68 0.46 36.39
CA ILE A 1782 56.64 1.46 36.15
C ILE A 1782 55.40 1.08 36.92
N LEU A 1783 55.31 1.54 38.17
CA LEU A 1783 54.11 1.46 38.98
C LEU A 1783 53.54 2.86 39.16
N ILE A 1784 52.37 3.09 38.57
CA ILE A 1784 51.75 4.41 38.54
C ILE A 1784 50.97 4.61 39.82
N GLN A 1785 51.45 5.50 40.69
CA GLN A 1785 50.85 5.65 42.01
C GLN A 1785 49.36 5.97 41.91
N GLY A 1786 48.98 6.74 40.89
CA GLY A 1786 47.64 7.28 40.78
C GLY A 1786 47.40 8.48 41.67
N LEU A 1787 46.20 9.03 41.52
CA LEU A 1787 45.82 10.23 42.24
C LEU A 1787 45.72 9.96 43.74
N THR A 1788 46.34 10.81 44.54
CA THR A 1788 46.29 10.69 45.98
C THR A 1788 45.05 11.38 46.53
N GLU A 1789 44.71 11.02 47.78
CA GLU A 1789 43.53 11.54 48.45
C GLU A 1789 43.47 13.06 48.46
N ASP A 1790 44.60 13.72 48.75
CA ASP A 1790 44.61 15.17 48.76
C ASP A 1790 44.47 15.80 47.38
N MET A 1791 44.75 15.06 46.31
CA MET A 1791 44.42 15.57 44.98
C MET A 1791 42.94 15.36 44.68
N VAL A 1792 42.46 14.14 44.88
CA VAL A 1792 41.05 13.81 44.61
C VAL A 1792 40.11 14.73 45.37
N THR A 1793 40.39 15.02 46.63
CA THR A 1793 39.53 15.93 47.39
C THR A 1793 39.45 17.31 46.75
N VAL A 1794 40.55 17.80 46.20
CA VAL A 1794 40.56 19.12 45.60
C VAL A 1794 39.86 19.11 44.23
N LEU A 1795 40.08 18.05 43.46
CA LEU A 1795 39.37 17.89 42.19
C LEU A 1795 37.86 17.80 42.37
N ILE A 1796 37.39 17.07 43.39
CA ILE A 1796 35.95 16.95 43.60
C ILE A 1796 35.35 18.32 43.90
N ARG A 1797 36.02 19.10 44.74
CA ARG A 1797 35.55 20.46 45.05
C ARG A 1797 35.57 21.35 43.82
N ALA A 1798 36.58 21.19 42.96
CA ALA A 1798 36.64 22.01 41.76
C ALA A 1798 35.56 21.62 40.76
N CYS A 1799 35.25 20.33 40.66
CA CYS A 1799 34.20 19.88 39.75
C CYS A 1799 32.83 20.30 40.23
N VAL A 1800 32.61 20.28 41.54
CA VAL A 1800 31.35 20.79 42.07
C VAL A 1800 31.24 22.30 41.87
N SER A 1801 32.33 23.04 42.03
CA SER A 1801 32.26 24.48 41.78
C SER A 1801 32.02 24.79 40.31
N MET A 1802 32.63 24.02 39.39
CA MET A 1802 32.37 24.18 37.97
C MET A 1802 30.98 23.71 37.57
N LEU A 1803 30.32 22.89 38.40
CA LEU A 1803 28.91 22.63 38.15
C LEU A 1803 28.04 23.74 38.70
N GLY A 1804 28.45 24.32 39.82
CA GLY A 1804 27.78 25.45 40.41
C GLY A 1804 27.69 26.62 39.45
N VAL A 1805 28.83 27.14 39.03
CA VAL A 1805 28.88 28.05 37.88
C VAL A 1805 28.84 27.20 36.62
N PRO A 1806 27.79 27.29 35.81
CA PRO A 1806 27.73 26.42 34.62
C PRO A 1806 28.76 26.81 33.58
N VAL A 1807 29.95 26.22 33.72
CA VAL A 1807 31.13 26.72 33.03
C VAL A 1807 30.94 26.68 31.52
N ASP A 1808 30.72 25.50 30.97
CA ASP A 1808 30.40 25.32 29.55
C ASP A 1808 29.93 23.88 29.37
N PRO A 1809 29.13 23.60 28.33
CA PRO A 1809 28.79 22.20 28.04
C PRO A 1809 29.95 21.21 27.96
N ASP A 1810 30.97 21.49 27.16
CA ASP A 1810 32.07 20.54 27.00
C ASP A 1810 32.91 20.44 28.28
N THR A 1811 32.95 21.50 29.06
CA THR A 1811 33.68 21.46 30.32
C THR A 1811 32.88 20.73 31.38
N LEU A 1812 31.55 20.82 31.31
CA LEU A 1812 30.75 20.02 32.21
C LEU A 1812 30.87 18.55 31.88
N HIS A 1813 30.93 18.24 30.59
CA HIS A 1813 31.11 16.86 30.17
C HIS A 1813 32.43 16.28 30.68
N ALA A 1814 33.52 17.06 30.56
CA ALA A 1814 34.79 16.58 31.07
C ALA A 1814 34.83 16.47 32.59
N THR A 1815 34.24 17.44 33.29
CA THR A 1815 34.27 17.39 34.75
C THR A 1815 33.38 16.28 35.29
N LEU A 1816 32.25 16.01 34.63
CA LEU A 1816 31.39 14.92 35.04
C LEU A 1816 32.00 13.56 34.70
N ARG A 1817 32.69 13.47 33.57
CA ARG A 1817 33.45 12.24 33.28
C ARG A 1817 34.47 11.97 34.37
N LEU A 1818 35.19 13.01 34.79
CA LEU A 1818 36.15 12.84 35.88
C LEU A 1818 35.48 12.46 37.18
N CYS A 1819 34.37 13.14 37.52
CA CYS A 1819 33.61 12.75 38.70
C CYS A 1819 33.14 11.31 38.62
N LEU A 1820 32.72 10.86 37.44
CA LEU A 1820 32.30 9.48 37.27
C LEU A 1820 33.43 8.51 37.55
N ARG A 1821 34.64 8.85 37.14
CA ARG A 1821 35.76 7.96 37.45
C ARG A 1821 36.12 8.01 38.93
N LEU A 1822 36.12 9.19 39.53
CA LEU A 1822 36.50 9.33 40.93
C LEU A 1822 35.48 8.69 41.87
N THR A 1823 34.19 8.95 41.65
CA THR A 1823 33.14 8.55 42.58
C THR A 1823 32.86 7.07 42.58
N ARG A 1824 33.51 6.28 41.72
CA ARG A 1824 33.32 4.85 41.79
C ARG A 1824 33.84 4.31 43.11
N ASP A 1825 34.65 5.09 43.82
CA ASP A 1825 34.87 4.92 45.25
C ASP A 1825 33.84 5.73 46.03
N HIS A 1826 33.04 5.04 46.86
CA HIS A 1826 31.94 5.70 47.53
C HIS A 1826 32.39 6.84 48.44
N LYS A 1827 33.60 6.77 48.99
CA LYS A 1827 34.09 7.89 49.77
C LYS A 1827 34.03 9.19 48.99
N TYR A 1828 34.47 9.15 47.73
CA TYR A 1828 34.44 10.35 46.90
C TYR A 1828 33.05 10.60 46.34
N ALA A 1829 32.24 9.56 46.16
CA ALA A 1829 30.84 9.80 45.80
C ALA A 1829 30.11 10.54 46.90
N MET A 1830 30.39 10.17 48.16
CA MET A 1830 29.86 10.91 49.30
C MET A 1830 30.35 12.35 49.29
N MET A 1831 31.62 12.55 49.00
CA MET A 1831 32.13 13.93 48.97
C MET A 1831 31.41 14.76 47.90
N PHE A 1832 31.21 14.17 46.73
CA PHE A 1832 30.49 14.81 45.64
C PHE A 1832 29.03 15.06 45.96
N ALA A 1833 28.44 14.26 46.85
CA ALA A 1833 27.04 14.47 47.19
C ALA A 1833 26.87 15.33 48.43
N GLU A 1834 27.91 15.40 49.27
CA GLU A 1834 27.93 16.28 50.42
C GLU A 1834 28.23 17.72 50.03
N LEU A 1835 28.77 17.95 48.84
CA LEU A 1835 28.99 19.30 48.38
C LEU A 1835 27.81 19.85 47.58
N LYS A 1836 26.62 19.27 47.78
CA LYS A 1836 25.37 19.76 47.19
C LYS A 1836 25.45 19.90 45.66
N SER A 1837 25.90 18.84 45.01
CA SER A 1837 26.02 18.86 43.55
C SER A 1837 24.77 18.41 42.82
N THR A 1838 23.88 17.65 43.48
CA THR A 1838 22.63 17.27 42.85
C THR A 1838 21.65 18.44 42.71
N ARG A 1839 21.77 19.46 43.55
CA ARG A 1839 20.97 20.66 43.32
C ARG A 1839 21.48 21.40 42.09
N MET A 1840 22.80 21.59 42.01
CA MET A 1840 23.34 22.26 40.85
C MET A 1840 22.94 21.52 39.57
N ILE A 1841 23.05 20.20 39.61
CA ILE A 1841 22.71 19.36 38.45
C ILE A 1841 21.25 19.51 38.07
N LEU A 1842 20.37 19.66 39.06
CA LEU A 1842 18.96 19.88 38.74
C LEU A 1842 18.71 21.28 38.21
N ASN A 1843 19.48 22.26 38.67
CA ASN A 1843 19.34 23.64 38.23
C ASN A 1843 19.91 23.90 36.85
N LEU A 1844 20.83 23.06 36.38
CA LEU A 1844 21.43 23.27 35.06
C LEU A 1844 20.38 23.43 33.97
N THR A 1845 20.59 24.46 33.15
CA THR A 1845 19.73 24.83 32.04
C THR A 1845 20.18 24.15 30.75
N GLN A 1846 19.30 24.13 29.76
CA GLN A 1846 19.61 23.48 28.49
C GLN A 1846 20.76 24.16 27.75
N SER A 1847 21.08 25.41 28.08
CA SER A 1847 22.27 26.02 27.52
C SER A 1847 23.54 25.31 27.97
N SER A 1848 23.47 24.56 29.06
CA SER A 1848 24.62 23.86 29.63
C SER A 1848 24.39 22.36 29.58
N GLY A 1849 24.05 21.84 28.40
CA GLY A 1849 23.80 20.42 28.27
C GLY A 1849 24.44 19.83 27.03
N PHE A 1850 24.62 18.51 27.07
CA PHE A 1850 25.34 17.77 26.06
C PHE A 1850 24.73 16.40 25.87
N ASN A 1851 25.07 15.77 24.74
CA ASN A 1851 24.48 14.50 24.32
C ASN A 1851 24.44 13.45 25.43
N GLY A 1852 25.52 13.28 26.18
CA GLY A 1852 25.63 12.29 27.21
C GLY A 1852 25.14 12.66 28.59
N PHE A 1853 24.49 13.81 28.74
CA PHE A 1853 24.27 14.38 30.06
C PHE A 1853 23.41 13.46 30.94
N THR A 1854 22.28 13.01 30.45
CA THR A 1854 21.39 12.22 31.28
C THR A 1854 21.88 10.81 31.60
N PRO A 1855 22.46 10.07 30.64
CA PRO A 1855 23.21 8.86 31.04
C PRO A 1855 24.26 9.11 32.09
N LEU A 1856 25.13 10.09 31.86
CA LEU A 1856 26.26 10.29 32.74
C LEU A 1856 25.81 10.69 34.14
N VAL A 1857 24.86 11.62 34.23
CA VAL A 1857 24.27 12.01 35.51
C VAL A 1857 23.59 10.83 36.20
N THR A 1858 22.95 9.95 35.44
CA THR A 1858 22.33 8.79 36.06
C THR A 1858 23.39 7.86 36.65
N LEU A 1859 24.51 7.71 35.96
CA LEU A 1859 25.60 6.89 36.48
C LEU A 1859 26.22 7.52 37.72
N LEU A 1860 26.37 8.84 37.73
CA LEU A 1860 26.87 9.53 38.92
C LEU A 1860 25.95 9.35 40.12
N LEU A 1861 24.65 9.55 39.91
CA LEU A 1861 23.70 9.34 41.00
C LEU A 1861 23.73 7.89 41.48
N ARG A 1862 23.83 6.93 40.57
CA ARG A 1862 24.00 5.54 40.97
C ARG A 1862 25.27 5.35 41.78
N HIS A 1863 26.34 6.08 41.45
CA HIS A 1863 27.56 6.01 42.24
C HIS A 1863 27.38 6.55 43.64
N ILE A 1864 26.47 7.52 43.79
CA ILE A 1864 26.17 8.01 45.14
C ILE A 1864 25.28 7.04 45.89
N ILE A 1865 24.36 6.39 45.18
CA ILE A 1865 23.40 5.50 45.80
C ILE A 1865 24.02 4.17 46.19
N GLU A 1866 25.05 3.71 45.47
CA GLU A 1866 25.62 2.39 45.66
C GLU A 1866 26.63 2.38 46.80
N ASP A 1867 26.12 2.32 48.02
CA ASP A 1867 27.02 2.16 49.15
C ASP A 1867 27.41 0.69 49.23
N PRO A 1868 28.48 0.35 49.96
CA PRO A 1868 28.94 -1.04 50.00
C PRO A 1868 27.85 -2.11 50.10
N CYS A 1869 26.82 -1.84 50.88
CA CYS A 1869 25.78 -2.84 51.11
C CYS A 1869 24.76 -2.88 49.97
N THR A 1870 24.35 -1.72 49.49
CA THR A 1870 23.39 -1.70 48.38
C THR A 1870 24.04 -2.23 47.12
N LEU A 1871 25.31 -1.91 46.92
CA LEU A 1871 26.07 -2.47 45.83
C LEU A 1871 26.21 -3.98 45.96
N ARG A 1872 26.48 -4.48 47.17
CA ARG A 1872 26.52 -5.93 47.38
C ARG A 1872 25.21 -6.60 46.99
N HIS A 1873 24.09 -6.08 47.49
CA HIS A 1873 22.79 -6.68 47.17
C HIS A 1873 22.46 -6.59 45.69
N THR A 1874 22.84 -5.49 45.03
CA THR A 1874 22.59 -5.39 43.60
C THR A 1874 23.50 -6.30 42.80
N MET A 1875 24.73 -6.49 43.25
CA MET A 1875 25.63 -7.41 42.57
C MET A 1875 25.16 -8.84 42.74
N GLU A 1876 24.62 -9.17 43.92
CA GLU A 1876 23.97 -10.47 44.10
C GLU A 1876 22.85 -10.65 43.10
N LYS A 1877 22.01 -9.62 42.96
CA LYS A 1877 20.91 -9.69 42.01
C LYS A 1877 21.43 -9.94 40.60
N VAL A 1878 22.51 -9.26 40.22
CA VAL A 1878 23.07 -9.40 38.87
C VAL A 1878 23.67 -10.79 38.66
N VAL A 1879 24.42 -11.29 39.64
CA VAL A 1879 25.05 -12.59 39.51
C VAL A 1879 24.00 -13.69 39.42
N ARG A 1880 23.01 -13.65 40.31
CA ARG A 1880 21.91 -14.61 40.23
C ARG A 1880 21.19 -14.52 38.89
N SER A 1881 20.91 -13.30 38.43
CA SER A 1881 20.21 -13.14 37.15
C SER A 1881 21.00 -13.76 36.01
N ALA A 1882 22.30 -13.48 35.95
CA ALA A 1882 23.12 -13.99 34.86
C ALA A 1882 23.28 -15.50 34.92
N ALA A 1883 23.33 -16.09 36.12
CA ALA A 1883 23.44 -17.53 36.21
C ALA A 1883 22.11 -18.23 35.91
N THR A 1884 20.99 -17.60 36.28
CA THR A 1884 19.69 -18.21 36.06
C THR A 1884 19.19 -18.05 34.63
N SER A 1885 19.56 -16.98 33.96
CA SER A 1885 19.08 -16.69 32.61
C SER A 1885 20.21 -16.84 31.60
N GLY A 1886 20.00 -17.67 30.59
CA GLY A 1886 21.04 -18.01 29.64
C GLY A 1886 21.23 -16.85 28.68
N ALA A 1887 21.81 -15.76 29.18
CA ALA A 1887 21.80 -14.51 28.43
C ALA A 1887 22.51 -14.64 27.09
N GLY A 1888 21.95 -13.97 26.07
CA GLY A 1888 22.61 -13.83 24.78
C GLY A 1888 23.68 -12.76 24.78
N SER A 1889 24.44 -12.74 23.69
CA SER A 1889 25.56 -11.82 23.57
C SER A 1889 25.86 -11.58 22.10
N THR A 1890 26.78 -10.65 21.85
CA THR A 1890 27.28 -10.36 20.51
C THR A 1890 28.48 -11.24 20.16
N THR A 1891 28.56 -12.41 20.79
CA THR A 1891 29.58 -13.42 20.58
C THR A 1891 28.95 -14.73 20.13
N SER A 1892 27.71 -14.67 19.65
CA SER A 1892 26.97 -15.84 19.20
C SER A 1892 26.89 -16.89 20.29
N GLY A 1893 26.68 -16.43 21.52
CA GLY A 1893 26.34 -17.32 22.60
C GLY A 1893 24.83 -17.46 22.54
N VAL A 1894 24.36 -18.65 22.19
CA VAL A 1894 22.94 -18.83 21.86
C VAL A 1894 22.06 -18.39 23.01
N VAL A 1895 20.99 -17.66 22.66
CA VAL A 1895 20.08 -17.15 23.67
C VAL A 1895 19.40 -18.34 24.36
N SER A 1896 19.33 -18.28 25.68
CA SER A 1896 18.77 -19.37 26.48
C SER A 1896 19.45 -20.69 26.12
N GLY A 1897 20.76 -20.65 25.93
CA GLY A 1897 21.54 -21.85 25.80
C GLY A 1897 21.75 -22.52 27.14
N SER A 1898 22.04 -23.82 27.14
CA SER A 1898 22.27 -24.50 28.39
C SER A 1898 23.70 -24.99 28.56
N LEU A 1899 24.49 -25.13 27.49
CA LEU A 1899 25.94 -25.27 27.64
C LEU A 1899 26.61 -23.90 27.72
N GLY A 1900 26.62 -23.19 26.60
CA GLY A 1900 27.43 -21.99 26.50
C GLY A 1900 26.99 -20.88 27.43
N SER A 1901 25.69 -20.70 27.57
CA SER A 1901 25.21 -19.61 28.40
C SER A 1901 25.51 -19.83 29.86
N ARG A 1902 25.96 -21.03 30.27
CA ARG A 1902 26.10 -21.34 31.67
C ARG A 1902 27.51 -21.60 32.17
N GLU A 1903 28.55 -21.53 31.33
CA GLU A 1903 29.89 -21.79 31.84
C GLU A 1903 30.35 -20.66 32.76
N ILE A 1904 31.01 -21.03 33.84
CA ILE A 1904 31.58 -20.03 34.75
C ILE A 1904 32.53 -19.09 34.02
N ASN A 1905 33.38 -19.64 33.14
CA ASN A 1905 34.37 -18.83 32.44
C ASN A 1905 33.75 -17.84 31.46
N TYR A 1906 32.51 -18.08 31.01
CA TYR A 1906 31.83 -17.11 30.18
C TYR A 1906 31.00 -16.15 31.03
N ILE A 1907 30.32 -16.66 32.05
CA ILE A 1907 29.52 -15.83 32.93
C ILE A 1907 30.37 -14.76 33.59
N LEU A 1908 31.61 -15.12 33.99
CA LEU A 1908 32.51 -14.12 34.52
C LEU A 1908 32.86 -13.06 33.47
N ARG A 1909 32.78 -13.40 32.19
CA ARG A 1909 33.04 -12.44 31.13
C ARG A 1909 31.87 -11.49 30.93
N VAL A 1910 30.66 -12.01 31.07
CA VAL A 1910 29.46 -11.17 31.05
C VAL A 1910 29.41 -10.25 32.26
N LEU A 1911 29.75 -10.78 33.44
CA LEU A 1911 29.77 -10.02 34.69
C LEU A 1911 30.97 -9.08 34.82
N GLY A 1912 31.82 -8.99 33.80
CA GLY A 1912 32.99 -8.13 33.88
C GLY A 1912 32.69 -6.70 34.27
N PRO A 1913 31.66 -6.08 33.72
CA PRO A 1913 31.25 -4.75 34.20
C PRO A 1913 31.00 -4.69 35.69
N ALA A 1914 30.48 -5.78 36.27
CA ALA A 1914 30.26 -5.82 37.71
C ALA A 1914 31.56 -5.98 38.47
N ALA A 1915 32.49 -6.74 37.90
CA ALA A 1915 33.80 -6.88 38.53
C ALA A 1915 34.53 -5.55 38.52
N CYS A 1916 34.40 -4.79 37.43
CA CYS A 1916 35.00 -3.46 37.39
C CYS A 1916 34.30 -2.51 38.35
N ARG A 1917 32.97 -2.63 38.48
CA ARG A 1917 32.27 -1.76 39.42
C ARG A 1917 32.83 -1.95 40.83
N ASN A 1918 33.00 -3.21 41.24
CA ASN A 1918 33.83 -3.45 42.42
C ASN A 1918 34.34 -4.88 42.47
N PRO A 1919 35.63 -5.10 42.25
CA PRO A 1919 36.10 -6.50 42.17
C PRO A 1919 36.02 -7.23 43.50
N ASP A 1920 36.33 -6.56 44.62
CA ASP A 1920 36.29 -7.23 45.91
C ASP A 1920 34.87 -7.71 46.24
N ILE A 1921 33.90 -6.79 46.14
CA ILE A 1921 32.52 -7.15 46.40
C ILE A 1921 32.06 -8.21 45.43
N PHE A 1922 32.51 -8.12 44.17
CA PHE A 1922 32.13 -9.12 43.19
C PHE A 1922 32.67 -10.50 43.53
N THR A 1923 33.88 -10.58 44.09
CA THR A 1923 34.37 -11.86 44.59
C THR A 1923 33.47 -12.37 45.72
N GLU A 1924 33.20 -11.52 46.70
CA GLU A 1924 32.41 -11.98 47.84
C GLU A 1924 31.06 -12.52 47.39
N VAL A 1925 30.40 -11.76 46.52
CA VAL A 1925 29.09 -12.16 46.00
C VAL A 1925 29.19 -13.44 45.18
N ALA A 1926 30.17 -13.52 44.28
CA ALA A 1926 30.21 -14.69 43.41
C ALA A 1926 30.58 -15.95 44.18
N ASN A 1927 31.43 -15.82 45.20
CA ASN A 1927 31.69 -16.94 46.10
C ASN A 1927 30.43 -17.36 46.85
N CYS A 1928 29.55 -16.42 47.19
CA CYS A 1928 28.40 -16.80 48.00
C CYS A 1928 27.21 -17.23 47.16
N CYS A 1929 27.12 -16.79 45.90
CA CYS A 1929 25.95 -17.02 45.08
C CYS A 1929 26.19 -17.92 43.89
N ILE A 1930 27.42 -18.38 43.67
CA ILE A 1930 27.73 -19.28 42.56
C ILE A 1930 28.28 -20.57 43.13
N ARG A 1931 28.01 -21.68 42.44
CA ARG A 1931 28.64 -22.93 42.75
C ARG A 1931 28.85 -23.62 41.41
N ILE A 1932 30.01 -24.23 41.16
CA ILE A 1932 30.15 -24.96 39.92
C ILE A 1932 29.33 -26.24 40.01
N ALA A 1933 28.61 -26.56 38.94
CA ALA A 1933 27.68 -27.68 39.03
C ALA A 1933 28.41 -29.01 39.14
N LEU A 1934 27.72 -29.98 39.73
CA LEU A 1934 28.16 -31.37 39.77
C LEU A 1934 27.34 -32.20 38.80
N PRO A 1935 27.93 -32.83 37.79
CA PRO A 1935 27.13 -33.71 36.94
C PRO A 1935 26.83 -35.01 37.66
N ALA A 1936 25.69 -35.58 37.32
CA ALA A 1936 25.16 -36.77 37.99
C ALA A 1936 26.22 -37.86 38.15
N PRO A 1937 26.05 -38.75 39.12
CA PRO A 1937 26.93 -39.92 39.21
C PRO A 1937 26.77 -40.78 37.97
N ARG A 1938 27.87 -40.88 37.22
CA ARG A 1938 27.84 -41.57 35.93
C ARG A 1938 27.49 -43.05 36.10
N GLY A 1939 28.19 -43.74 37.00
CA GLY A 1939 27.94 -45.14 37.27
C GLY A 1939 28.15 -45.49 38.72
N SER A 1940 27.24 -46.24 39.34
CA SER A 1940 27.50 -46.67 40.71
C SER A 1940 28.75 -47.55 40.72
N GLY A 1941 29.55 -47.42 41.77
CA GLY A 1941 30.77 -48.23 41.86
C GLY A 1941 31.94 -47.28 42.02
N THR A 1942 32.75 -47.52 43.05
CA THR A 1942 33.79 -46.55 43.38
C THR A 1942 35.11 -46.86 42.67
N ALA A 1943 35.45 -48.14 42.52
CA ALA A 1943 36.73 -48.51 41.95
C ALA A 1943 36.88 -47.98 40.52
N SER A 1944 35.85 -48.16 39.70
CA SER A 1944 35.91 -47.82 38.29
C SER A 1944 35.13 -46.56 37.93
N ASP A 1945 33.84 -46.50 38.26
CA ASP A 1945 33.02 -45.38 37.80
C ASP A 1945 33.43 -44.06 38.46
N ASP A 1946 33.66 -44.06 39.77
CA ASP A 1946 34.04 -42.81 40.44
C ASP A 1946 35.46 -42.40 40.05
N GLU A 1947 36.31 -43.36 39.72
CA GLU A 1947 37.64 -43.03 39.19
C GLU A 1947 37.54 -42.28 37.88
N PHE A 1948 36.63 -42.67 36.99
CA PHE A 1948 36.49 -41.97 35.72
C PHE A 1948 35.50 -40.82 35.82
N GLU A 1949 34.87 -40.67 36.98
CA GLU A 1949 34.01 -39.54 37.25
C GLU A 1949 34.85 -38.40 37.77
N ASN A 1950 35.97 -38.73 38.41
CA ASN A 1950 36.91 -37.70 38.79
C ASN A 1950 37.69 -37.27 37.55
N LEU A 1951 37.95 -38.22 36.64
CA LEU A 1951 38.63 -37.87 35.40
C LEU A 1951 37.77 -36.90 34.60
N ARG A 1952 36.44 -37.08 34.66
CA ARG A 1952 35.56 -36.25 33.86
C ARG A 1952 35.32 -34.91 34.53
N ILE A 1953 34.84 -34.93 35.78
CA ILE A 1953 34.45 -33.70 36.45
C ILE A 1953 35.66 -32.82 36.74
N LYS A 1954 36.78 -33.42 37.18
CA LYS A 1954 37.93 -32.64 37.58
C LYS A 1954 38.96 -32.51 36.47
N GLY A 1955 38.67 -33.08 35.30
CA GLY A 1955 39.60 -33.08 34.20
C GLY A 1955 39.96 -31.68 33.76
N PRO A 1956 41.22 -31.48 33.35
CA PRO A 1956 41.62 -30.19 32.78
C PRO A 1956 40.60 -29.61 31.80
N ASN A 1957 40.13 -30.42 30.86
CA ASN A 1957 39.07 -30.05 29.95
C ASN A 1957 37.73 -30.56 30.47
N ALA A 1958 36.88 -29.63 30.88
CA ALA A 1958 35.58 -29.93 31.46
C ALA A 1958 34.65 -28.77 31.16
N VAL A 1959 33.38 -28.94 31.53
CA VAL A 1959 32.34 -27.95 31.28
C VAL A 1959 31.77 -27.56 32.64
N GLN A 1960 32.39 -26.58 33.29
CA GLN A 1960 31.96 -26.07 34.60
C GLN A 1960 30.72 -25.20 34.45
N LEU A 1961 29.56 -25.85 34.40
CA LEU A 1961 28.33 -25.09 34.47
C LEU A 1961 28.13 -24.58 35.89
N VAL A 1962 27.32 -23.52 36.02
CA VAL A 1962 27.07 -22.86 37.30
C VAL A 1962 25.64 -23.13 37.75
N LYS A 1963 25.48 -23.31 39.06
CA LYS A 1963 24.20 -23.27 39.75
C LYS A 1963 24.26 -22.24 40.87
N THR A 1964 23.15 -21.57 41.13
CA THR A 1964 23.07 -20.67 42.27
C THR A 1964 22.87 -21.40 43.59
N THR A 1965 23.38 -20.80 44.66
CA THR A 1965 23.06 -21.18 46.02
C THR A 1965 21.62 -20.83 46.38
N PRO A 1966 21.05 -21.50 47.39
CA PRO A 1966 19.71 -21.12 47.86
C PRO A 1966 19.72 -19.75 48.52
N LEU A 1967 18.65 -18.99 48.29
CA LEU A 1967 18.61 -17.60 48.71
C LEU A 1967 18.79 -17.46 50.22
N LYS A 1968 19.78 -16.66 50.62
CA LYS A 1968 20.01 -16.31 52.01
C LYS A 1968 19.26 -15.02 52.37
N PRO A 1969 18.69 -14.93 53.58
CA PRO A 1969 17.68 -13.88 53.87
C PRO A 1969 18.28 -12.51 54.10
N SER A 1970 18.55 -11.80 53.01
CA SER A 1970 19.27 -10.53 53.11
C SER A 1970 18.39 -9.49 53.79
N PRO A 1971 18.88 -8.77 54.80
CA PRO A 1971 18.12 -7.66 55.35
C PRO A 1971 18.33 -6.38 54.55
N LEU A 1972 17.33 -5.49 54.62
CA LEU A 1972 17.42 -4.27 53.85
C LEU A 1972 18.53 -3.37 54.40
N PRO A 1973 19.38 -2.81 53.52
CA PRO A 1973 20.41 -1.87 53.99
C PRO A 1973 19.82 -0.53 54.41
N VAL A 1974 20.26 -0.02 55.56
CA VAL A 1974 19.75 1.27 56.01
C VAL A 1974 20.36 2.34 55.10
N ILE A 1975 19.52 3.19 54.55
CA ILE A 1975 19.99 4.21 53.61
C ILE A 1975 20.65 5.34 54.39
N PRO A 1976 21.90 5.70 54.07
CA PRO A 1976 22.54 6.85 54.72
C PRO A 1976 21.81 8.17 54.52
N ASP A 1977 21.99 9.05 55.51
CA ASP A 1977 21.26 10.32 55.53
C ASP A 1977 21.65 11.20 54.35
N THR A 1978 22.92 11.16 53.93
CA THR A 1978 23.29 11.95 52.77
C THR A 1978 22.65 11.39 51.51
N ILE A 1979 22.49 10.07 51.44
CA ILE A 1979 21.80 9.52 50.29
C ILE A 1979 20.32 9.89 50.35
N LYS A 1980 19.83 10.30 51.52
CA LYS A 1980 18.44 10.71 51.58
C LYS A 1980 18.28 12.20 51.35
N GLU A 1981 19.36 12.96 51.46
CA GLU A 1981 19.36 14.34 51.04
C GLU A 1981 19.71 14.48 49.57
N VAL A 1982 20.15 13.39 48.95
CA VAL A 1982 20.25 13.35 47.51
C VAL A 1982 18.92 12.91 46.89
N ILE A 1983 18.28 11.88 47.46
CA ILE A 1983 17.03 11.42 46.87
C ILE A 1983 15.92 12.44 47.08
N TYR A 1984 15.89 13.09 48.26
CA TYR A 1984 14.84 14.06 48.54
C TYR A 1984 14.94 15.31 47.67
N ASP A 1985 16.15 15.73 47.29
CA ASP A 1985 16.27 16.91 46.46
C ASP A 1985 15.69 16.72 45.06
N MET A 1986 15.72 15.51 44.52
CA MET A 1986 15.02 15.24 43.26
C MET A 1986 13.51 15.26 43.43
N LEU A 1987 13.00 14.64 44.49
CA LEU A 1987 11.57 14.67 44.76
C LEU A 1987 11.04 16.08 44.94
N ASN A 1988 11.84 16.97 45.52
CA ASN A 1988 11.48 18.38 45.58
C ASN A 1988 11.53 19.04 44.21
N ALA A 1989 12.43 18.58 43.35
CA ALA A 1989 12.49 19.05 41.97
C ALA A 1989 11.32 18.58 41.11
N LEU A 1990 10.57 17.56 41.56
CA LEU A 1990 9.29 17.28 40.93
C LEU A 1990 8.35 18.46 41.03
N ALA A 1991 8.38 19.17 42.16
CA ALA A 1991 7.42 20.25 42.39
C ALA A 1991 8.06 21.60 42.11
N SER A 2099 17.53 28.10 28.13
CA SER A 2099 17.00 28.69 29.35
C SER A 2099 16.05 27.72 30.07
N LYS A 2100 15.55 26.74 29.31
CA LYS A 2100 14.78 25.66 29.89
C LYS A 2100 15.66 24.83 30.83
N PRO A 2101 15.07 24.27 31.90
CA PRO A 2101 15.86 23.41 32.79
C PRO A 2101 16.31 22.15 32.05
N LEU A 2102 17.53 21.71 32.37
CA LEU A 2102 18.11 20.56 31.70
C LEU A 2102 17.61 19.23 32.25
N MET A 2103 17.28 19.15 33.54
CA MET A 2103 16.50 18.01 34.01
C MET A 2103 15.03 18.38 34.25
N PRO A 2104 14.21 18.32 33.21
CA PRO A 2104 12.77 18.42 33.41
C PRO A 2104 12.21 17.27 34.24
N THR A 2105 11.04 17.52 34.81
CA THR A 2105 10.44 16.55 35.72
C THR A 2105 10.25 15.20 35.04
N SER A 2106 10.05 15.20 33.72
CA SER A 2106 10.02 13.95 32.97
C SER A 2106 11.30 13.14 33.16
N THR A 2107 12.45 13.79 32.94
CA THR A 2107 13.73 13.13 33.12
C THR A 2107 13.93 12.70 34.57
N ILE A 2108 13.57 13.57 35.51
CA ILE A 2108 13.70 13.22 36.92
C ILE A 2108 12.86 11.99 37.26
N LEU A 2109 11.67 11.89 36.68
CA LEU A 2109 10.83 10.71 36.88
C LEU A 2109 11.46 9.46 36.29
N ARG A 2110 12.00 9.54 35.08
CA ARG A 2110 12.66 8.36 34.51
C ARG A 2110 13.86 7.94 35.35
N LEU A 2111 14.59 8.92 35.88
CA LEU A 2111 15.72 8.64 36.74
C LEU A 2111 15.29 7.91 38.00
N LEU A 2112 14.24 8.43 38.65
CA LEU A 2112 13.73 7.79 39.85
C LEU A 2112 13.19 6.40 39.56
N ALA A 2113 12.52 6.23 38.42
CA ALA A 2113 12.06 4.90 38.01
C ALA A 2113 13.23 3.93 37.90
N GLU A 2114 14.39 4.40 37.44
CA GLU A 2114 15.55 3.54 37.33
C GLU A 2114 16.14 3.22 38.70
N LEU A 2115 16.21 4.21 39.57
CA LEU A 2115 16.75 3.97 40.90
C LEU A 2115 15.82 3.12 41.76
N VAL A 2116 14.52 3.20 41.52
CA VAL A 2116 13.57 2.27 42.12
C VAL A 2116 13.80 0.87 41.58
N ARG A 2117 13.97 0.73 40.27
CA ARG A 2117 14.05 -0.60 39.69
C ARG A 2117 15.34 -1.30 40.10
N SER A 2118 16.39 -0.54 40.41
CA SER A 2118 17.63 -1.13 40.88
C SER A 2118 17.69 -1.32 42.40
N TYR A 2119 17.37 -0.30 43.18
CA TYR A 2119 17.74 -0.25 44.59
C TYR A 2119 16.52 -0.42 45.49
N VAL A 2120 16.57 -1.42 46.37
CA VAL A 2120 15.41 -1.82 47.17
C VAL A 2120 14.89 -0.67 48.02
N GLY A 2121 15.78 0.03 48.71
CA GLY A 2121 15.36 1.01 49.71
C GLY A 2121 14.78 2.28 49.14
N ILE A 2122 15.08 2.56 47.87
CA ILE A 2122 14.68 3.83 47.29
C ILE A 2122 13.16 3.90 47.16
N ALA A 2123 12.54 2.81 46.72
CA ALA A 2123 11.09 2.79 46.61
C ALA A 2123 10.39 3.02 47.95
N THR A 2124 10.92 2.45 49.03
CA THR A 2124 10.31 2.66 50.33
C THR A 2124 10.55 4.08 50.85
N LEU A 2125 11.71 4.63 50.54
CA LEU A 2125 12.01 5.99 50.98
C LEU A 2125 11.17 7.00 50.23
N ILE A 2126 10.94 6.76 48.94
CA ILE A 2126 10.07 7.60 48.15
C ILE A 2126 8.62 7.45 48.57
N ALA A 2127 8.21 6.23 48.92
CA ALA A 2127 6.83 6.02 49.36
C ALA A 2127 6.54 6.75 50.66
N ASN A 2128 7.45 6.65 51.63
CA ASN A 2128 7.20 7.29 52.92
C ASN A 2128 7.44 8.79 52.87
N TYR A 2129 8.28 9.29 51.98
CA TYR A 2129 8.54 10.72 51.92
C TYR A 2129 7.28 11.49 51.54
N SER A 2130 7.08 12.63 52.20
CA SER A 2130 5.91 13.46 52.02
C SER A 2130 6.35 14.92 52.02
N TYR A 2131 5.66 15.75 51.24
CA TYR A 2131 5.99 17.16 51.20
C TYR A 2131 5.47 17.88 52.44
N THR A 2132 5.85 19.15 52.55
CA THR A 2132 5.47 20.01 53.66
C THR A 2132 4.82 21.29 53.16
N VAL A 2133 3.99 21.88 54.04
CA VAL A 2133 3.22 23.06 53.66
C VAL A 2133 4.15 24.16 53.18
N GLY A 2134 3.75 24.82 52.10
CA GLY A 2134 4.52 25.93 51.58
C GLY A 2134 5.94 25.55 51.20
N GLN A 2135 6.10 24.37 50.57
CA GLN A 2135 7.38 23.95 50.03
C GLN A 2135 7.53 24.29 48.55
N SER A 2136 6.43 24.60 47.87
CA SER A 2136 6.42 24.85 46.45
C SER A 2136 5.07 25.43 46.07
N GLU A 2137 5.02 26.10 44.91
CA GLU A 2137 3.78 26.78 44.54
C GLU A 2137 2.64 25.81 44.37
N LEU A 2138 2.91 24.59 43.91
CA LEU A 2138 1.87 23.61 43.63
C LEU A 2138 1.37 22.89 44.87
N ILE A 2139 1.96 23.13 46.02
CA ILE A 2139 1.66 22.38 47.24
C ILE A 2139 0.78 23.26 48.14
N LYS A 2140 -0.37 22.72 48.50
CA LYS A 2140 -1.34 23.43 49.34
C LYS A 2140 -1.32 22.95 50.78
N GLU A 2141 -1.05 21.67 51.00
CA GLU A 2141 -0.94 21.10 52.34
C GLU A 2141 -0.06 19.86 52.25
N ASP A 2142 0.35 19.38 53.42
CA ASP A 2142 1.13 18.15 53.52
C ASP A 2142 0.53 17.05 52.69
N CYS A 2143 1.30 16.55 51.72
CA CYS A 2143 0.84 15.49 50.83
C CYS A 2143 2.02 14.64 50.38
N SER A 2144 1.72 13.37 50.12
CA SER A 2144 2.77 12.43 49.74
C SER A 2144 3.29 12.75 48.34
N VAL A 2145 4.50 12.26 48.06
CA VAL A 2145 5.03 12.38 46.71
C VAL A 2145 4.18 11.57 45.73
N LEU A 2146 3.73 10.39 46.14
CA LEU A 2146 2.88 9.60 45.26
C LEU A 2146 1.56 10.33 45.01
N ALA A 2147 1.08 11.07 46.01
CA ALA A 2147 -0.16 11.81 45.86
C ALA A 2147 0.02 12.93 44.86
N PHE A 2148 1.16 13.62 44.93
CA PHE A 2148 1.43 14.67 43.97
C PHE A 2148 1.62 14.12 42.57
N VAL A 2149 2.31 12.98 42.44
CA VAL A 2149 2.51 12.41 41.12
C VAL A 2149 1.18 11.95 40.53
N LEU A 2150 0.28 11.45 41.37
CA LEU A 2150 -1.03 11.02 40.91
C LEU A 2150 -1.95 12.19 40.55
N ASP A 2151 -1.82 13.31 41.25
CA ASP A 2151 -2.76 14.41 41.09
C ASP A 2151 -2.30 15.48 40.12
N HIS A 2152 -1.04 15.91 40.18
CA HIS A 2152 -0.58 17.06 39.41
C HIS A 2152 0.27 16.72 38.21
N LEU A 2153 1.05 15.64 38.25
CA LEU A 2153 1.95 15.29 37.15
C LEU A 2153 1.40 14.23 36.21
N LEU A 2154 0.68 13.25 36.73
CA LEU A 2154 0.15 12.16 35.93
C LEU A 2154 -0.99 12.59 34.99
N PRO A 2155 -1.95 13.40 35.42
CA PRO A 2155 -3.07 13.72 34.53
C PRO A 2155 -2.63 14.52 33.32
N HIS A 2156 -3.06 14.09 32.14
CA HIS A 2156 -3.01 14.92 30.95
C HIS A 2156 -3.65 16.28 31.21
N THR A 2157 -2.95 17.35 30.85
CA THR A 2157 -3.49 18.68 30.88
C THR A 2157 -3.10 19.43 29.61
N GLN A 2158 -3.98 20.31 29.15
CA GLN A 2158 -3.90 20.84 27.79
C GLN A 2158 -2.75 21.81 27.62
N ASN A 2159 -2.25 22.38 28.72
CA ASN A 2159 -1.17 23.36 28.65
C ASN A 2159 0.09 22.65 29.10
N ALA A 2160 1.10 22.62 28.23
CA ALA A 2160 2.33 21.93 28.55
C ALA A 2160 3.13 22.66 29.62
N GLU A 2161 3.85 21.86 30.41
CA GLU A 2161 5.01 22.31 31.17
C GLU A 2161 6.21 21.46 30.77
N ASP A 2162 6.09 20.15 30.90
CA ASP A 2162 6.81 19.18 30.09
C ASP A 2162 5.78 18.34 29.38
N LYS A 2163 6.04 17.99 28.12
CA LYS A 2163 5.04 17.26 27.34
C LYS A 2163 4.76 15.90 27.97
N ASP A 2164 5.82 15.13 28.26
CA ASP A 2164 5.71 13.71 28.58
C ASP A 2164 5.91 13.45 30.06
N THR A 2165 5.51 14.40 30.90
CA THR A 2165 5.38 14.10 32.33
C THR A 2165 4.44 12.94 32.65
N PRO A 2166 3.28 12.80 32.02
CA PRO A 2166 2.37 11.73 32.44
C PRO A 2166 2.83 10.33 32.11
N ALA A 2167 3.37 10.12 30.91
CA ALA A 2167 3.93 8.81 30.57
C ALA A 2167 5.01 8.37 31.53
N LEU A 2168 5.77 9.31 32.06
CA LEU A 2168 6.88 8.96 32.92
C LEU A 2168 6.52 8.94 34.39
N ALA A 2169 5.49 9.66 34.82
CA ALA A 2169 4.92 9.38 36.12
C ALA A 2169 4.24 8.02 36.15
N ARG A 2170 3.65 7.61 35.02
CA ARG A 2170 3.14 6.25 34.90
C ARG A 2170 4.25 5.21 34.94
N LEU A 2171 5.36 5.48 34.25
CA LEU A 2171 6.52 4.62 34.36
C LEU A 2171 7.05 4.55 35.80
N PHE A 2172 7.12 5.71 36.46
CA PHE A 2172 7.61 5.77 37.83
C PHE A 2172 6.76 4.95 38.79
N LEU A 2173 5.44 5.09 38.70
CA LEU A 2173 4.55 4.32 39.56
C LEU A 2173 4.54 2.84 39.18
N ALA A 2174 4.70 2.53 37.90
CA ALA A 2174 4.86 1.15 37.47
C ALA A 2174 6.10 0.53 38.10
N SER A 2175 7.23 1.22 38.01
CA SER A 2175 8.46 0.74 38.64
C SER A 2175 8.30 0.56 40.13
N LEU A 2176 7.65 1.52 40.80
CA LEU A 2176 7.44 1.40 42.24
C LEU A 2176 6.53 0.26 42.60
N ALA A 2177 5.68 -0.19 41.67
CA ALA A 2177 4.93 -1.42 41.88
C ALA A 2177 5.80 -2.64 41.61
N ALA A 2178 6.34 -2.74 40.40
CA ALA A 2178 7.05 -3.93 39.97
C ALA A 2178 8.17 -4.28 40.95
N ALA A 2179 8.91 -3.29 41.41
CA ALA A 2179 9.90 -3.55 42.45
C ALA A 2179 9.19 -4.22 43.61
N GLY A 2180 9.56 -5.46 43.90
CA GLY A 2180 8.77 -6.20 44.89
C GLY A 2180 8.75 -5.49 46.23
N SER A 2181 9.94 -5.15 46.74
CA SER A 2181 10.05 -4.35 47.95
C SER A 2181 9.05 -4.82 48.99
N GLY A 2182 8.86 -6.13 49.10
CA GLY A 2182 7.85 -6.63 50.01
C GLY A 2182 6.54 -5.89 49.82
N THR A 2183 6.01 -5.37 50.92
CA THR A 2183 4.77 -4.62 50.93
C THR A 2183 4.97 -3.14 51.30
N ASP A 2184 6.19 -2.74 51.62
CA ASP A 2184 6.45 -1.35 51.99
C ASP A 2184 6.11 -0.37 50.86
N ALA A 2185 6.47 -0.69 49.62
CA ALA A 2185 6.21 0.24 48.52
C ALA A 2185 4.85 0.01 47.89
N GLN A 2186 4.49 -1.26 47.69
CA GLN A 2186 3.25 -1.59 47.00
C GLN A 2186 2.03 -1.19 47.80
N VAL A 2187 2.05 -1.39 49.12
CA VAL A 2187 0.91 -1.01 49.94
C VAL A 2187 0.71 0.50 49.95
N ALA A 2188 1.79 1.28 50.01
CA ALA A 2188 1.59 2.72 50.05
C ALA A 2188 1.19 3.24 48.68
N LEU A 2189 1.67 2.60 47.62
CA LEU A 2189 1.23 2.92 46.27
C LEU A 2189 -0.27 2.65 46.09
N VAL A 2190 -0.72 1.46 46.49
CA VAL A 2190 -2.13 1.10 46.35
C VAL A 2190 -3.02 1.97 47.22
N ASN A 2191 -2.65 2.15 48.49
CA ASN A 2191 -3.43 3.03 49.36
C ASN A 2191 -3.54 4.44 48.80
N GLU A 2192 -2.46 4.96 48.20
CA GLU A 2192 -2.52 6.31 47.68
C GLU A 2192 -3.30 6.40 46.37
N VAL A 2193 -3.24 5.36 45.53
CA VAL A 2193 -4.08 5.33 44.35
C VAL A 2193 -5.57 5.28 44.72
N LYS A 2194 -5.93 4.43 45.68
CA LYS A 2194 -7.30 4.43 46.20
C LYS A 2194 -7.69 5.79 46.78
N ALA A 2195 -6.80 6.43 47.54
CA ALA A 2195 -7.11 7.74 48.08
C ALA A 2195 -7.29 8.78 47.00
N ALA A 2196 -6.47 8.74 45.95
CA ALA A 2196 -6.58 9.72 44.87
C ALA A 2196 -7.81 9.46 44.01
N LEU A 2197 -8.24 8.20 43.91
CA LEU A 2197 -9.51 7.90 43.26
C LEU A 2197 -10.67 8.47 44.05
N GLY A 2198 -10.73 8.19 45.34
CA GLY A 2198 -11.81 8.74 46.16
C GLY A 2198 -11.81 10.26 46.19
N ARG A 2199 -10.62 10.87 46.23
CA ARG A 2199 -10.49 12.32 46.17
C ARG A 2199 -11.04 12.88 44.86
N ALA A 2200 -10.70 12.25 43.73
CA ALA A 2200 -11.16 12.75 42.45
C ALA A 2200 -12.65 12.50 42.24
N LEU A 2201 -13.19 11.44 42.83
CA LEU A 2201 -14.62 11.20 42.75
C LEU A 2201 -15.39 12.21 43.59
N ALA A 2202 -14.86 12.58 44.75
CA ALA A 2202 -15.47 13.65 45.53
C ALA A 2202 -15.23 15.01 44.91
N MET A 2203 -14.29 15.11 43.99
CA MET A 2203 -14.00 16.35 43.29
C MET A 2203 -15.24 16.87 42.56
N ALA A 2204 -15.30 18.19 42.41
CA ALA A 2204 -16.39 18.84 41.67
C ALA A 2204 -16.29 18.54 40.18
N GLU A 2205 -17.46 18.44 39.54
CA GLU A 2205 -17.53 18.07 38.14
C GLU A 2205 -16.72 19.02 37.28
N SER A 2206 -15.65 18.51 36.67
CA SER A 2206 -14.71 19.35 35.94
C SER A 2206 -13.84 18.48 35.06
N THR A 2207 -13.35 19.08 33.97
CA THR A 2207 -12.35 18.38 33.18
C THR A 2207 -11.11 18.03 33.98
N GLU A 2208 -10.85 18.75 35.08
CA GLU A 2208 -9.82 18.32 36.01
C GLU A 2208 -10.17 16.99 36.64
N LYS A 2209 -11.46 16.81 36.96
CA LYS A 2209 -11.93 15.56 37.54
C LYS A 2209 -11.81 14.42 36.56
N HIS A 2210 -12.20 14.64 35.31
CA HIS A 2210 -12.13 13.57 34.34
C HIS A 2210 -10.70 13.25 33.92
N ALA A 2211 -9.81 14.23 33.88
CA ALA A 2211 -8.41 13.93 33.59
C ALA A 2211 -7.75 13.16 34.73
N ARG A 2212 -8.03 13.54 35.98
CA ARG A 2212 -7.53 12.77 37.11
C ARG A 2212 -8.06 11.35 37.10
N LEU A 2213 -9.37 11.21 36.90
CA LEU A 2213 -9.97 9.88 36.91
C LEU A 2213 -9.38 9.00 35.82
N GLN A 2214 -9.34 9.50 34.58
CA GLN A 2214 -8.81 8.73 33.47
C GLN A 2214 -7.37 8.33 33.71
N ALA A 2215 -6.58 9.23 34.29
CA ALA A 2215 -5.17 8.92 34.53
C ALA A 2215 -4.97 7.90 35.64
N VAL A 2216 -5.86 7.90 36.64
CA VAL A 2216 -5.79 6.85 37.66
C VAL A 2216 -6.23 5.51 37.10
N MET A 2217 -7.26 5.48 36.25
CA MET A 2217 -7.58 4.24 35.58
C MET A 2217 -6.42 3.74 34.74
N CYS A 2218 -5.72 4.65 34.05
CA CYS A 2218 -4.55 4.24 33.27
C CYS A 2218 -3.43 3.67 34.13
N ILE A 2219 -3.24 4.21 35.33
CA ILE A 2219 -2.20 3.66 36.19
C ILE A 2219 -2.61 2.33 36.80
N ILE A 2220 -3.87 2.18 37.16
CA ILE A 2220 -4.32 0.86 37.61
C ILE A 2220 -4.19 -0.18 36.51
N SER A 2221 -4.47 0.21 35.26
CA SER A 2221 -4.35 -0.73 34.15
C SER A 2221 -2.89 -1.10 33.86
N THR A 2222 -1.99 -0.12 33.94
CA THR A 2222 -0.58 -0.45 33.71
C THR A 2222 -0.01 -1.28 34.86
N ILE A 2223 -0.32 -0.91 36.10
CA ILE A 2223 0.08 -1.75 37.21
C ILE A 2223 -0.43 -3.17 36.99
N MET A 2224 -1.71 -3.30 36.66
CA MET A 2224 -2.32 -4.63 36.53
C MET A 2224 -1.65 -5.44 35.44
N GLU A 2225 -1.12 -4.78 34.41
CA GLU A 2225 -0.32 -5.49 33.41
C GLU A 2225 1.12 -5.61 33.85
N ASN A 2247 1.29 -9.90 41.05
CA ASN A 2247 0.04 -10.49 41.49
C ASN A 2247 -0.32 -10.02 42.88
N ASN A 2248 0.71 -9.64 43.65
CA ASN A 2248 0.48 -9.07 44.97
C ASN A 2248 -0.25 -7.74 44.87
N ILE A 2249 -0.01 -6.99 43.79
CA ILE A 2249 -0.79 -5.79 43.52
C ILE A 2249 -2.27 -6.12 43.33
N ILE A 2250 -2.57 -7.24 42.69
CA ILE A 2250 -3.97 -7.62 42.51
C ILE A 2250 -4.58 -8.09 43.83
N ARG A 2251 -3.80 -8.80 44.63
CA ARG A 2251 -4.24 -9.16 45.99
C ARG A 2251 -4.58 -7.92 46.80
N LEU A 2252 -3.76 -6.88 46.67
CA LEU A 2252 -4.01 -5.63 47.39
C LEU A 2252 -5.22 -4.90 46.83
N PHE A 2253 -5.35 -4.85 45.50
CA PHE A 2253 -6.53 -4.23 44.91
C PHE A 2253 -7.82 -4.90 45.38
N LEU A 2254 -7.80 -6.22 45.54
CA LEU A 2254 -8.96 -6.89 46.11
C LEU A 2254 -9.16 -6.54 47.58
N LYS A 2255 -8.10 -6.62 48.38
CA LYS A 2255 -8.24 -6.36 49.82
C LYS A 2255 -8.72 -4.95 50.11
N LYS A 2256 -8.21 -3.96 49.37
CA LYS A 2256 -8.61 -2.57 49.53
C LYS A 2256 -9.95 -2.24 48.90
N GLY A 2257 -10.56 -3.16 48.16
CA GLY A 2257 -11.85 -2.90 47.55
C GLY A 2257 -11.77 -1.93 46.39
N LEU A 2258 -10.61 -1.92 45.73
CA LEU A 2258 -10.40 -1.00 44.62
C LEU A 2258 -11.38 -1.30 43.49
N VAL A 2259 -11.66 -2.57 43.23
CA VAL A 2259 -12.64 -2.95 42.22
C VAL A 2259 -14.02 -2.40 42.55
N ASN A 2260 -14.41 -2.42 43.82
CA ASN A 2260 -15.70 -1.85 44.21
C ASN A 2260 -15.72 -0.32 44.12
N ASP A 2261 -14.58 0.32 44.32
CA ASP A 2261 -14.53 1.76 44.10
C ASP A 2261 -14.52 2.13 42.63
N LEU A 2262 -13.98 1.26 41.78
CA LEU A 2262 -14.11 1.46 40.34
C LEU A 2262 -15.55 1.29 39.89
N ALA A 2263 -16.22 0.25 40.38
CA ALA A 2263 -17.63 0.04 40.05
C ALA A 2263 -18.53 1.16 40.53
N ARG A 2264 -18.22 1.77 41.69
CA ARG A 2264 -18.98 2.94 42.13
C ARG A 2264 -18.68 4.21 41.36
N VAL A 2265 -17.72 4.20 40.44
CA VAL A 2265 -17.37 5.42 39.70
C VAL A 2265 -18.58 6.17 39.16
N PRO A 2266 -19.51 5.54 38.43
CA PRO A 2266 -20.64 6.31 37.89
C PRO A 2266 -21.55 6.91 38.96
N HIS A 2267 -21.58 6.36 40.17
CA HIS A 2267 -22.34 7.00 41.24
C HIS A 2267 -21.83 8.40 41.49
N SER A 2268 -20.55 8.61 41.27
CA SER A 2268 -19.87 9.87 41.52
C SER A 2268 -19.62 10.60 40.22
N LEU A 2269 -20.45 10.36 39.21
CA LEU A 2269 -20.48 11.15 37.99
C LEU A 2269 -21.83 11.84 37.84
N ASP A 2270 -21.81 12.94 37.09
CA ASP A 2270 -23.00 13.44 36.41
C ASP A 2270 -23.12 12.71 35.08
N LEU A 2271 -24.13 11.86 34.96
CA LEU A 2271 -24.26 10.97 33.82
C LEU A 2271 -24.59 11.68 32.51
N SER A 2272 -24.75 12.99 32.50
CA SER A 2272 -24.92 13.72 31.25
C SER A 2272 -23.63 14.32 30.71
N SER A 2273 -22.56 14.33 31.51
CA SER A 2273 -21.35 15.03 31.11
C SER A 2273 -20.81 14.48 29.79
N PRO A 2274 -20.26 15.33 28.91
CA PRO A 2274 -19.63 14.83 27.69
C PRO A 2274 -18.35 14.02 27.94
N ASN A 2275 -17.77 14.10 29.13
CA ASN A 2275 -16.58 13.32 29.48
C ASN A 2275 -16.94 11.97 30.08
N MET A 2276 -18.20 11.81 30.49
CA MET A 2276 -18.55 10.76 31.43
C MET A 2276 -18.30 9.40 30.81
N ALA A 2277 -18.61 9.25 29.52
CA ALA A 2277 -18.41 7.97 28.85
C ALA A 2277 -16.93 7.62 28.75
N ASN A 2278 -16.06 8.61 28.53
CA ASN A 2278 -14.64 8.32 28.47
C ASN A 2278 -14.08 7.92 29.84
N THR A 2279 -14.51 8.60 30.91
CA THR A 2279 -14.03 8.16 32.23
C THR A 2279 -14.62 6.81 32.63
N VAL A 2280 -15.83 6.50 32.16
CA VAL A 2280 -16.40 5.19 32.47
C VAL A 2280 -15.72 4.10 31.66
N ASN A 2281 -15.46 4.32 30.38
CA ASN A 2281 -14.63 3.42 29.61
C ASN A 2281 -13.32 3.15 30.33
N ALA A 2282 -12.67 4.20 30.82
CA ALA A 2282 -11.39 4.04 31.49
C ALA A 2282 -11.55 3.17 32.73
N ALA A 2283 -12.63 3.35 33.47
CA ALA A 2283 -12.81 2.56 34.68
C ALA A 2283 -13.25 1.13 34.39
N LEU A 2284 -13.90 0.91 33.25
CA LEU A 2284 -14.22 -0.44 32.80
C LEU A 2284 -12.99 -1.20 32.35
N LYS A 2285 -11.96 -0.50 31.91
CA LYS A 2285 -10.79 -1.18 31.37
C LYS A 2285 -10.07 -2.04 32.40
N PRO A 2286 -9.77 -1.55 33.61
CA PRO A 2286 -9.24 -2.44 34.65
C PRO A 2286 -10.25 -3.39 35.25
N LEU A 2287 -11.53 -3.03 35.26
CA LEU A 2287 -12.55 -3.94 35.77
C LEU A 2287 -12.65 -5.21 34.94
N GLU A 2288 -12.60 -5.11 33.62
CA GLU A 2288 -12.66 -6.31 32.79
C GLU A 2288 -11.49 -7.24 33.09
N THR A 2289 -10.26 -6.70 33.06
CA THR A 2289 -9.08 -7.50 33.34
C THR A 2289 -9.13 -8.12 34.73
N LEU A 2290 -9.55 -7.35 35.73
CA LEU A 2290 -9.53 -7.82 37.11
C LEU A 2290 -10.60 -8.88 37.34
N SER A 2291 -11.83 -8.64 36.87
CA SER A 2291 -12.88 -9.64 36.95
C SER A 2291 -12.48 -10.93 36.24
N ARG A 2292 -11.82 -10.82 35.08
CA ARG A 2292 -11.33 -12.01 34.41
C ARG A 2292 -10.31 -12.76 35.26
N ILE A 2293 -9.29 -12.04 35.73
CA ILE A 2293 -8.23 -12.68 36.50
C ILE A 2293 -8.74 -13.33 37.78
N VAL A 2294 -9.74 -12.72 38.43
CA VAL A 2294 -10.37 -13.37 39.57
C VAL A 2294 -11.16 -14.61 39.16
N ASN A 2295 -12.16 -14.44 38.30
CA ASN A 2295 -13.16 -15.48 38.11
C ASN A 2295 -12.76 -16.57 37.13
N GLN A 2296 -11.65 -16.43 36.41
CA GLN A 2296 -11.17 -17.54 35.59
C GLN A 2296 -10.72 -18.69 36.48
N LEU A 2678 8.97 -1.16 33.97
CA LEU A 2678 8.88 -1.56 32.56
C LEU A 2678 10.24 -1.98 32.03
N SER A 2679 10.23 -2.89 31.06
CA SER A 2679 11.47 -3.40 30.46
C SER A 2679 12.23 -2.35 29.68
N SER A 2680 11.61 -1.20 29.37
CA SER A 2680 12.34 -0.10 28.78
C SER A 2680 13.40 0.47 29.73
N ILE A 2681 13.15 0.36 31.03
CA ILE A 2681 14.08 0.86 32.04
C ILE A 2681 15.35 0.01 32.03
N PRO A 2682 16.53 0.61 31.90
CA PRO A 2682 17.75 -0.20 31.78
C PRO A 2682 18.14 -0.82 33.11
N THR A 2683 18.55 -2.08 33.05
CA THR A 2683 18.96 -2.80 34.24
C THR A 2683 20.34 -2.34 34.71
N ALA A 2684 20.59 -2.59 35.99
CA ALA A 2684 21.87 -2.26 36.58
C ALA A 2684 23.03 -2.80 35.78
N LEU A 2685 22.93 -4.04 35.30
CA LEU A 2685 24.01 -4.58 34.49
C LEU A 2685 24.22 -3.79 33.20
N THR A 2686 23.15 -3.22 32.61
CA THR A 2686 23.34 -2.41 31.43
C THR A 2686 23.91 -1.03 31.74
N ARG A 2687 23.61 -0.52 32.93
CA ARG A 2687 24.19 0.78 33.29
C ARG A 2687 25.66 0.60 33.62
N TRP A 2688 25.98 -0.47 34.34
CA TRP A 2688 27.37 -0.78 34.64
C TRP A 2688 28.12 -1.07 33.35
N THR A 2689 27.47 -1.71 32.38
CA THR A 2689 28.12 -1.97 31.10
C THR A 2689 28.49 -0.65 30.42
N GLU A 2690 27.57 0.31 30.42
CA GLU A 2690 27.86 1.62 29.83
C GLU A 2690 29.03 2.26 30.57
N GLU A 2691 28.96 2.25 31.90
CA GLU A 2691 30.01 2.86 32.70
C GLU A 2691 31.34 2.22 32.37
N CYS A 2692 31.38 0.89 32.30
CA CYS A 2692 32.62 0.18 32.06
C CYS A 2692 33.17 0.60 30.71
N LYS A 2693 32.31 0.63 29.70
CA LYS A 2693 32.74 0.98 28.36
C LYS A 2693 33.46 2.31 28.42
N VAL A 2694 32.78 3.31 29.00
CA VAL A 2694 33.33 4.67 29.03
C VAL A 2694 34.63 4.72 29.83
N LEU A 2695 34.66 4.07 30.99
CA LEU A 2695 35.79 4.15 31.89
C LEU A 2695 36.87 3.09 31.67
N ASP A 2696 36.55 1.96 31.05
CA ASP A 2696 37.59 0.99 30.75
C ASP A 2696 37.14 -0.08 29.76
N ALA A 2697 37.42 0.16 28.48
CA ALA A 2697 36.94 -0.75 27.44
C ALA A 2697 37.67 -2.09 27.49
N GLU A 2698 39.00 -2.06 27.60
CA GLU A 2698 39.83 -3.25 27.51
C GLU A 2698 40.33 -3.78 28.84
N SER A 2699 40.27 -2.98 29.90
CA SER A 2699 40.75 -3.37 31.22
C SER A 2699 39.72 -4.18 31.97
N MET A 2700 38.47 -4.15 31.51
CA MET A 2700 37.44 -5.04 32.03
C MET A 2700 37.82 -6.50 31.88
N HIS A 2701 38.30 -6.89 30.70
CA HIS A 2701 38.73 -8.27 30.51
C HIS A 2701 39.83 -8.64 31.50
N ASP A 2702 40.79 -7.74 31.71
CA ASP A 2702 41.85 -8.01 32.67
C ASP A 2702 41.32 -8.17 34.08
N CYS A 2703 40.31 -7.36 34.45
CA CYS A 2703 39.77 -7.51 35.80
C CYS A 2703 38.96 -8.79 35.91
N VAL A 2704 38.34 -9.21 34.80
CA VAL A 2704 37.62 -10.47 34.83
C VAL A 2704 38.59 -11.60 35.04
N SER A 2705 39.81 -11.47 34.51
CA SER A 2705 40.78 -12.54 34.63
C SER A 2705 41.35 -12.59 36.04
N VAL A 2706 41.60 -11.43 36.62
CA VAL A 2706 42.17 -11.38 37.96
C VAL A 2706 41.16 -11.89 38.98
N VAL A 2707 39.89 -11.55 38.79
CA VAL A 2707 38.87 -11.97 39.74
C VAL A 2707 38.51 -13.44 39.52
N LYS A 2708 38.47 -13.88 38.26
CA LYS A 2708 38.29 -15.28 37.92
C LYS A 2708 39.31 -16.17 38.64
N VAL A 2709 40.58 -15.77 38.63
CA VAL A 2709 41.60 -16.60 39.29
C VAL A 2709 41.23 -16.87 40.74
N SER A 2710 40.55 -15.94 41.39
CA SER A 2710 40.17 -16.13 42.79
C SER A 2710 38.83 -16.84 42.95
N ILE A 2711 37.91 -16.68 42.00
CA ILE A 2711 36.59 -17.29 42.12
C ILE A 2711 36.63 -18.78 41.76
N VAL A 2712 37.22 -19.11 40.62
CA VAL A 2712 37.23 -20.50 40.17
C VAL A 2712 37.94 -21.40 41.18
N ASN A 2713 39.03 -20.93 41.79
CA ASN A 2713 39.72 -21.76 42.78
C ASN A 2713 38.83 -22.08 43.98
N HIS A 2714 38.03 -21.10 44.41
CA HIS A 2714 37.15 -21.31 45.56
C HIS A 2714 35.99 -22.23 45.20
N LEU A 2715 35.38 -22.00 44.03
CA LEU A 2715 34.25 -22.82 43.64
C LEU A 2715 34.67 -24.24 43.29
N GLU A 2716 35.88 -24.43 42.75
CA GLU A 2716 36.37 -25.78 42.50
C GLU A 2716 36.74 -26.49 43.80
N PHE A 2717 37.25 -25.75 44.79
CA PHE A 2717 37.48 -26.36 46.10
C PHE A 2717 36.16 -26.82 46.72
N LEU A 2718 35.13 -25.97 46.68
CA LEU A 2718 33.83 -26.40 47.20
C LEU A 2718 33.20 -27.49 46.34
N ARG A 2719 33.46 -27.50 45.03
CA ARG A 2719 32.95 -28.56 44.18
C ARG A 2719 33.60 -29.90 44.56
N ASP A 2720 34.87 -29.88 44.93
CA ASP A 2720 35.56 -31.12 45.21
C ASP A 2720 35.17 -31.60 46.60
N GLU A 2721 34.85 -30.67 47.49
CA GLU A 2721 34.40 -31.04 48.83
C GLU A 2721 32.98 -31.61 48.77
N GLU A 2722 32.09 -30.98 48.01
CA GLU A 2722 30.75 -31.54 47.86
C GLU A 2722 30.82 -32.91 47.17
N LEU A 2723 31.67 -33.04 46.16
CA LEU A 2723 31.80 -34.32 45.46
C LEU A 2723 32.28 -35.42 46.41
N GLU A 2724 33.27 -35.10 47.25
CA GLU A 2724 33.70 -36.04 48.28
C GLU A 2724 32.56 -36.38 49.23
N GLU A 2725 31.81 -35.37 49.67
CA GLU A 2725 30.66 -35.60 50.54
C GLU A 2725 29.64 -36.52 49.89
N ARG A 2726 29.38 -36.33 48.60
CA ARG A 2726 28.41 -37.16 47.88
C ARG A 2726 28.87 -38.61 47.79
N ARG A 2727 30.15 -38.83 47.46
CA ARG A 2727 30.69 -40.18 47.46
C ARG A 2727 30.65 -40.81 48.84
N GLU A 2728 30.98 -40.03 49.88
CA GLU A 2728 30.92 -40.53 51.24
C GLU A 2728 29.51 -40.92 51.62
N LYS A 2729 28.52 -40.06 51.34
CA LYS A 2729 27.14 -40.37 51.68
C LYS A 2729 26.65 -41.61 50.94
N ARG A 2730 27.06 -41.78 49.68
CA ARG A 2730 26.74 -43.02 48.97
C ARG A 2730 27.35 -44.23 49.68
N ARG A 2731 28.61 -44.13 50.08
CA ARG A 2731 29.25 -45.25 50.79
C ARG A 2731 28.56 -45.53 52.12
N LYS A 2732 28.22 -44.48 52.86
CA LYS A 2732 27.56 -44.63 54.15
C LYS A 2732 26.17 -45.21 54.01
N GLN A 2733 25.51 -44.98 52.87
CA GLN A 2733 24.24 -45.63 52.57
C GLN A 2733 24.45 -47.12 52.31
N LEU A 3216 -18.36 -13.41 46.37
CA LEU A 3216 -19.14 -12.20 46.09
C LEU A 3216 -18.17 -11.04 45.91
N LEU A 3217 -17.60 -10.95 44.71
CA LEU A 3217 -16.62 -9.91 44.41
C LEU A 3217 -17.21 -8.51 44.52
N LEU A 3218 -18.43 -8.30 44.02
CA LEU A 3218 -19.05 -6.98 44.03
C LEU A 3218 -20.41 -7.08 44.70
N ASP A 3219 -20.82 -6.00 45.34
CA ASP A 3219 -22.14 -5.97 45.94
C ASP A 3219 -23.20 -5.53 44.93
N HIS A 3220 -24.44 -5.53 45.41
CA HIS A 3220 -25.57 -5.14 44.58
C HIS A 3220 -25.66 -3.64 44.34
N GLU A 3221 -24.97 -2.82 45.14
CA GLU A 3221 -24.95 -1.40 44.82
C GLU A 3221 -23.94 -1.09 43.75
N ALA A 3222 -22.82 -1.82 43.71
CA ALA A 3222 -21.85 -1.62 42.66
C ALA A 3222 -22.34 -2.21 41.35
N LEU A 3223 -23.01 -3.36 41.42
CA LEU A 3223 -23.72 -3.87 40.24
C LEU A 3223 -24.82 -2.92 39.77
N SER A 3224 -25.56 -2.30 40.68
CA SER A 3224 -26.59 -1.34 40.26
C SER A 3224 -25.98 -0.11 39.60
N CYS A 3225 -24.85 0.37 40.12
CA CYS A 3225 -24.13 1.46 39.45
C CYS A 3225 -23.65 1.06 38.07
N LEU A 3226 -23.18 -0.16 37.90
CA LEU A 3226 -22.83 -0.62 36.55
C LEU A 3226 -24.06 -0.73 35.64
N LEU A 3227 -25.16 -1.27 36.17
CA LEU A 3227 -26.37 -1.47 35.37
C LEU A 3227 -27.06 -0.17 34.98
N VAL A 3228 -26.89 0.89 35.76
CA VAL A 3228 -27.39 2.20 35.34
C VAL A 3228 -26.77 2.66 34.02
N LEU A 3229 -25.62 2.10 33.65
CA LEU A 3229 -24.99 2.47 32.40
C LEU A 3229 -25.78 1.98 31.19
N LEU A 3230 -26.60 0.95 31.36
CA LEU A 3230 -27.42 0.45 30.27
C LEU A 3230 -28.53 1.43 29.90
N PHE A 3231 -28.96 2.28 30.84
CA PHE A 3231 -30.04 3.20 30.54
C PHE A 3231 -29.52 4.41 29.79
N VAL A 3232 -28.41 4.98 30.24
CA VAL A 3232 -27.86 6.18 29.61
C VAL A 3232 -27.36 5.77 28.23
N ASP A 3233 -27.86 6.45 27.20
CA ASP A 3233 -27.45 6.15 25.83
C ASP A 3233 -26.37 7.14 25.45
N GLU A 3234 -25.12 6.67 25.56
CA GLU A 3234 -23.95 7.44 25.14
C GLU A 3234 -23.29 6.67 24.01
N PRO A 3235 -23.10 7.26 22.83
CA PRO A 3235 -22.42 6.53 21.76
C PRO A 3235 -20.98 6.16 22.10
N LYS A 3236 -20.29 7.06 22.79
CA LYS A 3236 -18.88 6.84 23.10
C LYS A 3236 -18.68 5.62 23.99
N LEU A 3237 -19.56 5.44 24.97
CA LEU A 3237 -19.40 4.39 25.97
C LEU A 3237 -19.17 3.04 25.29
N ASN A 3238 -18.14 2.32 25.73
CA ASN A 3238 -17.86 1.00 25.18
C ASN A 3238 -18.71 -0.02 25.91
N THR A 3239 -19.83 -0.36 25.31
CA THR A 3239 -20.78 -1.25 25.93
C THR A 3239 -20.44 -2.70 25.67
N SER A 3240 -19.54 -2.98 24.72
CA SER A 3240 -19.07 -4.35 24.56
C SER A 3240 -18.11 -4.68 25.70
N ARG A 3241 -17.29 -3.71 26.08
CA ARG A 3241 -16.43 -3.86 27.25
C ARG A 3241 -17.27 -3.97 28.51
N LEU A 3242 -18.35 -3.18 28.59
CA LEU A 3242 -19.24 -3.32 29.74
C LEU A 3242 -19.92 -4.70 29.76
N HIS A 3243 -20.26 -5.23 28.58
CA HIS A 3243 -20.81 -6.58 28.51
C HIS A 3243 -19.81 -7.62 28.93
N ARG A 3244 -18.52 -7.41 28.65
CA ARG A 3244 -17.52 -8.39 29.06
C ARG A 3244 -17.23 -8.29 30.55
N VAL A 3245 -17.41 -7.11 31.12
CA VAL A 3245 -17.32 -6.96 32.57
C VAL A 3245 -18.47 -7.68 33.25
N LEU A 3246 -19.68 -7.47 32.75
CA LEU A 3246 -20.83 -8.17 33.34
C LEU A 3246 -20.75 -9.67 33.12
N ARG A 3247 -20.24 -10.10 31.97
CA ARG A 3247 -20.07 -11.52 31.72
C ARG A 3247 -19.08 -12.16 32.69
N ASN A 3248 -17.91 -11.54 32.87
CA ASN A 3248 -16.93 -12.07 33.82
C ASN A 3248 -17.46 -12.06 35.25
N LEU A 3249 -18.11 -10.97 35.67
CA LEU A 3249 -18.75 -10.94 36.98
C LEU A 3249 -19.82 -12.02 37.13
N CYS A 3250 -20.55 -12.33 36.06
CA CYS A 3250 -21.61 -13.31 36.07
C CYS A 3250 -21.12 -14.76 36.01
N TYR A 3251 -19.81 -15.00 36.09
CA TYR A 3251 -19.38 -16.37 36.32
C TYR A 3251 -19.71 -16.84 37.73
N HIS A 3252 -19.76 -15.91 38.68
CA HIS A 3252 -20.26 -16.23 40.02
C HIS A 3252 -21.78 -16.38 39.95
N ALA A 3253 -22.26 -17.58 40.25
CA ALA A 3253 -23.66 -17.94 39.96
C ALA A 3253 -24.67 -17.03 40.65
N GLN A 3254 -24.42 -16.65 41.90
CA GLN A 3254 -25.36 -15.76 42.59
C GLN A 3254 -25.36 -14.37 41.99
N THR A 3255 -24.19 -13.90 41.52
CA THR A 3255 -24.13 -12.63 40.83
C THR A 3255 -24.88 -12.70 39.51
N ARG A 3256 -24.62 -13.75 38.73
CA ARG A 3256 -25.35 -13.97 37.48
C ARG A 3256 -26.85 -13.91 37.72
N HIS A 3257 -27.32 -14.64 38.73
CA HIS A 3257 -28.76 -14.73 39.00
C HIS A 3257 -29.36 -13.39 39.38
N TRP A 3258 -28.65 -12.60 40.17
CA TRP A 3258 -29.18 -11.28 40.51
C TRP A 3258 -29.14 -10.33 39.31
N VAL A 3259 -28.06 -10.41 38.52
CA VAL A 3259 -27.93 -9.56 37.34
C VAL A 3259 -29.07 -9.83 36.37
N ILE A 3260 -29.29 -11.09 36.03
CA ILE A 3260 -30.36 -11.45 35.09
C ILE A 3260 -31.74 -11.13 35.65
N ARG A 3261 -31.99 -11.38 36.94
CA ARG A 3261 -33.30 -11.02 37.47
C ARG A 3261 -33.51 -9.52 37.44
N SER A 3262 -32.44 -8.73 37.53
CA SER A 3262 -32.58 -7.28 37.42
C SER A 3262 -32.80 -6.85 35.97
N LEU A 3263 -32.02 -7.39 35.04
CA LEU A 3263 -32.21 -7.05 33.64
C LEU A 3263 -33.63 -7.38 33.16
N LEU A 3264 -34.14 -8.54 33.56
CA LEU A 3264 -35.53 -8.88 33.22
C LEU A 3264 -36.55 -8.00 33.91
N SER A 3265 -36.28 -7.57 35.15
CA SER A 3265 -37.15 -6.55 35.75
C SER A 3265 -37.07 -5.22 35.01
N ILE A 3266 -35.92 -4.90 34.42
CA ILE A 3266 -35.82 -3.70 33.59
C ILE A 3266 -36.66 -3.84 32.34
N LEU A 3267 -36.68 -5.02 31.73
CA LEU A 3267 -37.56 -5.20 30.57
C LEU A 3267 -39.03 -5.07 30.95
N GLN A 3268 -39.42 -5.69 32.06
CA GLN A 3268 -40.81 -5.62 32.49
C GLN A 3268 -41.22 -4.20 32.87
N ARG A 3269 -40.29 -3.43 33.44
CA ARG A 3269 -40.57 -2.04 33.80
C ARG A 3269 -40.42 -1.09 32.62
N SER A 3270 -39.78 -1.52 31.55
CA SER A 3270 -39.84 -0.79 30.29
C SER A 3270 -41.17 -1.02 29.59
N SER A 3271 -41.76 -2.19 29.74
CA SER A 3271 -43.08 -2.44 29.16
C SER A 3271 -44.17 -1.91 30.07
N SER A 3321 -30.71 15.13 42.27
CA SER A 3321 -31.03 13.82 41.72
C SER A 3321 -29.90 13.29 40.85
N TRP A 3322 -29.31 12.18 41.28
CA TRP A 3322 -28.29 11.53 40.47
C TRP A 3322 -28.93 10.87 39.25
N LEU A 3323 -30.09 10.28 39.43
CA LEU A 3323 -30.84 9.67 38.34
C LEU A 3323 -31.68 10.72 37.62
N SER A 3324 -30.98 11.68 37.03
CA SER A 3324 -31.58 12.67 36.16
C SER A 3324 -30.85 12.52 34.83
N VAL A 3325 -31.34 11.59 34.02
CA VAL A 3325 -30.75 11.24 32.75
C VAL A 3325 -31.74 11.64 31.68
N SER A 3326 -31.38 12.63 30.89
CA SER A 3326 -32.26 13.20 29.88
C SER A 3326 -31.87 12.61 28.54
N MET A 3327 -32.74 11.76 28.01
CA MET A 3327 -32.56 11.18 26.69
C MET A 3327 -33.43 11.93 25.69
N ASP A 3328 -32.85 12.27 24.55
CA ASP A 3328 -33.61 12.90 23.49
C ASP A 3328 -34.45 11.80 22.86
N ALA A 3329 -35.77 11.84 23.05
CA ALA A 3329 -36.62 10.77 22.56
C ALA A 3329 -37.29 11.14 21.25
N ALA A 3330 -37.87 12.32 21.18
CA ALA A 3330 -38.52 12.78 19.98
C ALA A 3330 -38.14 14.24 19.75
N LEU A 3331 -38.81 14.86 18.80
CA LEU A 3331 -38.59 16.26 18.49
C LEU A 3331 -39.17 17.17 19.57
N GLY A 3332 -38.33 18.05 20.10
CA GLY A 3332 -38.74 18.95 21.16
C GLY A 3332 -39.14 18.26 22.44
N CYS A 3333 -38.76 17.00 22.61
CA CYS A 3333 -39.12 16.22 23.77
C CYS A 3333 -37.85 15.56 24.28
N ARG A 3334 -37.34 16.05 25.42
CA ARG A 3334 -36.16 15.48 26.07
C ARG A 3334 -36.64 14.85 27.37
N THR A 3335 -36.83 13.54 27.35
CA THR A 3335 -37.44 12.89 28.49
C THR A 3335 -36.44 12.54 29.57
N ASN A 3336 -36.92 12.43 30.79
CA ASN A 3336 -36.17 11.81 31.86
C ASN A 3336 -36.42 10.31 31.80
N ILE A 3337 -35.36 9.52 31.75
CA ILE A 3337 -35.55 8.08 31.61
C ILE A 3337 -36.23 7.52 32.84
N PHE A 3338 -35.95 8.08 34.00
CA PHE A 3338 -36.52 7.61 35.25
C PHE A 3338 -37.54 8.61 35.77
N GLN A 3339 -38.73 8.11 36.09
CA GLN A 3339 -39.73 8.85 36.82
C GLN A 3339 -39.85 8.21 38.20
N ILE A 3340 -39.33 8.90 39.19
CA ILE A 3340 -39.32 8.44 40.59
C ILE A 3340 -40.28 9.31 41.38
N GLN A 3341 -41.24 8.69 42.05
CA GLN A 3341 -42.19 9.45 42.85
C GLN A 3341 -42.33 8.83 44.24
N THR A 3358 -41.61 1.41 42.30
CA THR A 3358 -42.20 2.73 42.19
C THR A 3358 -41.36 3.64 41.28
N VAL A 3359 -40.31 3.07 40.71
CA VAL A 3359 -39.47 3.72 39.72
C VAL A 3359 -39.93 3.25 38.35
N HIS A 3360 -40.28 4.18 37.47
CA HIS A 3360 -40.78 3.81 36.15
C HIS A 3360 -39.88 4.41 35.08
N ILE A 3361 -39.84 3.74 33.94
CA ILE A 3361 -39.07 4.20 32.78
C ILE A 3361 -40.01 4.82 31.77
N HIS A 3362 -39.71 6.05 31.39
CA HIS A 3362 -40.58 6.83 30.53
C HIS A 3362 -40.70 6.14 29.17
N PRO A 3363 -41.90 5.83 28.69
CA PRO A 3363 -42.02 4.93 27.53
C PRO A 3363 -41.31 5.42 26.27
N GLN A 3364 -40.95 6.70 26.20
CA GLN A 3364 -40.12 7.14 25.07
C GLN A 3364 -38.70 6.60 25.16
N ALA A 3365 -38.16 6.46 26.36
CA ALA A 3365 -36.81 5.94 26.55
C ALA A 3365 -36.81 4.42 26.57
N ALA A 3366 -37.94 3.84 26.95
CA ALA A 3366 -38.06 2.39 27.11
C ALA A 3366 -37.46 1.62 25.94
N PRO A 3367 -37.77 1.92 24.67
CA PRO A 3367 -37.24 1.06 23.60
C PRO A 3367 -35.73 1.04 23.52
N VAL A 3368 -35.06 2.11 23.99
CA VAL A 3368 -33.61 2.11 24.04
C VAL A 3368 -33.09 1.33 25.23
N VAL A 3369 -33.77 1.44 26.37
CA VAL A 3369 -33.37 0.62 27.51
C VAL A 3369 -33.54 -0.85 27.18
N CYS A 3370 -34.63 -1.20 26.51
CA CYS A 3370 -34.82 -2.55 26.00
C CYS A 3370 -33.70 -2.97 25.06
N ARG A 3371 -33.31 -2.09 24.15
CA ARG A 3371 -32.31 -2.47 23.16
C ARG A 3371 -30.95 -2.73 23.80
N HIS A 3372 -30.57 -1.92 24.78
CA HIS A 3372 -29.32 -2.15 25.48
C HIS A 3372 -29.37 -3.38 26.40
N VAL A 3373 -30.53 -3.65 26.98
CA VAL A 3373 -30.64 -4.81 27.86
C VAL A 3373 -30.65 -6.10 27.06
N LEU A 3374 -31.36 -6.14 25.94
CA LEU A 3374 -31.29 -7.30 25.06
C LEU A 3374 -29.90 -7.48 24.45
N ASP A 3375 -29.17 -6.39 24.21
CA ASP A 3375 -27.78 -6.51 23.78
C ASP A 3375 -26.91 -7.19 24.84
N THR A 3376 -27.14 -6.86 26.11
CA THR A 3376 -26.38 -7.52 27.18
C THR A 3376 -26.81 -8.97 27.38
N LEU A 3377 -28.13 -9.20 27.40
CA LEU A 3377 -28.67 -10.54 27.57
C LEU A 3377 -28.25 -11.50 26.47
N ILE A 3378 -28.08 -11.04 25.23
CA ILE A 3378 -27.54 -11.92 24.20
C ILE A 3378 -26.13 -12.42 24.52
N GLN A 3379 -25.31 -11.62 25.20
CA GLN A 3379 -24.00 -12.10 25.61
C GLN A 3379 -24.10 -13.05 26.79
N LEU A 3380 -24.90 -12.68 27.79
CA LEU A 3380 -25.08 -13.61 28.90
C LEU A 3380 -25.73 -14.92 28.46
N ALA A 3381 -26.47 -14.91 27.35
CA ALA A 3381 -26.98 -16.14 26.78
C ALA A 3381 -25.95 -16.87 25.93
N LYS A 3382 -24.94 -16.17 25.42
CA LYS A 3382 -23.80 -16.89 24.85
C LYS A 3382 -22.97 -17.53 25.94
N VAL A 3383 -23.11 -17.08 27.18
CA VAL A 3383 -22.21 -17.52 28.24
C VAL A 3383 -23.03 -17.85 29.48
N ASP A 3424 -35.20 -5.81 43.76
CA ASP A 3424 -34.19 -5.31 44.68
C ASP A 3424 -33.35 -4.24 44.01
N PHE A 3425 -32.99 -4.50 42.76
CA PHE A 3425 -32.16 -3.54 42.01
C PHE A 3425 -32.80 -2.16 42.01
N TRP A 3426 -34.12 -2.09 41.92
CA TRP A 3426 -34.81 -0.80 41.88
C TRP A 3426 -34.70 -0.06 43.22
N ASP A 3427 -34.79 -0.80 44.32
CA ASP A 3427 -34.70 -0.18 45.64
C ASP A 3427 -33.28 0.27 45.94
N LEU A 3428 -32.30 -0.52 45.51
CA LEU A 3428 -30.91 -0.09 45.57
C LEU A 3428 -30.69 1.16 44.72
N LEU A 3429 -31.28 1.18 43.54
CA LEU A 3429 -31.12 2.29 42.62
C LEU A 3429 -31.67 3.60 43.21
N VAL A 3430 -32.81 3.52 43.88
CA VAL A 3430 -33.31 4.70 44.60
C VAL A 3430 -32.52 5.00 45.87
N LYS A 3431 -31.99 4.00 46.56
CA LYS A 3431 -31.08 4.26 47.66
C LYS A 3431 -29.83 5.02 47.21
N LEU A 3432 -29.34 4.74 46.01
CA LEU A 3432 -28.29 5.56 45.45
C LEU A 3432 -28.79 6.96 45.12
N ASP A 3433 -29.89 7.06 44.38
CA ASP A 3433 -30.35 8.37 43.92
C ASP A 3433 -30.66 9.31 45.06
N ASN A 3434 -31.16 8.80 46.19
CA ASN A 3434 -31.43 9.65 47.33
C ASN A 3434 -30.17 10.21 47.97
N MET A 3435 -29.06 9.49 47.90
CA MET A 3435 -27.81 10.01 48.44
C MET A 3435 -27.21 11.08 47.54
N GLU A 3464 -30.43 -20.34 32.65
CA GLU A 3464 -30.82 -19.79 31.35
C GLU A 3464 -32.26 -20.15 31.03
N ALA A 3465 -32.62 -21.40 31.34
CA ALA A 3465 -33.77 -22.06 30.74
C ALA A 3465 -35.09 -21.73 31.42
N SER A 3466 -35.08 -21.35 32.70
CA SER A 3466 -36.32 -20.96 33.36
C SER A 3466 -36.84 -19.60 32.92
N PRO A 3467 -36.06 -18.52 32.92
CA PRO A 3467 -36.60 -17.21 32.49
C PRO A 3467 -36.87 -17.11 30.99
N LEU A 3468 -36.54 -18.14 30.23
CA LEU A 3468 -37.08 -18.31 28.88
C LEU A 3468 -38.60 -18.11 28.82
N GLY A 3469 -39.31 -18.44 29.90
CA GLY A 3469 -40.74 -18.15 29.93
C GLY A 3469 -41.07 -16.68 29.99
N GLN A 3470 -40.29 -15.91 30.75
CA GLN A 3470 -40.47 -14.47 30.75
C GLN A 3470 -40.09 -13.86 29.41
N LEU A 3471 -38.98 -14.31 28.83
CA LEU A 3471 -38.57 -13.74 27.55
C LEU A 3471 -39.53 -14.11 26.41
N MET A 3472 -40.23 -15.26 26.51
CA MET A 3472 -41.28 -15.53 25.54
C MET A 3472 -42.55 -14.71 25.82
N ASN A 3473 -42.88 -14.45 27.08
CA ASN A 3473 -43.99 -13.54 27.34
C ASN A 3473 -43.69 -12.14 26.83
N MET A 3474 -42.41 -11.74 26.88
CA MET A 3474 -41.99 -10.41 26.47
C MET A 3474 -42.47 -10.06 25.06
N LEU A 3475 -42.62 -11.07 24.19
CA LEU A 3475 -43.10 -10.83 22.83
C LEU A 3475 -44.47 -10.18 22.79
N SER A 3476 -45.28 -10.31 23.84
CA SER A 3476 -46.61 -9.70 23.85
C SER A 3476 -46.58 -8.21 24.16
N HIS A 3477 -45.49 -7.72 24.76
CA HIS A 3477 -45.50 -6.39 25.35
C HIS A 3477 -45.18 -5.32 24.31
N PRO A 3478 -45.88 -4.19 24.39
CA PRO A 3478 -46.03 -3.32 23.21
C PRO A 3478 -44.74 -2.69 22.72
N VAL A 3479 -43.87 -2.21 23.61
CA VAL A 3479 -42.63 -1.59 23.13
C VAL A 3479 -41.80 -2.57 22.33
N ILE A 3480 -41.88 -3.86 22.65
CA ILE A 3480 -41.16 -4.89 21.90
C ILE A 3480 -41.91 -5.25 20.63
N ARG A 3481 -43.21 -5.53 20.77
CA ARG A 3481 -44.04 -5.95 19.66
C ARG A 3481 -44.10 -4.92 18.55
N ARG A 3482 -43.97 -3.63 18.91
CA ARG A 3482 -43.81 -2.59 17.90
C ARG A 3482 -42.50 -2.76 17.14
N SER A 3483 -41.39 -2.85 17.87
CA SER A 3483 -40.07 -2.62 17.30
C SER A 3483 -39.55 -3.89 16.64
N SER A 3484 -39.35 -3.83 15.32
CA SER A 3484 -38.77 -4.95 14.60
C SER A 3484 -37.36 -5.26 15.09
N LEU A 3485 -36.61 -4.25 15.51
CA LEU A 3485 -35.28 -4.48 16.03
C LEU A 3485 -35.30 -5.23 17.34
N LEU A 3486 -36.10 -4.76 18.30
CA LEU A 3486 -36.18 -5.46 19.58
C LEU A 3486 -36.72 -6.86 19.40
N THR A 3487 -37.69 -7.04 18.51
CA THR A 3487 -38.16 -8.39 18.20
C THR A 3487 -37.05 -9.27 17.63
N GLU A 3488 -36.28 -8.75 16.69
CA GLU A 3488 -35.16 -9.52 16.13
C GLU A 3488 -34.13 -9.88 17.19
N LYS A 3489 -33.82 -8.97 18.10
CA LYS A 3489 -32.85 -9.24 19.14
C LYS A 3489 -33.37 -10.27 20.13
N LEU A 3490 -34.64 -10.13 20.52
CA LEU A 3490 -35.25 -11.08 21.44
C LEU A 3490 -35.35 -12.47 20.82
N LEU A 3491 -35.61 -12.55 19.52
CA LEU A 3491 -35.63 -13.82 18.83
C LEU A 3491 -34.24 -14.45 18.71
N ARG A 3492 -33.22 -13.66 18.39
CA ARG A 3492 -31.85 -14.15 18.49
C ARG A 3492 -31.53 -14.70 19.88
N LEU A 3493 -31.99 -13.99 20.90
CA LEU A 3493 -31.78 -14.43 22.27
C LEU A 3493 -32.45 -15.77 22.54
N LEU A 3494 -33.74 -15.88 22.26
CA LEU A 3494 -34.44 -17.14 22.37
C LEU A 3494 -33.79 -18.26 21.56
N SER A 3495 -33.25 -17.95 20.39
CA SER A 3495 -32.60 -18.96 19.58
C SER A 3495 -31.31 -19.44 20.20
N LEU A 3496 -30.65 -18.58 20.96
CA LEU A 3496 -29.48 -18.98 21.73
C LEU A 3496 -29.88 -19.80 22.96
N ILE A 3497 -30.84 -19.29 23.72
CA ILE A 3497 -31.27 -19.95 24.96
C ILE A 3497 -31.80 -21.35 24.69
N SER A 3498 -32.51 -21.54 23.58
CA SER A 3498 -33.18 -22.82 23.37
C SER A 3498 -32.21 -23.99 23.40
N ILE A 3499 -30.93 -23.74 23.15
CA ILE A 3499 -29.90 -24.76 23.22
C ILE A 3499 -29.63 -25.13 24.67
N GLY A 3612 -46.76 -22.21 28.38
CA GLY A 3612 -46.15 -22.85 27.22
C GLY A 3612 -46.98 -22.70 25.97
N LEU A 3613 -48.30 -22.86 26.13
CA LEU A 3613 -49.21 -22.74 24.99
C LEU A 3613 -49.32 -21.30 24.53
N THR A 3614 -49.59 -20.38 25.46
CA THR A 3614 -49.59 -18.97 25.09
C THR A 3614 -48.22 -18.50 24.63
N GLU A 3615 -47.16 -19.01 25.27
CA GLU A 3615 -45.82 -18.59 24.89
C GLU A 3615 -45.46 -19.05 23.48
N ASN A 3616 -45.98 -20.20 23.05
CA ASN A 3616 -45.82 -20.60 21.66
C ASN A 3616 -46.77 -19.84 20.74
N GLN A 3617 -47.98 -19.53 21.18
CA GLN A 3617 -48.85 -18.68 20.37
C GLN A 3617 -48.19 -17.34 20.08
N LEU A 3618 -47.53 -16.76 21.10
CA LEU A 3618 -46.83 -15.50 20.92
C LEU A 3618 -45.57 -15.65 20.09
N GLN A 3619 -44.94 -16.83 20.11
CA GLN A 3619 -43.82 -17.09 19.22
C GLN A 3619 -44.26 -17.26 17.77
N LEU A 3620 -45.43 -17.88 17.54
CA LEU A 3620 -45.93 -18.09 16.19
C LEU A 3620 -46.50 -16.81 15.59
N SER A 3621 -47.18 -16.00 16.39
CA SER A 3621 -47.61 -14.69 15.92
C SER A 3621 -46.45 -13.90 15.34
N VAL A 3622 -45.22 -14.19 15.79
CA VAL A 3622 -44.04 -13.57 15.19
C VAL A 3622 -43.87 -13.95 13.73
N GLU A 3623 -44.51 -15.03 13.29
CA GLU A 3623 -44.49 -15.43 11.89
C GLU A 3623 -45.77 -15.08 11.16
N VAL A 3624 -46.92 -15.22 11.81
CA VAL A 3624 -48.19 -14.90 11.16
C VAL A 3624 -48.37 -13.40 11.03
N LEU A 3625 -47.83 -12.62 11.95
CA LEU A 3625 -47.65 -11.18 11.83
C LEU A 3625 -46.17 -10.86 11.60
N THR A 3626 -45.89 -9.60 11.29
CA THR A 3626 -44.54 -9.18 10.95
C THR A 3626 -43.57 -9.54 12.06
N SER A 3631 -37.75 -8.84 8.69
CA SER A 3631 -36.99 -9.38 9.82
C SER A 3631 -36.46 -10.77 9.51
N GLU A 3632 -36.18 -11.02 8.22
CA GLU A 3632 -35.91 -12.37 7.75
C GLU A 3632 -34.91 -13.10 8.65
N GLU A 3633 -33.90 -12.39 9.15
CA GLU A 3633 -32.96 -13.00 10.08
C GLU A 3633 -33.60 -13.29 11.43
N GLY A 3634 -34.48 -12.39 11.89
CA GLY A 3634 -35.14 -12.62 13.17
C GLY A 3634 -36.15 -13.74 13.11
N LEU A 3635 -36.85 -13.87 11.99
CA LEU A 3635 -37.77 -14.99 11.80
C LEU A 3635 -37.06 -16.30 11.47
N GLU A 3636 -35.84 -16.26 10.94
CA GLU A 3636 -35.07 -17.51 10.85
C GLU A 3636 -34.56 -17.94 12.22
N ASP A 3637 -34.24 -16.98 13.09
CA ASP A 3637 -34.02 -17.31 14.50
C ASP A 3637 -35.30 -17.76 15.19
N ALA A 3638 -36.45 -17.24 14.80
CA ALA A 3638 -37.72 -17.77 15.27
C ALA A 3638 -37.97 -19.20 14.79
N ALA A 3639 -37.59 -19.52 13.56
CA ALA A 3639 -37.62 -20.90 13.11
C ALA A 3639 -36.73 -21.77 13.98
N ASN A 3640 -35.54 -21.27 14.32
CA ASN A 3640 -34.64 -22.01 15.19
C ASN A 3640 -35.28 -22.23 16.55
N VAL A 3641 -35.92 -21.19 17.09
CA VAL A 3641 -36.61 -21.32 18.37
C VAL A 3641 -37.68 -22.38 18.31
N LEU A 3642 -38.52 -22.34 17.28
CA LEU A 3642 -39.65 -23.26 17.22
C LEU A 3642 -39.17 -24.70 17.03
N LEU A 3643 -38.12 -24.88 16.25
CA LEU A 3643 -37.50 -26.20 16.15
C LEU A 3643 -36.94 -26.65 17.49
N GLN A 3644 -36.04 -25.87 18.08
CA GLN A 3644 -35.34 -26.30 19.28
C GLN A 3644 -36.29 -26.49 20.46
N LEU A 3645 -37.40 -25.75 20.50
CA LEU A 3645 -38.46 -26.07 21.45
C LEU A 3645 -39.08 -27.42 21.12
N SER A 3646 -39.37 -27.68 19.85
CA SER A 3646 -40.01 -28.94 19.51
C SER A 3646 -39.09 -30.13 19.77
N ARG A 3647 -37.78 -29.96 19.64
CA ARG A 3647 -36.82 -30.97 20.07
C ARG A 3647 -36.94 -31.30 21.56
N GLY A 3648 -37.47 -30.38 22.36
CA GLY A 3648 -37.59 -30.59 23.78
C GLY A 3648 -38.58 -31.65 24.18
N ASP A 3649 -39.82 -31.48 23.76
CA ASP A 3649 -40.93 -32.32 24.21
C ASP A 3649 -41.80 -32.65 23.02
N SER A 3650 -42.22 -33.91 22.94
CA SER A 3650 -43.22 -34.29 21.95
C SER A 3650 -44.52 -33.51 22.11
N GLY A 3651 -44.85 -33.11 23.35
CA GLY A 3651 -46.07 -32.32 23.53
C GLY A 3651 -45.95 -30.89 23.05
N THR A 3652 -44.76 -30.29 23.15
CA THR A 3652 -44.60 -28.96 22.59
C THR A 3652 -44.45 -29.04 21.08
N ARG A 3653 -43.79 -30.09 20.60
CA ARG A 3653 -43.77 -30.36 19.17
C ARG A 3653 -45.20 -30.38 18.62
N ASP A 3654 -46.06 -31.22 19.20
CA ASP A 3654 -47.42 -31.35 18.71
C ASP A 3654 -48.20 -30.04 18.81
N THR A 3655 -48.11 -29.35 19.95
CA THR A 3655 -48.87 -28.11 20.09
C THR A 3655 -48.39 -27.01 19.16
N VAL A 3656 -47.08 -26.97 18.87
CA VAL A 3656 -46.58 -25.94 17.97
C VAL A 3656 -46.87 -26.31 16.52
N LEU A 3657 -46.87 -27.60 16.19
CA LEU A 3657 -47.32 -28.01 14.87
C LEU A 3657 -48.78 -27.65 14.64
N LYS A 3658 -49.66 -28.01 15.58
CA LYS A 3658 -51.07 -27.73 15.38
C LYS A 3658 -51.37 -26.23 15.39
N LEU A 3659 -50.61 -25.43 16.12
CA LEU A 3659 -50.87 -23.99 16.09
C LEU A 3659 -50.22 -23.31 14.89
N LEU A 3660 -49.15 -23.89 14.34
CA LEU A 3660 -48.69 -23.50 13.02
C LEU A 3660 -49.74 -23.80 11.97
N LEU A 3661 -50.29 -25.02 11.98
CA LEU A 3661 -51.36 -25.35 11.05
C LEU A 3661 -52.56 -24.41 11.19
N ASN A 3662 -52.92 -24.07 12.42
CA ASN A 3662 -54.01 -23.10 12.62
C ASN A 3662 -53.70 -21.76 11.95
N GLY A 3663 -52.48 -21.26 12.12
CA GLY A 3663 -52.13 -20.01 11.49
C GLY A 3663 -52.05 -20.11 9.98
N ALA A 3664 -51.48 -21.20 9.48
CA ALA A 3664 -51.43 -21.43 8.04
C ALA A 3664 -52.81 -21.54 7.42
N ARG A 3665 -53.77 -22.15 8.14
CA ARG A 3665 -55.16 -22.17 7.66
C ARG A 3665 -55.79 -20.79 7.67
N HIS A 3666 -55.53 -19.97 8.68
CA HIS A 3666 -56.00 -18.59 8.64
C HIS A 3666 -55.42 -17.85 7.43
N LEU A 3667 -54.10 -18.01 7.24
CA LEU A 3667 -53.44 -17.37 6.11
C LEU A 3667 -54.00 -17.87 4.78
N GLY A 3668 -54.27 -19.16 4.68
CA GLY A 3668 -54.87 -19.70 3.47
C GLY A 3668 -56.25 -19.18 3.21
N TYR A 3669 -57.08 -19.07 4.25
CA TYR A 3669 -58.43 -18.56 4.06
C TYR A 3669 -58.41 -17.12 3.58
N THR A 3670 -57.62 -16.26 4.22
CA THR A 3670 -57.54 -14.88 3.76
C THR A 3670 -56.78 -14.73 2.44
N LEU A 3671 -55.85 -15.63 2.14
CA LEU A 3671 -55.24 -15.64 0.81
C LEU A 3671 -56.23 -16.03 -0.27
N CYS A 3672 -57.10 -16.99 0.01
CA CYS A 3672 -58.16 -17.32 -0.94
C CYS A 3672 -59.13 -16.17 -1.11
N LYS A 3673 -59.39 -15.41 -0.06
CA LYS A 3673 -60.21 -14.21 -0.21
C LYS A 3673 -59.52 -13.17 -1.09
N GLN A 3674 -58.21 -13.00 -0.91
CA GLN A 3674 -57.49 -11.98 -1.67
C GLN A 3674 -57.37 -12.36 -3.14
N ILE A 3675 -56.97 -13.61 -3.41
CA ILE A 3675 -56.93 -14.09 -4.78
C ILE A 3675 -58.31 -14.13 -5.41
N GLY A 3676 -59.37 -14.36 -4.63
CA GLY A 3676 -60.71 -14.23 -5.17
C GLY A 3676 -61.05 -12.82 -5.61
N THR A 3677 -60.58 -11.82 -4.87
CA THR A 3677 -60.73 -10.45 -5.36
C THR A 3677 -59.88 -10.21 -6.60
N LEU A 3678 -58.67 -10.74 -6.61
CA LEU A 3678 -57.79 -10.58 -7.76
C LEU A 3678 -58.42 -11.17 -9.02
N LEU A 3679 -58.87 -12.43 -8.95
CA LEU A 3679 -59.53 -13.09 -10.07
C LEU A 3679 -60.78 -12.32 -10.51
N ALA A 3680 -61.62 -11.90 -9.55
CA ALA A 3680 -62.80 -11.13 -9.93
C ALA A 3680 -62.43 -9.84 -10.65
N GLU A 3681 -61.41 -9.14 -10.17
CA GLU A 3681 -61.01 -7.89 -10.81
C GLU A 3681 -60.30 -8.11 -12.14
N LEU A 3682 -59.66 -9.26 -12.33
CA LEU A 3682 -59.17 -9.65 -13.65
C LEU A 3682 -60.30 -10.00 -14.61
N ARG A 3683 -61.36 -10.60 -14.09
CA ARG A 3683 -62.57 -10.79 -14.90
C ARG A 3683 -63.12 -9.46 -15.35
N GLU A 3684 -63.26 -8.51 -14.43
CA GLU A 3684 -63.82 -7.21 -14.79
C GLU A 3684 -62.85 -6.38 -15.64
N TYR A 3685 -61.55 -6.63 -15.52
CA TYR A 3685 -60.55 -6.01 -16.39
C TYR A 3685 -60.57 -6.56 -17.81
N ASN A 3686 -60.76 -7.88 -17.98
CA ASN A 3686 -60.74 -8.44 -19.31
C ASN A 3686 -62.08 -8.29 -20.03
N LEU A 3687 -63.19 -8.45 -19.31
CA LEU A 3687 -64.46 -8.63 -20.00
C LEU A 3687 -64.86 -7.37 -20.76
N GLU A 3688 -64.21 -6.25 -20.48
CA GLU A 3688 -64.24 -5.08 -21.34
C GLU A 3688 -63.23 -5.27 -22.47
N GLU A 3741 -50.46 -2.57 -18.88
CA GLU A 3741 -50.22 -3.83 -18.18
C GLU A 3741 -50.99 -3.90 -16.87
N LEU A 3742 -50.88 -5.05 -16.21
CA LEU A 3742 -51.62 -5.33 -14.98
C LEU A 3742 -51.05 -4.50 -13.83
N GLN A 3743 -51.83 -3.52 -13.38
CA GLN A 3743 -51.56 -2.78 -12.15
C GLN A 3743 -52.84 -2.72 -11.31
N LEU A 3744 -53.47 -3.89 -11.19
CA LEU A 3744 -54.62 -4.08 -10.31
C LEU A 3744 -54.24 -3.75 -8.87
N PRO A 3745 -54.98 -2.87 -8.18
CA PRO A 3745 -54.62 -2.54 -6.80
C PRO A 3745 -54.72 -3.72 -5.85
N SER A 3746 -55.62 -4.67 -6.14
CA SER A 3746 -55.65 -5.94 -5.41
C SER A 3746 -54.31 -6.64 -5.44
N MET A 3747 -53.45 -6.28 -6.40
CA MET A 3747 -52.12 -6.86 -6.47
C MET A 3747 -51.20 -6.34 -5.39
N SER A 3748 -51.45 -5.14 -4.86
CA SER A 3748 -50.55 -4.53 -3.89
C SER A 3748 -50.39 -5.42 -2.65
N MET A 3749 -51.50 -5.94 -2.14
CA MET A 3749 -51.49 -6.83 -0.98
C MET A 3749 -51.02 -8.24 -1.30
N LEU A 3750 -50.54 -8.50 -2.51
CA LEU A 3750 -49.76 -9.70 -2.80
C LEU A 3750 -48.30 -9.41 -3.07
N THR A 3751 -48.01 -8.30 -3.75
CA THR A 3751 -46.63 -7.86 -3.92
C THR A 3751 -45.98 -7.56 -2.59
N SER A 3752 -46.74 -7.05 -1.63
CA SER A 3752 -46.17 -6.55 -0.39
C SER A 3752 -45.21 -7.54 0.25
N LYS A 3753 -44.09 -7.00 0.71
CA LYS A 3753 -43.07 -7.77 1.41
C LYS A 3753 -43.64 -8.52 2.62
N THR A 3754 -44.73 -8.01 3.20
CA THR A 3754 -45.35 -8.60 4.37
C THR A 3754 -46.66 -9.29 3.99
N SER A 3755 -46.79 -9.66 2.72
CA SER A 3755 -47.97 -10.32 2.20
C SER A 3755 -48.19 -11.71 2.78
N THR A 3756 -49.48 -12.08 2.83
CA THR A 3756 -49.87 -13.38 3.34
C THR A 3756 -49.20 -14.50 2.55
N GLN A 3757 -48.86 -14.26 1.28
CA GLN A 3757 -48.08 -15.25 0.55
C GLN A 3757 -46.77 -15.57 1.24
N LYS A 3758 -46.01 -14.53 1.61
CA LYS A 3758 -44.72 -14.76 2.26
C LYS A 3758 -44.90 -15.32 3.67
N PHE A 3759 -45.98 -14.95 4.34
CA PHE A 3759 -46.23 -15.54 5.65
C PHE A 3759 -46.61 -17.01 5.53
N PHE A 3760 -47.45 -17.33 4.56
CA PHE A 3760 -47.91 -18.69 4.33
C PHE A 3760 -46.75 -19.60 3.95
N LEU A 3761 -45.94 -19.16 2.98
CA LEU A 3761 -44.76 -19.91 2.60
C LEU A 3761 -43.75 -20.08 3.75
N ARG A 3762 -43.48 -19.02 4.51
CA ARG A 3762 -42.63 -19.14 5.70
C ARG A 3762 -43.15 -20.20 6.66
N VAL A 3763 -44.45 -20.13 6.96
CA VAL A 3763 -45.03 -21.06 7.92
C VAL A 3763 -44.97 -22.48 7.39
N LEU A 3764 -45.24 -22.67 6.09
CA LEU A 3764 -45.16 -24.02 5.53
C LEU A 3764 -43.73 -24.57 5.53
N GLN A 3765 -42.74 -23.72 5.26
CA GLN A 3765 -41.36 -24.16 5.37
C GLN A 3765 -40.98 -24.54 6.80
N VAL A 3766 -41.58 -23.89 7.79
CA VAL A 3766 -41.34 -24.32 9.17
C VAL A 3766 -42.09 -25.61 9.48
N ILE A 3767 -43.31 -25.74 8.96
CA ILE A 3767 -44.06 -26.98 9.17
C ILE A 3767 -43.28 -28.15 8.60
N ILE A 3768 -42.82 -28.02 7.37
CA ILE A 3768 -42.03 -29.07 6.73
C ILE A 3768 -40.69 -29.31 7.42
N GLN A 3769 -40.11 -28.30 8.06
CA GLN A 3769 -38.93 -28.54 8.89
C GLN A 3769 -39.26 -29.22 10.22
N LEU A 3770 -40.50 -29.13 10.70
CA LEU A 3770 -40.89 -29.86 11.90
C LEU A 3770 -41.41 -31.25 11.61
N ARG A 3771 -41.93 -31.48 10.41
CA ARG A 3771 -42.42 -32.79 10.02
C ARG A 3771 -41.35 -33.87 10.22
N ASP A 3772 -40.09 -33.51 10.04
CA ASP A 3772 -38.97 -34.34 10.46
C ASP A 3772 -38.28 -33.79 11.70
N LEU A 3888 -54.06 -29.62 7.02
CA LEU A 3888 -53.93 -28.44 6.16
C LEU A 3888 -54.63 -28.72 4.83
N SER A 3889 -55.95 -28.82 4.91
CA SER A 3889 -56.81 -29.12 3.76
C SER A 3889 -57.35 -27.84 3.11
N LEU A 3890 -56.80 -27.45 1.94
CA LEU A 3890 -57.32 -26.26 1.26
C LEU A 3890 -57.35 -26.53 -0.25
N ASP A 3891 -58.39 -27.27 -0.68
CA ASP A 3891 -58.67 -27.41 -2.10
C ASP A 3891 -59.50 -26.24 -2.63
N GLU A 3892 -60.06 -25.44 -1.73
CA GLU A 3892 -60.77 -24.24 -2.12
C GLU A 3892 -59.76 -23.16 -2.46
N LEU A 3893 -58.61 -23.20 -1.81
CA LEU A 3893 -57.51 -22.35 -2.23
C LEU A 3893 -56.89 -22.92 -3.51
N TRP A 3894 -56.51 -24.19 -3.51
CA TRP A 3894 -55.69 -24.67 -4.63
C TRP A 3894 -56.44 -24.63 -5.96
N ASP A 3895 -57.74 -24.95 -5.98
CA ASP A 3895 -58.45 -24.86 -7.25
C ASP A 3895 -58.73 -23.44 -7.71
N MET A 3896 -58.64 -22.45 -6.83
CA MET A 3896 -58.89 -21.10 -7.27
C MET A 3896 -57.60 -20.35 -7.56
N LEU A 3897 -56.52 -20.72 -6.88
CA LEU A 3897 -55.18 -20.48 -7.41
C LEU A 3897 -55.05 -21.03 -8.83
N GLY A 3898 -55.56 -22.23 -9.05
CA GLY A 3898 -55.62 -22.79 -10.38
C GLY A 3898 -56.29 -21.89 -11.41
N GLU A 3899 -57.60 -21.65 -11.23
CA GLU A 3899 -58.29 -20.83 -12.22
C GLU A 3899 -57.77 -19.39 -12.28
N CYS A 3900 -57.21 -18.87 -11.19
CA CYS A 3900 -56.57 -17.56 -11.22
C CYS A 3900 -55.32 -17.55 -12.11
N LEU A 3901 -54.44 -18.53 -11.91
CA LEU A 3901 -53.26 -18.64 -12.78
C LEU A 3901 -53.67 -18.82 -14.23
N LYS A 3902 -54.66 -19.67 -14.48
CA LYS A 3902 -55.14 -19.90 -15.84
C LYS A 3902 -55.72 -18.62 -16.46
N GLU A 3903 -56.40 -17.80 -15.66
CA GLU A 3903 -56.92 -16.52 -16.14
C GLU A 3903 -55.88 -15.40 -16.21
N LEU A 3904 -54.77 -15.52 -15.51
CA LEU A 3904 -53.64 -14.63 -15.76
C LEU A 3904 -52.91 -15.00 -17.05
N GLU A 3905 -52.70 -16.29 -17.27
CA GLU A 3905 -52.02 -16.72 -18.49
C GLU A 3905 -52.85 -16.43 -19.73
N GLU A 3906 -54.16 -16.65 -19.67
CA GLU A 3906 -55.01 -16.29 -20.81
C GLU A 3906 -55.11 -14.77 -21.01
N SER A 3907 -54.62 -13.96 -20.08
CA SER A 3907 -54.78 -12.51 -20.16
C SER A 3907 -53.57 -11.86 -20.81
N HIS A 3908 -52.69 -12.68 -21.39
CA HIS A 3908 -51.63 -12.23 -22.29
C HIS A 3908 -50.71 -11.22 -21.59
N ASP A 3909 -50.26 -11.61 -20.41
CA ASP A 3909 -49.20 -10.93 -19.69
C ASP A 3909 -48.47 -12.01 -18.93
N GLN A 3910 -47.18 -11.81 -18.68
CA GLN A 3910 -46.32 -12.91 -18.30
C GLN A 3910 -45.81 -12.78 -16.87
N HIS A 3911 -45.07 -11.72 -16.56
CA HIS A 3911 -44.68 -11.49 -15.18
C HIS A 3911 -45.88 -11.29 -14.28
N ALA A 3912 -47.04 -10.95 -14.85
CA ALA A 3912 -48.28 -10.92 -14.09
C ALA A 3912 -48.58 -12.19 -13.31
N VAL A 3913 -47.99 -13.33 -13.69
CA VAL A 3913 -48.18 -14.54 -12.89
C VAL A 3913 -47.46 -14.46 -11.56
N LEU A 3914 -46.32 -13.76 -11.54
CA LEU A 3914 -45.35 -13.90 -10.46
C LEU A 3914 -45.90 -13.47 -9.11
N VAL A 3915 -46.96 -12.66 -9.09
CA VAL A 3915 -47.66 -12.32 -7.85
C VAL A 3915 -48.31 -13.54 -7.20
N LEU A 3916 -48.22 -14.70 -7.85
CA LEU A 3916 -48.64 -15.95 -7.23
C LEU A 3916 -47.53 -16.98 -7.16
N GLN A 3917 -46.32 -16.63 -7.56
CA GLN A 3917 -45.19 -17.55 -7.48
C GLN A 3917 -45.03 -18.15 -6.08
N PRO A 3918 -45.07 -17.37 -4.99
CA PRO A 3918 -44.94 -17.99 -3.67
C PRO A 3918 -46.12 -18.88 -3.29
N ALA A 3919 -47.31 -18.62 -3.82
CA ALA A 3919 -48.42 -19.54 -3.60
C ALA A 3919 -48.21 -20.84 -4.37
N VAL A 3920 -47.58 -20.78 -5.54
CA VAL A 3920 -47.22 -21.99 -6.26
C VAL A 3920 -46.15 -22.75 -5.51
N GLU A 3921 -45.17 -22.04 -4.94
CA GLU A 3921 -44.13 -22.70 -4.17
C GLU A 3921 -44.69 -23.31 -2.90
N ALA A 3922 -45.71 -22.69 -2.31
CA ALA A 3922 -46.44 -23.33 -1.23
C ALA A 3922 -47.16 -24.59 -1.71
N PHE A 3923 -47.78 -24.53 -2.88
CA PHE A 3923 -48.44 -25.70 -3.44
C PHE A 3923 -47.47 -26.87 -3.58
N PHE A 3924 -46.32 -26.63 -4.18
CA PHE A 3924 -45.27 -27.65 -4.34
C PHE A 3924 -44.50 -27.98 -3.06
N LEU A 3925 -44.64 -27.18 -2.00
CA LEU A 3925 -44.18 -27.60 -0.68
C LEU A 3925 -45.15 -28.58 -0.05
N VAL A 3926 -46.44 -28.24 -0.05
CA VAL A 3926 -47.42 -29.04 0.66
C VAL A 3926 -47.65 -30.35 -0.08
N HIS A 3927 -47.62 -30.27 -1.41
CA HIS A 3927 -47.67 -31.42 -2.29
C HIS A 3927 -46.22 -31.82 -2.60
N ALA A 3928 -46.05 -32.87 -3.37
CA ALA A 3928 -44.72 -33.36 -3.74
C ALA A 3928 -43.88 -33.58 -2.49
N THR A 3929 -44.46 -34.33 -1.55
CA THR A 3929 -43.79 -34.69 -0.31
C THR A 3929 -42.57 -35.55 -0.61
N GLU A 3930 -41.47 -35.23 0.07
CA GLU A 3930 -40.19 -35.95 -0.08
C GLU A 3930 -40.34 -37.37 -0.60
N GLN A 3990 -48.83 -36.89 -9.57
CA GLN A 3990 -49.96 -36.69 -8.68
C GLN A 3990 -50.62 -35.34 -8.97
N LYS A 3991 -51.20 -34.72 -7.94
CA LYS A 3991 -51.89 -33.45 -8.13
C LYS A 3991 -50.91 -32.39 -8.60
N PHE A 3992 -49.69 -32.40 -8.06
CA PHE A 3992 -48.68 -31.49 -8.53
C PHE A 3992 -48.28 -31.79 -9.97
N LEU A 3993 -48.50 -33.02 -10.43
CA LEU A 3993 -48.12 -33.35 -11.80
C LEU A 3993 -49.19 -32.88 -12.78
N ARG A 3994 -50.46 -33.07 -12.45
CA ARG A 3994 -51.52 -32.41 -13.21
C ARG A 3994 -51.39 -30.90 -13.19
N PHE A 3995 -50.98 -30.34 -12.04
CA PHE A 3995 -50.68 -28.91 -11.99
C PHE A 3995 -49.58 -28.54 -12.97
N ALA A 3996 -48.46 -29.25 -12.93
CA ALA A 3996 -47.35 -28.91 -13.82
C ALA A 3996 -47.69 -29.15 -15.28
N GLU A 3997 -48.71 -29.98 -15.55
CA GLU A 3997 -49.22 -30.12 -16.91
C GLU A 3997 -50.12 -28.94 -17.31
N THR A 3998 -51.17 -28.67 -16.52
CA THR A 3998 -52.12 -27.64 -16.92
C THR A 3998 -51.55 -26.25 -16.81
N HIS A 3999 -50.49 -26.08 -16.04
CA HIS A 3999 -49.75 -24.83 -15.93
C HIS A 3999 -48.32 -24.95 -16.45
N ARG A 4000 -48.02 -25.96 -17.26
CA ARG A 4000 -46.65 -26.24 -17.68
C ARG A 4000 -45.92 -24.96 -18.05
N THR A 4001 -46.49 -24.19 -18.98
CA THR A 4001 -45.80 -22.99 -19.44
C THR A 4001 -45.72 -21.97 -18.32
N VAL A 4002 -46.59 -22.07 -17.33
CA VAL A 4002 -46.56 -21.14 -16.21
C VAL A 4002 -45.42 -21.49 -15.26
N LEU A 4003 -45.32 -22.77 -14.88
CA LEU A 4003 -44.20 -23.23 -14.07
C LEU A 4003 -42.87 -22.98 -14.76
N ASN A 4004 -42.86 -23.02 -16.09
CA ASN A 4004 -41.66 -22.63 -16.82
C ASN A 4004 -41.38 -21.14 -16.72
N GLN A 4005 -42.42 -20.31 -16.85
CA GLN A 4005 -42.22 -18.88 -16.63
C GLN A 4005 -41.67 -18.60 -15.23
N ILE A 4006 -42.21 -19.32 -14.24
CA ILE A 4006 -41.73 -19.22 -12.86
C ILE A 4006 -40.24 -19.56 -12.79
N LEU A 4007 -39.87 -20.74 -13.27
CA LEU A 4007 -38.49 -21.19 -13.11
C LEU A 4007 -37.53 -20.33 -13.90
N ARG A 4008 -37.89 -19.96 -15.13
CA ARG A 4008 -37.05 -19.10 -15.93
C ARG A 4008 -36.80 -17.76 -15.26
N GLN A 4009 -37.84 -17.19 -14.62
CA GLN A 4009 -37.65 -15.96 -13.90
C GLN A 4009 -36.83 -16.16 -12.63
N SER A 4010 -37.05 -17.27 -11.92
CA SER A 4010 -36.37 -17.51 -10.66
C SER A 4010 -34.89 -17.80 -10.86
N THR A 4011 -34.06 -17.17 -10.05
CA THR A 4011 -32.65 -17.54 -9.91
C THR A 4011 -32.44 -18.65 -8.88
N THR A 4012 -33.48 -19.01 -8.14
CA THR A 4012 -33.41 -20.20 -7.30
C THR A 4012 -33.01 -21.42 -8.12
N HIS A 4013 -31.95 -22.09 -7.67
CA HIS A 4013 -31.38 -23.19 -8.43
C HIS A 4013 -32.31 -24.40 -8.41
N LEU A 4014 -32.66 -24.88 -9.59
CA LEU A 4014 -33.80 -25.79 -9.73
C LEU A 4014 -33.72 -26.95 -8.75
N ALA A 4015 -32.51 -27.48 -8.54
CA ALA A 4015 -32.33 -28.64 -7.67
C ALA A 4015 -31.99 -28.27 -6.23
N ASP A 4016 -32.10 -26.99 -5.86
CA ASP A 4016 -32.00 -26.59 -4.47
C ASP A 4016 -33.27 -25.94 -3.96
N GLY A 4017 -34.10 -25.41 -4.85
CA GLY A 4017 -35.42 -24.91 -4.55
C GLY A 4017 -36.48 -25.98 -4.41
N PRO A 4018 -37.73 -25.53 -4.29
CA PRO A 4018 -38.84 -26.47 -4.05
C PRO A 4018 -39.19 -27.25 -5.29
N PHE A 4019 -38.99 -26.65 -6.47
CA PHE A 4019 -39.33 -27.22 -7.75
C PHE A 4019 -38.33 -28.26 -8.21
N ALA A 4020 -37.46 -28.75 -7.31
CA ALA A 4020 -36.51 -29.79 -7.67
C ALA A 4020 -37.18 -31.12 -8.01
N VAL A 4021 -38.37 -31.40 -7.45
CA VAL A 4021 -38.92 -32.74 -7.62
C VAL A 4021 -39.08 -33.07 -9.10
N LEU A 4022 -39.38 -32.07 -9.93
CA LEU A 4022 -39.70 -32.33 -11.32
C LEU A 4022 -38.46 -32.56 -12.16
N VAL A 4023 -37.29 -32.73 -11.52
CA VAL A 4023 -36.09 -33.10 -12.24
C VAL A 4023 -36.38 -34.29 -13.14
N ASP A 4024 -37.17 -35.24 -12.65
CA ASP A 4024 -37.32 -36.52 -13.31
C ASP A 4024 -38.50 -36.53 -14.27
N TYR A 4025 -39.41 -35.57 -14.14
CA TYR A 4025 -40.51 -35.38 -15.07
C TYR A 4025 -40.10 -34.19 -15.93
N ILE A 4026 -39.33 -34.47 -16.99
CA ILE A 4026 -38.59 -33.42 -17.67
C ILE A 4026 -39.33 -32.74 -18.82
N ARG A 4027 -40.32 -33.40 -19.41
CA ARG A 4027 -41.17 -32.75 -20.42
C ARG A 4027 -41.82 -31.46 -19.94
N VAL A 4028 -41.90 -31.23 -18.63
CA VAL A 4028 -42.52 -30.01 -18.10
C VAL A 4028 -41.56 -28.83 -17.96
N LEU A 4029 -40.35 -28.91 -18.53
CA LEU A 4029 -39.50 -27.73 -18.58
C LEU A 4029 -39.00 -27.35 -19.97
N ASP A 4030 -38.73 -26.06 -20.10
CA ASP A 4030 -38.11 -25.45 -21.25
C ASP A 4030 -36.66 -25.90 -21.42
N PHE A 4031 -36.20 -25.87 -22.68
CA PHE A 4031 -34.83 -26.27 -22.96
C PHE A 4031 -33.82 -25.46 -22.16
N ASP A 4032 -33.92 -24.13 -22.19
CA ASP A 4032 -32.93 -23.30 -21.51
C ASP A 4032 -33.02 -23.37 -20.00
N VAL A 4033 -34.19 -23.68 -19.46
CA VAL A 4033 -34.30 -24.01 -18.04
C VAL A 4033 -33.52 -25.28 -17.73
N LYS A 4034 -33.68 -26.29 -18.58
CA LYS A 4034 -32.95 -27.53 -18.38
C LYS A 4034 -31.45 -27.32 -18.58
N ARG A 4035 -31.07 -26.44 -19.50
CA ARG A 4035 -29.67 -26.09 -19.69
C ARG A 4035 -29.06 -25.44 -18.46
N LYS A 4036 -29.81 -24.52 -17.82
CA LYS A 4036 -29.31 -23.93 -16.58
C LYS A 4036 -29.22 -24.97 -15.47
N TYR A 4037 -30.25 -25.80 -15.30
CA TYR A 4037 -30.17 -26.86 -14.30
C TYR A 4037 -28.97 -27.76 -14.56
N PHE A 4038 -28.80 -28.19 -15.81
CA PHE A 4038 -27.64 -28.97 -16.20
C PHE A 4038 -26.34 -28.31 -15.73
N ARG A 4039 -26.14 -27.06 -16.13
CA ARG A 4039 -24.88 -26.37 -15.88
C ARG A 4039 -24.65 -26.11 -14.38
N GLN A 4040 -25.73 -25.87 -13.63
CA GLN A 4040 -25.59 -25.69 -12.19
C GLN A 4040 -25.32 -27.01 -11.48
N GLU A 4041 -25.94 -28.10 -11.92
CA GLU A 4041 -25.71 -29.37 -11.23
C GLU A 4041 -24.33 -29.89 -11.57
N LEU A 4042 -23.88 -29.71 -12.81
CA LEU A 4042 -22.52 -30.03 -13.19
C LEU A 4042 -21.50 -29.25 -12.36
N GLU A 4043 -21.70 -27.93 -12.22
CA GLU A 4043 -20.82 -27.15 -11.37
C GLU A 4043 -20.92 -27.53 -9.90
N ARG A 4044 -22.11 -27.96 -9.45
CA ARG A 4044 -22.25 -28.42 -8.07
C ARG A 4044 -21.51 -29.72 -7.83
N LEU A 4045 -21.64 -30.69 -8.74
CA LEU A 4045 -20.94 -31.95 -8.55
C LEU A 4045 -19.43 -31.77 -8.62
N ASP A 4046 -18.94 -30.92 -9.53
CA ASP A 4046 -17.50 -30.68 -9.61
C ASP A 4046 -17.05 -29.45 -8.83
N GLU A 4047 -17.85 -28.98 -7.87
CA GLU A 4047 -17.48 -27.77 -7.14
C GLU A 4047 -16.27 -28.01 -6.23
N GLY A 4048 -16.08 -29.26 -5.79
CA GLY A 4048 -14.90 -29.60 -4.99
C GLY A 4048 -13.60 -29.61 -5.77
N LEU A 4049 -13.66 -29.82 -7.08
CA LEU A 4049 -12.45 -29.85 -7.90
C LEU A 4049 -11.95 -28.43 -8.13
N ARG A 4050 -10.72 -28.15 -7.72
CA ARG A 4050 -9.97 -27.02 -8.25
C ARG A 4050 -9.59 -27.30 -9.70
N LYS A 4051 -9.95 -26.38 -10.60
CA LYS A 4051 -9.64 -26.52 -12.00
C LYS A 4051 -8.41 -25.66 -12.31
N GLU A 4052 -7.41 -26.22 -12.99
CA GLU A 4052 -6.25 -25.46 -13.45
C GLU A 4052 -6.33 -25.20 -14.95
N ASP A 4053 -5.41 -24.36 -15.43
CA ASP A 4053 -5.10 -24.27 -16.85
C ASP A 4053 -4.18 -25.40 -17.27
N MET A 4054 -4.28 -25.81 -18.53
CA MET A 4054 -3.55 -26.99 -19.01
C MET A 4054 -3.17 -26.79 -20.47
N ALA A 4055 -1.90 -27.01 -20.75
CA ALA A 4055 -1.36 -26.82 -22.09
C ALA A 4055 -1.64 -28.02 -22.97
N VAL A 4056 -1.76 -27.77 -24.27
CA VAL A 4056 -1.84 -28.83 -25.27
C VAL A 4056 -0.96 -28.41 -26.44
N HIS A 4057 0.15 -29.11 -26.63
CA HIS A 4057 1.15 -28.75 -27.63
C HIS A 4057 0.83 -29.58 -28.87
N VAL A 4058 0.43 -28.92 -29.96
CA VAL A 4058 0.05 -29.64 -31.16
C VAL A 4058 0.67 -28.99 -32.39
N ARG A 4059 0.79 -29.79 -33.44
CA ARG A 4059 1.24 -29.33 -34.74
C ARG A 4059 0.05 -29.05 -35.64
N ARG A 4060 0.09 -27.90 -36.32
CA ARG A 4060 -1.06 -27.51 -37.13
C ARG A 4060 -1.45 -28.61 -38.12
N ASP A 4061 -0.47 -29.39 -38.57
CA ASP A 4061 -0.70 -30.46 -39.53
C ASP A 4061 -0.96 -31.80 -38.87
N HIS A 4062 -0.91 -31.87 -37.54
CA HIS A 4062 -1.06 -33.14 -36.84
C HIS A 4062 -2.00 -33.04 -35.66
N VAL A 4063 -2.77 -31.95 -35.55
CA VAL A 4063 -3.44 -31.62 -34.29
C VAL A 4063 -4.20 -32.83 -33.78
N PHE A 4064 -4.88 -33.53 -34.67
CA PHE A 4064 -5.75 -34.64 -34.29
C PHE A 4064 -4.99 -35.76 -33.58
N GLU A 4065 -3.87 -36.20 -34.17
CA GLU A 4065 -3.11 -37.28 -33.56
C GLU A 4065 -2.26 -36.81 -32.38
N ASP A 4066 -1.77 -35.57 -32.42
CA ASP A 4066 -1.05 -35.05 -31.25
C ASP A 4066 -1.99 -34.92 -30.06
N SER A 4067 -3.22 -34.45 -30.29
CA SER A 4067 -4.20 -34.37 -29.22
C SER A 4067 -4.58 -35.74 -28.70
N TYR A 4068 -4.78 -36.71 -29.60
CA TYR A 4068 -5.04 -38.08 -29.14
C TYR A 4068 -3.93 -38.58 -28.24
N ARG A 4069 -2.67 -38.43 -28.68
CA ARG A 4069 -1.54 -38.84 -27.84
C ARG A 4069 -1.51 -38.11 -26.50
N GLU A 4070 -1.71 -36.79 -26.52
CA GLU A 4070 -1.64 -36.02 -25.28
C GLU A 4070 -2.75 -36.38 -24.31
N LEU A 4071 -3.97 -36.57 -24.80
CA LEU A 4071 -5.14 -36.54 -23.93
C LEU A 4071 -5.75 -37.91 -23.68
N HIS A 4072 -5.62 -38.85 -24.61
CA HIS A 4072 -6.46 -40.04 -24.54
C HIS A 4072 -6.13 -40.88 -23.32
N ARG A 4073 -4.98 -40.64 -22.69
CA ARG A 4073 -4.64 -41.25 -21.42
C ARG A 4073 -4.84 -40.31 -20.24
N LYS A 4074 -5.17 -39.04 -20.50
CA LYS A 4074 -5.49 -38.10 -19.43
C LYS A 4074 -6.74 -38.53 -18.69
N SER A 4075 -6.82 -38.13 -17.42
CA SER A 4075 -8.00 -38.42 -16.63
C SER A 4075 -9.14 -37.48 -17.01
N PRO A 4076 -10.38 -37.85 -16.70
CA PRO A 4076 -11.50 -36.92 -16.87
C PRO A 4076 -11.32 -35.58 -16.17
N GLU A 4077 -10.77 -35.58 -14.95
CA GLU A 4077 -10.57 -34.32 -14.25
C GLU A 4077 -9.44 -33.50 -14.86
N GLU A 4078 -8.46 -34.14 -15.50
CA GLU A 4078 -7.47 -33.38 -16.25
C GLU A 4078 -8.07 -32.81 -17.54
N MET A 4079 -8.97 -33.57 -18.18
CA MET A 4079 -9.71 -33.02 -19.30
C MET A 4079 -10.57 -31.84 -18.90
N LYS A 4080 -11.14 -31.86 -17.70
CA LYS A 4080 -11.98 -30.76 -17.25
C LYS A 4080 -11.19 -29.48 -17.01
N ASN A 4081 -9.87 -29.54 -16.99
CA ASN A 4081 -9.08 -28.32 -16.98
C ASN A 4081 -9.27 -27.56 -18.29
N ARG A 4082 -9.06 -26.26 -18.21
CA ARG A 4082 -9.21 -25.42 -19.40
C ARG A 4082 -7.98 -25.59 -20.29
N LEU A 4083 -8.21 -26.12 -21.48
CA LEU A 4083 -7.13 -26.41 -22.41
C LEU A 4083 -6.78 -25.13 -23.15
N TYR A 4084 -5.50 -24.81 -23.19
CA TYR A 4084 -4.98 -23.82 -24.13
C TYR A 4084 -3.96 -24.47 -25.04
N ILE A 4085 -4.09 -24.17 -26.32
CA ILE A 4085 -3.43 -24.91 -27.39
C ILE A 4085 -2.27 -24.08 -27.92
N VAL A 4086 -1.08 -24.69 -28.00
CA VAL A 4086 0.07 -24.03 -28.58
C VAL A 4086 0.50 -24.74 -29.86
N PHE A 4087 0.48 -23.97 -30.96
CA PHE A 4087 0.97 -24.41 -32.27
C PHE A 4087 2.43 -24.01 -32.41
N GLU A 4088 3.27 -24.98 -32.79
CA GLU A 4088 4.71 -24.82 -32.71
C GLU A 4088 5.18 -23.61 -33.52
N GLY A 4089 5.88 -22.68 -32.86
CA GLY A 4089 6.39 -21.49 -33.49
C GLY A 4089 5.39 -20.41 -33.88
N GLU A 4090 4.09 -20.66 -33.79
CA GLU A 4090 3.15 -19.60 -34.14
C GLU A 4090 3.21 -18.48 -33.11
N GLU A 4091 2.89 -17.27 -33.55
CA GLU A 4091 2.81 -16.11 -32.67
C GLU A 4091 1.72 -16.27 -31.63
N GLY A 4092 1.87 -15.51 -30.53
CA GLY A 4092 0.77 -15.35 -29.60
C GLY A 4092 -0.45 -14.73 -30.25
N GLN A 4093 -1.61 -15.15 -29.77
CA GLN A 4093 -2.91 -14.67 -30.26
C GLN A 4093 -3.90 -14.83 -29.12
N ASP A 4094 -5.11 -14.31 -29.30
CA ASP A 4094 -6.12 -14.48 -28.27
C ASP A 4094 -6.35 -15.98 -28.06
N ALA A 4095 -6.14 -16.42 -26.81
CA ALA A 4095 -6.32 -17.83 -26.50
C ALA A 4095 -7.76 -18.30 -26.69
N GLY A 4096 -8.75 -17.44 -26.44
CA GLY A 4096 -10.13 -17.84 -26.67
C GLY A 4096 -10.47 -18.06 -28.13
N GLY A 4097 -10.10 -17.11 -28.99
CA GLY A 4097 -10.27 -17.31 -30.41
C GLY A 4097 -9.48 -18.48 -30.96
N LEU A 4098 -8.25 -18.67 -30.47
CA LEU A 4098 -7.44 -19.79 -30.91
C LEU A 4098 -7.99 -21.13 -30.44
N LEU A 4099 -8.60 -21.18 -29.25
CA LEU A 4099 -9.29 -22.39 -28.81
C LEU A 4099 -10.54 -22.65 -29.63
N ARG A 4100 -11.32 -21.61 -29.92
CA ARG A 4100 -12.50 -21.79 -30.75
C ARG A 4100 -12.11 -22.31 -32.13
N GLU A 4101 -11.05 -21.75 -32.72
CA GLU A 4101 -10.51 -22.28 -33.97
C GLU A 4101 -10.12 -23.74 -33.80
N TRP A 4102 -9.48 -24.08 -32.69
CA TRP A 4102 -9.05 -25.46 -32.42
C TRP A 4102 -10.23 -26.42 -32.39
N TYR A 4103 -11.28 -26.06 -31.65
CA TYR A 4103 -12.50 -26.86 -31.65
C TYR A 4103 -13.10 -26.99 -33.05
N MET A 4104 -13.09 -25.91 -33.83
CA MET A 4104 -13.63 -25.98 -35.19
C MET A 4104 -12.82 -26.95 -36.07
N ILE A 4105 -11.49 -26.83 -36.06
CA ILE A 4105 -10.67 -27.74 -36.87
C ILE A 4105 -10.87 -29.18 -36.43
N ILE A 4106 -10.94 -29.43 -35.11
CA ILE A 4106 -11.16 -30.80 -34.63
C ILE A 4106 -12.52 -31.31 -35.08
N SER A 4107 -13.57 -30.50 -34.92
CA SER A 4107 -14.91 -30.91 -35.33
C SER A 4107 -14.98 -31.16 -36.83
N ARG A 4108 -14.11 -30.51 -37.61
CA ARG A 4108 -13.93 -30.93 -39.00
C ARG A 4108 -13.26 -32.29 -39.10
N GLU A 4109 -12.10 -32.44 -38.45
CA GLU A 4109 -11.26 -33.60 -38.71
C GLU A 4109 -11.93 -34.88 -38.24
N MET A 4110 -12.80 -34.79 -37.23
CA MET A 4110 -13.70 -35.90 -36.90
C MET A 4110 -14.34 -36.48 -38.15
N PHE A 4111 -14.71 -35.62 -39.10
CA PHE A 4111 -15.41 -36.07 -40.31
C PHE A 4111 -14.50 -36.09 -41.54
N ASN A 4112 -13.19 -36.03 -41.36
CA ASN A 4112 -12.28 -36.40 -42.44
C ASN A 4112 -12.33 -37.92 -42.62
N PRO A 4113 -12.60 -38.43 -43.83
CA PRO A 4113 -12.67 -39.90 -43.99
C PRO A 4113 -11.37 -40.62 -43.66
N MET A 4114 -10.24 -39.93 -43.61
CA MET A 4114 -8.97 -40.61 -43.34
C MET A 4114 -8.91 -41.22 -41.95
N TYR A 4115 -9.69 -40.70 -41.00
CA TYR A 4115 -9.81 -41.29 -39.67
C TYR A 4115 -10.94 -42.30 -39.57
N ALA A 4116 -11.86 -42.30 -40.53
CA ALA A 4116 -12.95 -43.28 -40.58
C ALA A 4116 -13.80 -43.26 -39.30
N LEU A 4117 -13.96 -42.11 -38.66
CA LEU A 4117 -14.78 -42.08 -37.45
C LEU A 4117 -16.27 -41.91 -37.76
N PHE A 4118 -16.63 -41.03 -38.69
CA PHE A 4118 -18.01 -40.71 -38.96
C PHE A 4118 -18.23 -40.64 -40.46
N ARG A 4119 -19.39 -41.09 -40.90
CA ARG A 4119 -19.79 -41.07 -42.30
C ARG A 4119 -21.20 -40.50 -42.45
N THR A 4120 -21.43 -39.85 -43.58
CA THR A 4120 -22.72 -39.22 -43.84
C THR A 4120 -23.79 -40.29 -44.10
N SER A 4121 -24.98 -40.02 -43.59
CA SER A 4121 -26.16 -40.82 -43.90
C SER A 4121 -26.39 -40.86 -45.41
N PRO A 4122 -26.46 -42.05 -46.03
CA PRO A 4122 -26.68 -42.10 -47.49
C PRO A 4122 -27.97 -41.43 -47.91
N GLY A 4123 -28.92 -41.25 -46.99
CA GLY A 4123 -30.16 -40.57 -47.28
C GLY A 4123 -30.00 -39.07 -47.18
N ASP A 4124 -29.59 -38.60 -45.99
CA ASP A 4124 -29.51 -37.16 -45.75
C ASP A 4124 -28.31 -36.56 -46.47
N ARG A 4125 -27.12 -37.14 -46.26
CA ARG A 4125 -25.86 -36.72 -46.88
C ARG A 4125 -25.28 -35.47 -46.22
N VAL A 4126 -25.89 -34.96 -45.16
CA VAL A 4126 -25.31 -33.86 -44.40
C VAL A 4126 -25.09 -34.23 -42.94
N THR A 4127 -25.71 -35.30 -42.45
CA THR A 4127 -25.55 -35.80 -41.10
C THR A 4127 -24.34 -36.71 -41.03
N TYR A 4128 -24.10 -37.30 -39.86
CA TYR A 4128 -22.96 -38.18 -39.66
C TYR A 4128 -23.28 -39.19 -38.57
N THR A 4129 -22.93 -40.45 -38.82
CA THR A 4129 -23.05 -41.52 -37.83
C THR A 4129 -21.77 -42.35 -37.85
N ILE A 4130 -21.64 -43.22 -36.84
CA ILE A 4130 -20.42 -44.01 -36.70
C ILE A 4130 -20.15 -44.75 -37.99
N ASN A 4131 -18.93 -44.63 -38.50
CA ASN A 4131 -18.49 -45.38 -39.67
C ASN A 4131 -18.33 -46.85 -39.33
N PRO A 4132 -19.18 -47.76 -39.84
CA PRO A 4132 -18.99 -49.18 -39.54
C PRO A 4132 -17.74 -49.77 -40.19
N SER A 4133 -16.93 -48.94 -40.84
CA SER A 4133 -15.69 -49.37 -41.49
C SER A 4133 -14.48 -48.72 -40.82
N SER A 4134 -14.58 -48.48 -39.52
CA SER A 4134 -13.50 -47.87 -38.73
C SER A 4134 -12.56 -48.90 -38.15
N HIS A 4135 -12.85 -50.19 -38.31
CA HIS A 4135 -11.93 -51.26 -37.95
C HIS A 4135 -10.68 -51.30 -38.80
N CYS A 4136 -10.66 -50.59 -39.94
CA CYS A 4136 -9.42 -50.44 -40.69
C CYS A 4136 -8.35 -49.66 -39.93
N ASN A 4137 -8.74 -48.87 -38.92
CA ASN A 4137 -7.81 -48.40 -37.91
C ASN A 4137 -7.86 -49.32 -36.71
N PRO A 4138 -6.75 -49.93 -36.28
CA PRO A 4138 -6.84 -50.92 -35.19
C PRO A 4138 -7.13 -50.30 -33.84
N ASN A 4139 -6.99 -48.99 -33.70
CA ASN A 4139 -7.23 -48.28 -32.45
C ASN A 4139 -8.56 -47.55 -32.45
N HIS A 4140 -9.41 -47.81 -33.46
CA HIS A 4140 -10.52 -46.91 -33.76
C HIS A 4140 -11.41 -46.71 -32.53
N LEU A 4141 -11.60 -47.78 -31.76
CA LEU A 4141 -12.40 -47.65 -30.55
C LEU A 4141 -11.81 -46.59 -29.62
N SER A 4142 -10.48 -46.51 -29.56
CA SER A 4142 -9.85 -45.51 -28.71
C SER A 4142 -10.10 -44.10 -29.23
N TYR A 4143 -10.14 -43.93 -30.55
CA TYR A 4143 -10.43 -42.61 -31.10
C TYR A 4143 -11.90 -42.23 -30.90
N PHE A 4144 -12.81 -43.21 -31.01
CA PHE A 4144 -14.21 -42.96 -30.67
C PHE A 4144 -14.38 -42.60 -29.19
N LYS A 4145 -13.59 -43.22 -28.32
CA LYS A 4145 -13.59 -42.80 -26.93
C LYS A 4145 -13.00 -41.40 -26.76
N PHE A 4146 -12.04 -41.05 -27.61
CA PHE A 4146 -11.49 -39.71 -27.58
C PHE A 4146 -12.51 -38.68 -28.03
N VAL A 4147 -13.22 -38.96 -29.12
CA VAL A 4147 -14.23 -38.02 -29.58
C VAL A 4147 -15.40 -37.91 -28.62
N GLY A 4148 -15.79 -39.02 -27.97
CA GLY A 4148 -16.76 -38.90 -26.88
C GLY A 4148 -16.27 -38.03 -25.74
N ARG A 4149 -15.00 -38.18 -25.38
CA ARG A 4149 -14.39 -37.27 -24.42
C ARG A 4149 -14.39 -35.83 -24.91
N ILE A 4150 -14.12 -35.59 -26.18
CA ILE A 4150 -14.05 -34.22 -26.69
C ILE A 4150 -15.44 -33.59 -26.75
N VAL A 4151 -16.46 -34.39 -27.09
CA VAL A 4151 -17.84 -33.91 -27.04
C VAL A 4151 -18.22 -33.54 -25.62
N ALA A 4152 -17.93 -34.43 -24.68
CA ALA A 4152 -18.23 -34.14 -23.28
C ALA A 4152 -17.39 -32.97 -22.75
N LYS A 4153 -16.21 -32.76 -23.32
CA LYS A 4153 -15.38 -31.60 -22.99
C LYS A 4153 -15.99 -30.31 -23.53
N ALA A 4154 -16.52 -30.36 -24.75
CA ALA A 4154 -17.25 -29.22 -25.30
C ALA A 4154 -18.47 -28.89 -24.47
N VAL A 4155 -19.20 -29.92 -24.02
CA VAL A 4155 -20.36 -29.70 -23.16
C VAL A 4155 -19.93 -29.09 -21.83
N TYR A 4156 -18.85 -29.61 -21.25
CA TYR A 4156 -18.38 -29.06 -19.98
C TYR A 4156 -17.93 -27.61 -20.13
N ASP A 4157 -17.23 -27.28 -21.23
CA ASP A 4157 -16.82 -25.91 -21.48
C ASP A 4157 -17.98 -25.03 -21.92
N ASN A 4158 -19.13 -25.60 -22.21
CA ASN A 4158 -20.27 -24.90 -22.82
C ASN A 4158 -19.85 -24.20 -24.11
N ARG A 4159 -19.29 -24.98 -25.04
CA ARG A 4159 -18.90 -24.51 -26.35
C ARG A 4159 -19.48 -25.41 -27.43
N LEU A 4160 -19.93 -24.80 -28.51
CA LEU A 4160 -20.64 -25.46 -29.59
C LEU A 4160 -19.66 -26.10 -30.57
N LEU A 4161 -19.95 -27.36 -30.93
CA LEU A 4161 -19.20 -28.11 -31.92
C LEU A 4161 -20.01 -28.17 -33.20
N GLU A 4162 -19.32 -28.31 -34.34
CA GLU A 4162 -20.02 -28.42 -35.62
C GLU A 4162 -20.40 -29.86 -35.92
N CYS A 4163 -20.68 -30.64 -34.88
CA CYS A 4163 -21.24 -31.97 -35.03
C CYS A 4163 -22.71 -31.90 -35.45
N TYR A 4164 -23.10 -32.79 -36.34
CA TYR A 4164 -24.51 -32.93 -36.72
C TYR A 4164 -24.73 -34.43 -36.81
N PHE A 4165 -24.90 -35.04 -35.64
CA PHE A 4165 -25.11 -36.46 -35.50
C PHE A 4165 -26.57 -36.78 -35.80
N THR A 4166 -26.83 -38.06 -36.07
CA THR A 4166 -28.19 -38.48 -36.33
C THR A 4166 -28.99 -38.46 -35.03
N ARG A 4167 -30.32 -38.47 -35.19
CA ARG A 4167 -31.18 -38.59 -34.02
C ARG A 4167 -30.94 -39.93 -33.34
N SER A 4168 -30.54 -40.94 -34.10
CA SER A 4168 -30.20 -42.23 -33.51
C SER A 4168 -29.03 -42.08 -32.57
N PHE A 4169 -27.95 -41.43 -33.00
CA PHE A 4169 -26.78 -41.32 -32.16
C PHE A 4169 -27.03 -40.41 -30.97
N TYR A 4170 -27.84 -39.36 -31.15
CA TYR A 4170 -28.17 -38.53 -29.99
C TYR A 4170 -29.00 -39.31 -28.98
N LYS A 4171 -29.89 -40.17 -29.49
CA LYS A 4171 -30.68 -41.03 -28.62
C LYS A 4171 -29.79 -42.02 -27.87
N HIS A 4172 -28.80 -42.57 -28.57
CA HIS A 4172 -27.87 -43.48 -27.91
C HIS A 4172 -27.09 -42.78 -26.81
N ILE A 4173 -26.70 -41.52 -27.05
CA ILE A 4173 -26.01 -40.78 -26.00
C ILE A 4173 -26.97 -40.38 -24.88
N LEU A 4174 -28.27 -40.36 -25.15
CA LEU A 4174 -29.28 -40.12 -24.13
C LEU A 4174 -29.88 -41.40 -23.58
N GLY A 4175 -29.52 -42.56 -24.13
CA GLY A 4175 -30.10 -43.83 -23.75
C GLY A 4175 -31.53 -44.08 -24.19
N LYS A 4176 -31.98 -43.44 -25.26
CA LYS A 4176 -33.31 -43.68 -25.82
C LYS A 4176 -33.20 -44.63 -27.00
N SER A 4177 -34.17 -45.54 -27.10
CA SER A 4177 -34.34 -46.35 -28.30
C SER A 4177 -34.54 -45.46 -29.52
N VAL A 4178 -34.09 -45.95 -30.68
CA VAL A 4178 -34.45 -45.33 -31.95
C VAL A 4178 -35.86 -45.75 -32.32
N ARG A 4179 -36.43 -45.08 -33.33
CA ARG A 4179 -37.74 -45.39 -33.86
C ARG A 4179 -37.61 -45.78 -35.33
N TYR A 4180 -38.56 -46.57 -35.81
CA TYR A 4180 -38.48 -47.11 -37.18
C TYR A 4180 -38.44 -46.03 -38.25
N THR A 4181 -39.07 -44.87 -38.00
CA THR A 4181 -39.00 -43.77 -38.96
C THR A 4181 -37.58 -43.23 -39.12
N ASP A 4182 -36.69 -43.53 -38.18
CA ASP A 4182 -35.29 -43.17 -38.32
C ASP A 4182 -34.61 -43.98 -39.43
N MET A 4183 -35.11 -45.18 -39.71
CA MET A 4183 -34.47 -46.02 -40.73
C MET A 4183 -34.64 -45.44 -42.13
N GLU A 4184 -35.65 -44.61 -42.34
CA GLU A 4184 -35.93 -44.09 -43.68
C GLU A 4184 -34.73 -43.33 -44.24
N SER A 4185 -34.03 -42.60 -43.39
CA SER A 4185 -32.85 -41.86 -43.83
C SER A 4185 -31.60 -42.74 -43.92
N GLU A 4186 -31.49 -43.77 -43.08
CA GLU A 4186 -30.25 -44.54 -43.02
C GLU A 4186 -30.20 -45.66 -44.04
N ASP A 4187 -31.34 -46.26 -44.37
CA ASP A 4187 -31.40 -47.40 -45.27
C ASP A 4187 -32.80 -47.48 -45.84
N TYR A 4188 -33.11 -46.61 -46.81
CA TYR A 4188 -34.50 -46.44 -47.24
C TYR A 4188 -35.18 -47.75 -47.59
N HIS A 4189 -34.50 -48.64 -48.34
CA HIS A 4189 -35.15 -49.91 -48.68
C HIS A 4189 -35.34 -50.84 -47.49
N PHE A 4190 -34.57 -50.67 -46.42
CA PHE A 4190 -34.84 -51.47 -45.22
C PHE A 4190 -35.98 -50.86 -44.43
N TYR A 4191 -36.03 -49.53 -44.37
CA TYR A 4191 -37.22 -48.85 -43.85
C TYR A 4191 -38.47 -49.28 -44.60
N GLN A 4192 -38.41 -49.28 -45.94
CA GLN A 4192 -39.52 -49.69 -46.77
C GLN A 4192 -39.93 -51.12 -46.49
N GLY A 4193 -38.94 -52.00 -46.25
CA GLY A 4193 -39.26 -53.36 -45.84
C GLY A 4193 -39.99 -53.46 -44.52
N LEU A 4194 -39.55 -52.69 -43.53
CA LEU A 4194 -40.24 -52.67 -42.26
C LEU A 4194 -41.65 -52.08 -42.41
N VAL A 4195 -41.80 -51.04 -43.24
CA VAL A 4195 -43.13 -50.47 -43.50
C VAL A 4195 -44.01 -51.42 -44.28
N TYR A 4196 -43.43 -52.30 -45.10
CA TYR A 4196 -44.20 -53.36 -45.73
C TYR A 4196 -44.53 -54.46 -44.73
N LEU A 4197 -43.80 -54.51 -43.62
CA LEU A 4197 -44.14 -55.45 -42.56
C LEU A 4197 -45.25 -54.88 -41.67
N LEU A 4198 -45.14 -53.60 -41.34
CA LEU A 4198 -46.23 -52.86 -40.71
C LEU A 4198 -47.42 -52.74 -41.66
N GLU A 4199 -48.62 -52.69 -41.06
CA GLU A 4199 -49.87 -52.47 -41.78
C GLU A 4199 -50.10 -53.45 -42.94
N ASN A 4200 -49.31 -54.52 -43.02
CA ASN A 4200 -49.59 -55.61 -43.94
C ASN A 4200 -49.61 -56.92 -43.18
N ASP A 4201 -50.42 -57.86 -43.68
CA ASP A 4201 -50.44 -59.19 -43.09
C ASP A 4201 -49.13 -59.90 -43.42
N VAL A 4202 -48.60 -60.64 -42.44
CA VAL A 4202 -47.45 -61.51 -42.70
C VAL A 4202 -47.68 -62.39 -43.92
N SER A 4203 -48.93 -62.70 -44.24
CA SER A 4203 -49.26 -63.49 -45.42
C SER A 4203 -48.85 -62.83 -46.73
N THR A 4204 -48.56 -61.53 -46.72
CA THR A 4204 -48.07 -60.88 -47.91
C THR A 4204 -46.62 -61.21 -48.22
N LEU A 4205 -45.86 -61.74 -47.24
CA LEU A 4205 -44.46 -62.02 -47.49
C LEU A 4205 -44.30 -63.25 -48.38
N GLY A 4206 -45.18 -64.23 -48.22
CA GLY A 4206 -45.13 -65.48 -48.97
C GLY A 4206 -44.05 -66.44 -48.56
N TYR A 4207 -43.11 -66.03 -47.71
CA TYR A 4207 -42.22 -66.93 -47.01
C TYR A 4207 -42.07 -66.44 -45.58
N ASP A 4208 -41.61 -67.32 -44.70
CA ASP A 4208 -41.52 -66.96 -43.29
C ASP A 4208 -40.25 -66.18 -43.02
N LEU A 4209 -40.30 -65.37 -41.96
CA LEU A 4209 -39.12 -64.78 -41.35
C LEU A 4209 -39.13 -65.07 -39.87
N THR A 4210 -37.97 -64.90 -39.24
CA THR A 4210 -37.82 -65.05 -37.80
C THR A 4210 -37.00 -63.87 -37.27
N PHE A 4211 -36.79 -63.84 -35.96
CA PHE A 4211 -36.02 -62.78 -35.32
C PHE A 4211 -34.52 -63.04 -35.50
N SER A 4212 -34.09 -63.05 -36.77
CA SER A 4212 -32.67 -63.21 -37.08
C SER A 4212 -32.39 -62.50 -38.40
N THR A 4213 -31.23 -61.86 -38.46
CA THR A 4213 -30.87 -61.04 -39.62
C THR A 4213 -29.38 -61.19 -39.91
N GLU A 4214 -29.01 -61.02 -41.18
CA GLU A 4214 -27.61 -60.97 -41.56
C GLU A 4214 -27.11 -59.55 -41.38
N VAL A 4215 -26.02 -59.40 -40.63
CA VAL A 4215 -25.42 -58.10 -40.32
C VAL A 4215 -23.95 -58.15 -40.72
N GLN A 4216 -23.51 -57.11 -41.42
CA GLN A 4216 -22.08 -56.89 -41.63
C GLN A 4216 -21.53 -55.96 -40.55
N GLU A 4217 -20.62 -56.49 -39.73
CA GLU A 4217 -19.90 -55.72 -38.73
C GLU A 4217 -18.41 -55.95 -38.94
N PHE A 4218 -17.64 -54.87 -39.00
CA PHE A 4218 -16.20 -54.92 -39.18
C PHE A 4218 -15.80 -55.66 -40.46
N GLY A 4219 -16.70 -55.68 -41.45
CA GLY A 4219 -16.47 -56.42 -42.67
C GLY A 4219 -16.75 -57.91 -42.59
N VAL A 4220 -17.06 -58.43 -41.42
CA VAL A 4220 -17.51 -59.81 -41.26
C VAL A 4220 -19.02 -59.82 -41.33
N CYS A 4221 -19.58 -60.73 -42.12
CA CYS A 4221 -21.02 -60.94 -42.17
C CYS A 4221 -21.42 -62.15 -41.34
N GLU A 4222 -22.41 -61.95 -40.45
CA GLU A 4222 -22.88 -63.00 -39.56
C GLU A 4222 -24.39 -62.91 -39.46
N VAL A 4223 -25.05 -64.06 -39.39
CA VAL A 4223 -26.46 -64.11 -39.07
C VAL A 4223 -26.62 -64.11 -37.56
N ARG A 4224 -27.36 -63.13 -37.03
CA ARG A 4224 -27.53 -62.96 -35.60
C ARG A 4224 -29.00 -63.04 -35.23
N ASP A 4225 -29.28 -63.74 -34.13
CA ASP A 4225 -30.62 -63.74 -33.55
C ASP A 4225 -30.94 -62.35 -32.99
N LEU A 4226 -32.20 -61.97 -33.09
CA LEU A 4226 -32.67 -60.75 -32.41
C LEU A 4226 -33.29 -60.99 -31.05
N LYS A 4227 -33.71 -62.21 -30.72
CA LYS A 4227 -34.15 -62.48 -29.37
C LYS A 4227 -33.84 -63.91 -28.89
N VAL A 4235 -41.77 -65.37 -36.47
CA VAL A 4235 -42.46 -64.09 -36.49
C VAL A 4235 -43.96 -64.31 -36.36
N THR A 4236 -44.67 -63.29 -35.86
CA THR A 4236 -46.08 -63.39 -35.56
C THR A 4236 -46.70 -62.01 -35.64
N GLU A 4237 -48.04 -61.99 -35.64
CA GLU A 4237 -48.77 -60.73 -35.55
C GLU A 4237 -48.48 -59.98 -34.25
N GLU A 4238 -48.17 -60.71 -33.17
CA GLU A 4238 -47.77 -60.07 -31.92
C GLU A 4238 -46.30 -59.69 -31.88
N ASN A 4239 -45.42 -60.52 -32.47
CA ASN A 4239 -43.99 -60.26 -32.38
C ASN A 4239 -43.54 -59.08 -33.26
N LYS A 4240 -44.18 -58.85 -34.40
CA LYS A 4240 -43.64 -57.86 -35.34
C LYS A 4240 -43.53 -56.46 -34.73
N LYS A 4241 -44.42 -56.11 -33.79
CA LYS A 4241 -44.33 -54.83 -33.09
C LYS A 4241 -42.96 -54.66 -32.45
N GLU A 4242 -42.39 -55.76 -31.95
CA GLU A 4242 -41.08 -55.76 -31.32
C GLU A 4242 -40.00 -55.94 -32.37
N TYR A 4243 -40.28 -56.73 -33.39
CA TYR A 4243 -39.30 -56.96 -34.44
C TYR A 4243 -38.85 -55.64 -35.05
N VAL A 4244 -39.81 -54.76 -35.38
CA VAL A 4244 -39.42 -53.50 -36.00
C VAL A 4244 -38.64 -52.62 -35.03
N HIS A 4245 -39.00 -52.62 -33.75
CA HIS A 4245 -38.16 -51.93 -32.77
C HIS A 4245 -36.79 -52.59 -32.65
N LEU A 4246 -36.78 -53.89 -32.40
CA LEU A 4246 -35.52 -54.59 -32.14
C LEU A 4246 -34.67 -54.69 -33.40
N VAL A 4247 -35.29 -54.93 -34.56
CA VAL A 4247 -34.51 -55.01 -35.79
C VAL A 4247 -33.83 -53.67 -36.07
N CYS A 4248 -34.52 -52.57 -35.77
CA CYS A 4248 -33.90 -51.25 -35.94
C CYS A 4248 -32.78 -51.03 -34.93
N GLN A 4249 -32.93 -51.58 -33.72
CA GLN A 4249 -31.82 -51.55 -32.77
C GLN A 4249 -30.62 -52.30 -33.32
N MET A 4250 -30.83 -53.53 -33.80
CA MET A 4250 -29.73 -54.32 -34.33
C MET A 4250 -29.08 -53.61 -35.51
N ARG A 4251 -29.87 -53.10 -36.45
CA ARG A 4251 -29.28 -52.50 -37.62
C ARG A 4251 -28.51 -51.23 -37.28
N MET A 4252 -28.96 -50.44 -36.30
CA MET A 4252 -28.20 -49.26 -35.92
C MET A 4252 -26.97 -49.57 -35.09
N THR A 4253 -27.11 -50.38 -34.04
CA THR A 4253 -26.00 -50.57 -33.11
C THR A 4253 -25.08 -51.72 -33.48
N GLY A 4254 -25.60 -52.80 -34.04
CA GLY A 4254 -24.79 -54.00 -34.24
C GLY A 4254 -23.46 -53.70 -34.91
N ALA A 4255 -23.51 -52.92 -35.98
CA ALA A 4255 -22.33 -52.56 -36.76
C ALA A 4255 -21.47 -51.50 -36.10
N ILE A 4256 -21.94 -50.91 -35.00
CA ILE A 4256 -21.23 -49.83 -34.34
C ILE A 4256 -21.14 -50.04 -32.84
N ARG A 4257 -21.58 -51.20 -32.34
CA ARG A 4257 -21.70 -51.41 -30.90
C ARG A 4257 -20.41 -51.15 -30.14
N LYS A 4258 -19.25 -51.47 -30.72
CA LYS A 4258 -17.99 -51.27 -29.99
C LYS A 4258 -17.50 -49.83 -30.05
N GLN A 4259 -17.67 -49.17 -31.19
CA GLN A 4259 -17.46 -47.74 -31.28
C GLN A 4259 -18.37 -47.00 -30.31
N LEU A 4260 -19.63 -47.40 -30.27
CA LEU A 4260 -20.62 -46.80 -29.38
C LEU A 4260 -20.23 -46.98 -27.92
N ALA A 4261 -19.85 -48.19 -27.50
CA ALA A 4261 -19.43 -48.37 -26.12
C ALA A 4261 -18.22 -47.52 -25.78
N ALA A 4262 -17.31 -47.32 -26.75
CA ALA A 4262 -16.17 -46.45 -26.47
C ALA A 4262 -16.58 -44.98 -26.38
N PHE A 4263 -17.44 -44.53 -27.30
CA PHE A 4263 -17.93 -43.16 -27.24
C PHE A 4263 -18.68 -42.88 -25.95
N LEU A 4264 -19.61 -43.77 -25.60
CA LEU A 4264 -20.34 -43.61 -24.34
C LEU A 4264 -19.41 -43.63 -23.14
N GLU A 4265 -18.32 -44.41 -23.17
CA GLU A 4265 -17.38 -44.34 -22.07
C GLU A 4265 -16.68 -42.98 -22.03
N GLY A 4266 -16.37 -42.43 -23.19
CA GLY A 4266 -15.77 -41.10 -23.22
C GLY A 4266 -16.72 -40.02 -22.76
N PHE A 4267 -18.00 -40.13 -23.13
CA PHE A 4267 -18.97 -39.11 -22.77
C PHE A 4267 -19.27 -39.18 -21.28
N TYR A 4268 -19.72 -40.35 -20.81
CA TYR A 4268 -20.06 -40.49 -19.41
C TYR A 4268 -18.84 -40.37 -18.51
N GLU A 4269 -17.63 -40.48 -19.07
CA GLU A 4269 -16.44 -40.20 -18.26
C GLU A 4269 -16.45 -38.76 -17.78
N ILE A 4270 -16.95 -37.85 -18.61
CA ILE A 4270 -16.91 -36.43 -18.32
C ILE A 4270 -18.28 -35.83 -18.02
N ILE A 4271 -19.34 -36.32 -18.67
CA ILE A 4271 -20.71 -35.81 -18.47
C ILE A 4271 -21.60 -36.94 -17.94
N PRO A 4272 -22.05 -36.87 -16.69
CA PRO A 4272 -22.88 -37.96 -16.14
C PRO A 4272 -24.14 -38.24 -16.95
N LYS A 4273 -24.35 -39.53 -17.22
CA LYS A 4273 -25.49 -40.00 -18.00
C LYS A 4273 -26.80 -39.46 -17.46
N ARG A 4274 -27.07 -39.69 -16.16
CA ARG A 4274 -28.29 -39.18 -15.55
C ARG A 4274 -28.48 -37.70 -15.80
N LEU A 4275 -27.38 -36.96 -15.91
CA LEU A 4275 -27.44 -35.51 -16.05
C LEU A 4275 -27.71 -35.10 -17.50
N ILE A 4276 -27.20 -35.84 -18.47
CA ILE A 4276 -27.58 -35.55 -19.84
C ILE A 4276 -28.99 -36.06 -20.17
N SER A 4277 -29.50 -37.06 -19.47
CA SER A 4277 -30.81 -37.63 -19.83
C SER A 4277 -31.98 -36.67 -19.56
N ILE A 4278 -31.73 -35.46 -19.08
CA ILE A 4278 -32.81 -34.48 -18.92
C ILE A 4278 -33.16 -33.82 -20.24
N PHE A 4279 -32.22 -33.79 -21.18
CA PHE A 4279 -32.46 -33.22 -22.50
C PHE A 4279 -33.23 -34.22 -23.35
N THR A 4280 -33.97 -33.70 -24.33
CA THR A 4280 -34.48 -34.56 -25.39
C THR A 4280 -33.42 -34.87 -26.44
N GLU A 4281 -33.77 -35.81 -27.33
CA GLU A 4281 -32.92 -36.13 -28.47
C GLU A 4281 -32.74 -34.93 -29.41
N GLN A 4282 -33.69 -34.01 -29.42
CA GLN A 4282 -33.47 -32.73 -30.09
C GLN A 4282 -32.54 -31.85 -29.28
N GLU A 4283 -32.82 -31.74 -27.98
CA GLU A 4283 -32.13 -30.76 -27.14
C GLU A 4283 -30.67 -31.10 -26.95
N LEU A 4284 -30.29 -32.38 -27.01
CA LEU A 4284 -28.86 -32.68 -26.95
C LEU A 4284 -28.13 -32.15 -28.18
N GLU A 4285 -28.76 -32.26 -29.35
CA GLU A 4285 -28.20 -31.62 -30.55
C GLU A 4285 -28.16 -30.11 -30.40
N LEU A 4286 -29.23 -29.51 -29.86
CA LEU A 4286 -29.26 -28.06 -29.69
C LEU A 4286 -28.27 -27.59 -28.64
N LEU A 4287 -27.88 -28.46 -27.72
CA LEU A 4287 -26.87 -28.16 -26.72
C LEU A 4287 -25.48 -28.27 -27.30
N ILE A 4288 -25.25 -29.26 -28.17
CA ILE A 4288 -23.92 -29.47 -28.73
C ILE A 4288 -23.62 -28.47 -29.82
N SER A 4289 -24.55 -28.29 -30.77
CA SER A 4289 -24.30 -27.48 -31.94
C SER A 4289 -24.99 -26.13 -31.90
N GLY A 4290 -25.88 -25.92 -30.93
CA GLY A 4290 -26.51 -24.64 -30.71
C GLY A 4290 -27.78 -24.46 -31.54
N LEU A 4291 -28.60 -23.53 -31.09
CA LEU A 4291 -29.78 -23.14 -31.85
C LEU A 4291 -29.40 -22.34 -33.10
N PRO A 4292 -29.82 -22.76 -34.28
CA PRO A 4292 -29.55 -21.97 -35.48
C PRO A 4292 -30.51 -20.77 -35.54
N THR A 4293 -30.10 -19.75 -36.27
CA THR A 4293 -31.01 -18.68 -36.63
C THR A 4293 -31.65 -19.03 -37.96
N ILE A 4294 -32.97 -19.19 -37.93
CA ILE A 4294 -33.75 -19.64 -39.08
C ILE A 4294 -34.34 -18.41 -39.76
N ASP A 4295 -33.92 -18.17 -40.99
CA ASP A 4295 -34.55 -17.16 -41.85
C ASP A 4295 -35.86 -17.73 -42.39
N ILE A 4296 -36.94 -17.54 -41.64
CA ILE A 4296 -38.24 -18.04 -42.08
C ILE A 4296 -38.58 -17.47 -43.44
N ASP A 4297 -38.07 -16.29 -43.77
CA ASP A 4297 -38.30 -15.78 -45.11
C ASP A 4297 -37.57 -16.63 -46.15
N ASP A 4298 -36.40 -17.17 -45.82
CA ASP A 4298 -35.69 -18.05 -46.73
C ASP A 4298 -36.41 -19.40 -46.86
N LEU A 4299 -36.90 -19.94 -45.74
CA LEU A 4299 -37.66 -21.19 -45.81
C LEU A 4299 -38.92 -21.00 -46.64
N LYS A 4300 -39.71 -19.97 -46.33
CA LYS A 4300 -40.91 -19.67 -47.10
C LYS A 4300 -40.58 -19.48 -48.58
N SER A 4301 -39.46 -18.81 -48.87
CA SER A 4301 -39.01 -18.67 -50.26
C SER A 4301 -38.58 -19.98 -50.87
N ASN A 4302 -38.28 -21.00 -50.05
CA ASN A 4302 -37.86 -22.30 -50.56
C ASN A 4302 -38.82 -23.39 -50.10
N THR A 4303 -40.11 -23.06 -49.98
CA THR A 4303 -41.15 -24.02 -49.67
C THR A 4303 -41.92 -24.38 -50.93
N GLU A 4304 -42.29 -25.66 -51.04
CA GLU A 4304 -43.18 -26.14 -52.10
C GLU A 4304 -44.47 -26.62 -51.48
N TYR A 4305 -45.59 -26.11 -51.99
CA TYR A 4305 -46.92 -26.51 -51.52
C TYR A 4305 -47.58 -27.37 -52.60
N HIS A 4306 -48.07 -28.55 -52.20
CA HIS A 4306 -48.54 -29.53 -53.17
C HIS A 4306 -50.06 -29.52 -53.29
N LYS A 4307 -50.77 -29.74 -52.17
CA LYS A 4307 -52.21 -29.65 -52.12
C LYS A 4307 -52.73 -28.47 -51.31
N TYR A 4308 -52.02 -28.04 -50.27
CA TYR A 4308 -52.21 -26.70 -49.77
C TYR A 4308 -51.75 -25.69 -50.82
N GLN A 4309 -52.13 -24.43 -50.61
CA GLN A 4309 -51.55 -23.33 -51.36
C GLN A 4309 -50.99 -22.27 -50.41
N SER A 4310 -50.14 -21.40 -50.97
CA SER A 4310 -49.44 -20.42 -50.16
C SER A 4310 -50.40 -19.44 -49.50
N ASN A 4311 -51.63 -19.30 -50.02
CA ASN A 4311 -52.67 -18.49 -49.42
C ASN A 4311 -53.79 -19.30 -48.79
N SER A 4312 -53.58 -20.58 -48.53
CA SER A 4312 -54.57 -21.32 -47.74
C SER A 4312 -54.56 -20.83 -46.29
N ILE A 4313 -55.73 -20.91 -45.66
CA ILE A 4313 -55.86 -20.36 -44.31
C ILE A 4313 -55.08 -21.21 -43.31
N GLN A 4314 -55.10 -22.53 -43.49
CA GLN A 4314 -54.25 -23.40 -42.68
C GLN A 4314 -52.77 -23.12 -42.90
N ILE A 4315 -52.38 -22.65 -44.09
CA ILE A 4315 -50.98 -22.31 -44.32
C ILE A 4315 -50.62 -20.97 -43.68
N GLN A 4316 -51.53 -20.01 -43.73
CA GLN A 4316 -51.28 -18.76 -43.00
C GLN A 4316 -51.20 -19.03 -41.50
N TRP A 4317 -52.04 -19.94 -40.99
CA TRP A 4317 -51.91 -20.41 -39.62
C TRP A 4317 -50.60 -21.13 -39.36
N PHE A 4318 -50.15 -21.97 -40.29
CA PHE A 4318 -48.86 -22.63 -40.16
C PHE A 4318 -47.72 -21.63 -40.04
N TRP A 4319 -47.65 -20.67 -40.95
CA TRP A 4319 -46.58 -19.68 -40.92
C TRP A 4319 -46.69 -18.75 -39.71
N ARG A 4320 -47.91 -18.40 -39.30
CA ARG A 4320 -48.10 -17.64 -38.06
C ARG A 4320 -47.60 -18.42 -36.86
N ALA A 4321 -47.94 -19.70 -36.78
CA ALA A 4321 -47.46 -20.57 -35.71
C ALA A 4321 -45.94 -20.63 -35.70
N LEU A 4322 -45.34 -20.92 -36.85
CA LEU A 4322 -43.88 -21.07 -36.90
C LEU A 4322 -43.15 -19.77 -36.61
N ARG A 4323 -43.73 -18.62 -37.00
CA ARG A 4323 -43.19 -17.34 -36.57
C ARG A 4323 -43.37 -17.11 -35.07
N SER A 4324 -44.47 -17.60 -34.48
CA SER A 4324 -44.72 -17.45 -33.05
C SER A 4324 -43.92 -18.39 -32.18
N PHE A 4325 -43.46 -19.51 -32.72
CA PHE A 4325 -42.63 -20.43 -31.94
C PHE A 4325 -41.29 -19.81 -31.62
N ASP A 4326 -40.82 -20.05 -30.40
CA ASP A 4326 -39.49 -19.61 -30.02
C ASP A 4326 -38.43 -20.39 -30.80
N GLN A 4327 -37.19 -19.96 -30.63
CA GLN A 4327 -36.09 -20.52 -31.41
C GLN A 4327 -35.93 -22.03 -31.19
N ALA A 4328 -36.19 -22.52 -29.97
CA ALA A 4328 -36.04 -23.95 -29.73
C ALA A 4328 -37.15 -24.76 -30.39
N ASP A 4329 -38.40 -24.28 -30.35
CA ASP A 4329 -39.46 -25.01 -31.05
C ASP A 4329 -39.35 -24.88 -32.56
N ARG A 4330 -38.82 -23.75 -33.06
CA ARG A 4330 -38.49 -23.64 -34.48
C ARG A 4330 -37.42 -24.64 -34.90
N ALA A 4331 -36.36 -24.76 -34.09
CA ALA A 4331 -35.31 -25.73 -34.39
C ALA A 4331 -35.85 -27.16 -34.34
N LYS A 4332 -36.66 -27.46 -33.33
CA LYS A 4332 -37.32 -28.77 -33.23
C LYS A 4332 -38.21 -29.05 -34.43
N PHE A 4333 -38.88 -28.02 -34.95
CA PHE A 4333 -39.63 -28.16 -36.20
C PHE A 4333 -38.71 -28.47 -37.37
N LEU A 4334 -37.60 -27.73 -37.49
CA LEU A 4334 -36.66 -27.98 -38.57
C LEU A 4334 -36.13 -29.40 -38.53
N GLN A 4335 -35.81 -29.90 -37.34
CA GLN A 4335 -35.43 -31.30 -37.19
C GLN A 4335 -36.57 -32.24 -37.56
N PHE A 4336 -37.80 -31.88 -37.21
CA PHE A 4336 -38.96 -32.70 -37.54
C PHE A 4336 -39.14 -32.86 -39.04
N VAL A 4337 -38.91 -31.79 -39.81
CA VAL A 4337 -39.25 -31.82 -41.24
C VAL A 4337 -38.04 -32.12 -42.12
N THR A 4338 -36.85 -31.64 -41.73
CA THR A 4338 -35.62 -31.90 -42.45
C THR A 4338 -34.79 -33.03 -41.85
N GLY A 4339 -35.09 -33.44 -40.62
CA GLY A 4339 -34.27 -34.42 -39.94
C GLY A 4339 -33.03 -33.86 -39.28
N THR A 4340 -32.82 -32.54 -39.31
CA THR A 4340 -31.68 -31.93 -38.65
C THR A 4340 -32.03 -30.50 -38.26
N SER A 4341 -31.26 -29.99 -37.30
CA SER A 4341 -31.25 -28.57 -36.96
C SER A 4341 -30.25 -27.77 -37.79
N LYS A 4342 -29.40 -28.44 -38.56
CA LYS A 4342 -28.37 -27.77 -39.34
C LYS A 4342 -28.97 -26.87 -40.42
N VAL A 4343 -28.56 -25.59 -40.42
CA VAL A 4343 -28.94 -24.64 -41.45
C VAL A 4343 -27.93 -24.67 -42.59
N PRO A 4344 -28.38 -24.80 -43.84
CA PRO A 4344 -27.44 -24.80 -44.97
C PRO A 4344 -26.79 -23.43 -45.12
N LEU A 4345 -25.46 -23.42 -45.28
CA LEU A 4345 -24.75 -22.14 -45.33
C LEU A 4345 -25.27 -21.27 -46.46
N GLN A 4346 -25.54 -21.87 -47.62
CA GLN A 4346 -26.01 -21.13 -48.78
C GLN A 4346 -27.48 -20.73 -48.68
N GLY A 4347 -28.17 -21.16 -47.64
CA GLY A 4347 -29.59 -20.95 -47.50
C GLY A 4347 -30.39 -22.17 -47.94
N PHE A 4348 -31.68 -22.14 -47.58
CA PHE A 4348 -32.57 -23.27 -47.80
C PHE A 4348 -32.85 -23.54 -49.27
N ALA A 4349 -32.50 -22.62 -50.17
CA ALA A 4349 -32.49 -22.98 -51.60
C ALA A 4349 -31.60 -24.17 -51.84
N ALA A 4350 -30.51 -24.29 -51.08
CA ALA A 4350 -29.58 -25.40 -51.20
C ALA A 4350 -29.93 -26.55 -50.27
N LEU A 4351 -31.19 -26.62 -49.81
CA LEU A 4351 -31.59 -27.68 -48.90
C LEU A 4351 -31.55 -29.02 -49.61
N GLU A 4352 -30.70 -29.93 -49.12
CA GLU A 4352 -30.56 -31.25 -49.73
C GLU A 4352 -31.60 -32.21 -49.18
N GLY A 4353 -32.00 -33.17 -50.02
CA GLY A 4353 -32.80 -34.29 -49.60
C GLY A 4353 -32.17 -35.57 -50.07
N MET A 4354 -32.92 -36.66 -50.05
CA MET A 4354 -32.38 -37.95 -50.49
C MET A 4354 -32.01 -37.91 -51.97
N ASN A 4355 -32.87 -37.31 -52.80
CA ASN A 4355 -32.63 -37.28 -54.24
C ASN A 4355 -32.20 -35.90 -54.73
N GLY A 4356 -31.05 -35.42 -54.23
CA GLY A 4356 -30.51 -34.13 -54.63
C GLY A 4356 -31.16 -32.97 -53.90
N ILE A 4357 -30.85 -31.76 -54.36
CA ILE A 4357 -31.37 -30.57 -53.69
C ILE A 4357 -32.89 -30.67 -53.70
N GLN A 4358 -33.46 -30.79 -52.50
CA GLN A 4358 -34.91 -30.87 -52.33
C GLN A 4358 -35.37 -29.69 -51.48
N LYS A 4359 -36.30 -28.91 -52.00
CA LYS A 4359 -36.86 -27.82 -51.21
C LYS A 4359 -37.74 -28.38 -50.10
N PHE A 4360 -37.96 -27.57 -49.07
CA PHE A 4360 -38.91 -27.97 -48.06
C PHE A 4360 -40.27 -28.10 -48.73
N GLN A 4361 -41.17 -28.89 -48.14
CA GLN A 4361 -42.42 -29.17 -48.82
C GLN A 4361 -43.51 -29.53 -47.82
N ILE A 4362 -44.69 -28.97 -48.04
CA ILE A 4362 -45.87 -29.17 -47.20
C ILE A 4362 -46.93 -29.90 -48.04
N HIS A 4363 -47.39 -31.04 -47.53
CA HIS A 4363 -48.42 -31.84 -48.17
C HIS A 4363 -49.67 -31.87 -47.31
N ARG A 4364 -50.82 -31.76 -47.95
CA ARG A 4364 -52.09 -31.87 -47.22
C ARG A 4364 -52.32 -33.35 -46.92
N ASP A 4365 -52.50 -33.70 -45.64
CA ASP A 4365 -52.80 -35.08 -45.22
C ASP A 4365 -54.30 -35.29 -45.22
N ASP A 4366 -54.82 -35.98 -46.25
CA ASP A 4366 -56.26 -36.11 -46.42
C ASP A 4366 -56.89 -37.16 -45.52
N ARG A 4367 -56.13 -37.79 -44.62
CA ARG A 4367 -56.71 -38.60 -43.55
C ARG A 4367 -57.42 -37.71 -42.52
N SER A 4368 -58.01 -38.37 -41.52
CA SER A 4368 -58.74 -37.65 -40.48
C SER A 4368 -57.84 -36.66 -39.75
N THR A 4369 -58.45 -35.54 -39.35
CA THR A 4369 -57.74 -34.43 -38.71
C THR A 4369 -57.64 -34.58 -37.20
N ASP A 4370 -57.70 -35.81 -36.67
CA ASP A 4370 -57.39 -36.07 -35.27
C ASP A 4370 -56.07 -36.80 -35.12
N ARG A 4371 -55.20 -36.74 -36.12
CA ARG A 4371 -53.87 -37.33 -36.07
C ARG A 4371 -52.83 -36.28 -36.40
N LEU A 4372 -51.65 -36.42 -35.80
CA LEU A 4372 -50.57 -35.46 -35.97
C LEU A 4372 -50.05 -35.42 -37.41
N PRO A 4373 -49.46 -34.29 -37.83
CA PRO A 4373 -48.60 -34.27 -39.02
C PRO A 4373 -47.49 -35.31 -38.96
N SER A 4374 -46.96 -35.69 -40.12
CA SER A 4374 -45.97 -36.75 -40.23
C SER A 4374 -44.89 -36.35 -41.21
N ALA A 4375 -43.67 -36.81 -40.96
CA ALA A 4375 -42.51 -36.33 -41.70
C ALA A 4375 -41.75 -37.49 -42.32
N HIS A 4376 -41.20 -37.22 -43.50
CA HIS A 4376 -40.39 -38.16 -44.28
C HIS A 4376 -39.11 -37.42 -44.64
N THR A 4377 -38.15 -37.44 -43.72
CA THR A 4377 -37.06 -36.48 -43.75
C THR A 4377 -36.17 -36.67 -44.96
N CYS A 4378 -36.13 -37.89 -45.53
CA CYS A 4378 -35.31 -38.14 -46.70
C CYS A 4378 -35.85 -37.43 -47.94
N PHE A 4379 -37.14 -37.11 -47.95
CA PHE A 4379 -37.74 -36.24 -48.95
C PHE A 4379 -37.96 -34.83 -48.42
N ASN A 4380 -37.55 -34.58 -47.17
CA ASN A 4380 -37.89 -33.33 -46.49
C ASN A 4380 -39.39 -33.06 -46.57
N GLN A 4381 -40.19 -34.10 -46.36
CA GLN A 4381 -41.61 -34.05 -46.70
C GLN A 4381 -42.44 -33.93 -45.43
N LEU A 4382 -43.32 -32.94 -45.39
CA LEU A 4382 -44.33 -32.81 -44.36
C LEU A 4382 -45.72 -33.18 -44.90
N ASP A 4383 -46.38 -34.13 -44.24
CA ASP A 4383 -47.80 -34.38 -44.42
C ASP A 4383 -48.54 -33.69 -43.29
N LEU A 4384 -49.47 -32.80 -43.63
CA LEU A 4384 -50.12 -31.92 -42.67
C LEU A 4384 -51.64 -32.03 -42.81
N PRO A 4385 -52.35 -32.62 -41.84
CA PRO A 4385 -53.81 -32.57 -41.90
C PRO A 4385 -54.36 -31.15 -41.89
N ALA A 4386 -55.55 -31.00 -42.48
CA ALA A 4386 -56.19 -29.70 -42.71
C ALA A 4386 -56.84 -29.14 -41.44
N TYR A 4387 -56.06 -29.00 -40.37
CA TYR A 4387 -56.64 -28.72 -39.07
C TYR A 4387 -57.54 -27.49 -39.12
N GLU A 4388 -58.68 -27.59 -38.44
CA GLU A 4388 -59.76 -26.62 -38.57
C GLU A 4388 -59.44 -25.24 -37.99
N SER A 4389 -58.40 -25.09 -37.17
CA SER A 4389 -58.18 -23.80 -36.52
C SER A 4389 -56.72 -23.59 -36.18
N PHE A 4390 -56.37 -22.32 -36.01
CA PHE A 4390 -55.04 -21.93 -35.57
C PHE A 4390 -54.67 -22.58 -34.24
N GLU A 4391 -55.55 -22.47 -33.25
CA GLU A 4391 -55.22 -23.01 -31.92
C GLU A 4391 -54.97 -24.52 -31.99
N LYS A 4392 -55.86 -25.27 -32.64
CA LYS A 4392 -55.66 -26.72 -32.73
C LYS A 4392 -54.42 -27.07 -33.56
N LEU A 4393 -54.21 -26.39 -34.70
CA LEU A 4393 -53.01 -26.67 -35.48
C LEU A 4393 -51.75 -26.40 -34.66
N ARG A 4394 -51.72 -25.29 -33.94
CA ARG A 4394 -50.58 -24.97 -33.10
C ARG A 4394 -50.39 -26.02 -32.01
N HIS A 4395 -51.49 -26.44 -31.39
CA HIS A 4395 -51.40 -27.44 -30.33
C HIS A 4395 -50.87 -28.76 -30.87
N MET A 4396 -51.38 -29.21 -32.02
CA MET A 4396 -50.95 -30.48 -32.59
C MET A 4396 -49.50 -30.43 -33.06
N LEU A 4397 -49.09 -29.35 -33.72
CA LEU A 4397 -47.69 -29.20 -34.11
C LEU A 4397 -46.75 -29.18 -32.90
N LEU A 4398 -47.10 -28.40 -31.88
CA LEU A 4398 -46.30 -28.35 -30.67
C LEU A 4398 -46.25 -29.69 -29.97
N LEU A 4399 -47.36 -30.44 -30.01
CA LEU A 4399 -47.37 -31.80 -29.46
C LEU A 4399 -46.53 -32.76 -30.29
N ALA A 4400 -46.47 -32.55 -31.60
CA ALA A 4400 -45.62 -33.38 -32.44
C ALA A 4400 -44.14 -33.14 -32.14
N ILE A 4401 -43.73 -31.88 -32.16
CA ILE A 4401 -42.33 -31.55 -31.85
C ILE A 4401 -42.06 -31.74 -30.36
#